data_2G5M
#
_entry.id   2G5M
#
_entity_poly.entity_id   1
_entity_poly.type   'polypeptide(L)'
_entity_poly.pdbx_seq_one_letter_code
;GHMELFPVELEKDSEGLGISIIGMGAGADMGLEKLGIFVKTVTEGGAAHRDGRIQVNDLLVEVDGTSLVGVTQSFAASVL
RNTKGRVRFMIGRERPGEQSEVAQLIQQTLEQE
;
_entity_poly.pdbx_strand_id   B
#
# COMPACT_ATOMS: atom_id res chain seq x y z
N GLY A 1 -11.85 14.14 -2.32
CA GLY A 1 -11.31 12.79 -2.39
C GLY A 1 -10.32 12.59 -1.29
N HIS A 2 -9.84 11.37 -1.10
CA HIS A 2 -8.91 11.09 -0.03
C HIS A 2 -8.30 9.71 -0.26
N MET A 3 -7.24 9.42 0.45
CA MET A 3 -6.68 8.10 0.46
C MET A 3 -7.25 7.39 1.64
N GLU A 4 -7.79 6.22 1.42
CA GLU A 4 -8.37 5.47 2.51
C GLU A 4 -7.29 4.79 3.26
N LEU A 5 -6.88 5.36 4.37
CA LEU A 5 -5.91 4.74 5.25
C LEU A 5 -6.66 3.77 6.13
N PHE A 6 -6.77 2.57 5.68
CA PHE A 6 -7.45 1.56 6.44
C PHE A 6 -6.49 0.49 6.96
N PRO A 7 -6.72 0.00 8.19
CA PRO A 7 -5.90 -1.03 8.79
C PRO A 7 -6.05 -2.38 8.10
N VAL A 8 -4.95 -2.94 7.77
CA VAL A 8 -4.88 -4.20 7.11
C VAL A 8 -4.08 -5.15 7.97
N GLU A 9 -4.66 -6.26 8.34
CA GLU A 9 -3.99 -7.22 9.17
C GLU A 9 -3.97 -8.55 8.45
N LEU A 10 -2.83 -9.00 8.08
CA LEU A 10 -2.75 -10.28 7.47
C LEU A 10 -2.22 -11.30 8.40
N GLU A 11 -2.49 -12.50 8.07
CA GLU A 11 -1.95 -13.61 8.75
C GLU A 11 -1.23 -14.47 7.77
N LYS A 12 0.05 -14.54 7.93
CA LYS A 12 0.88 -15.25 7.01
C LYS A 12 0.82 -16.73 7.28
N ASP A 13 1.13 -17.50 6.27
CA ASP A 13 1.14 -18.94 6.41
C ASP A 13 2.54 -19.33 6.85
N SER A 14 2.80 -20.61 6.89
CA SER A 14 4.14 -21.11 7.17
C SER A 14 5.03 -20.77 5.95
N GLU A 15 4.35 -20.54 4.84
CA GLU A 15 4.95 -20.07 3.61
C GLU A 15 5.40 -18.62 3.82
N GLY A 16 4.51 -17.85 4.37
CA GLY A 16 4.73 -16.46 4.57
C GLY A 16 3.64 -15.68 3.90
N LEU A 17 4.02 -14.69 3.15
CA LEU A 17 3.08 -13.86 2.45
C LEU A 17 2.93 -14.35 1.01
N GLY A 18 2.09 -13.69 0.26
CA GLY A 18 1.86 -14.06 -1.11
C GLY A 18 1.46 -12.85 -1.89
N ILE A 19 2.38 -11.96 -2.01
CA ILE A 19 2.20 -10.69 -2.67
C ILE A 19 3.52 -10.26 -3.22
N SER A 20 3.51 -9.13 -3.79
CA SER A 20 4.68 -8.51 -4.30
C SER A 20 4.44 -7.04 -4.29
N ILE A 21 5.47 -6.27 -4.39
CA ILE A 21 5.38 -4.85 -4.35
C ILE A 21 6.08 -4.27 -5.55
N ILE A 22 5.82 -3.03 -5.83
CA ILE A 22 6.46 -2.36 -6.93
C ILE A 22 6.72 -0.90 -6.58
N GLY A 23 7.88 -0.43 -6.95
CA GLY A 23 8.24 0.93 -6.71
C GLY A 23 7.69 1.85 -7.77
N MET A 24 6.56 2.44 -7.48
CA MET A 24 5.95 3.39 -8.37
C MET A 24 5.97 4.76 -7.73
N GLY A 25 5.53 5.75 -8.44
CA GLY A 25 5.54 7.07 -7.90
C GLY A 25 6.62 7.88 -8.53
N ALA A 26 6.55 9.16 -8.37
CA ALA A 26 7.53 10.05 -8.86
C ALA A 26 7.63 11.19 -7.91
N GLY A 27 8.82 11.62 -7.63
CA GLY A 27 8.99 12.74 -6.78
C GLY A 27 9.89 12.44 -5.63
N ALA A 28 11.12 12.12 -5.95
CA ALA A 28 12.13 11.90 -4.94
C ALA A 28 12.62 13.27 -4.48
N ASP A 29 11.87 13.81 -3.58
CA ASP A 29 12.01 15.19 -3.12
C ASP A 29 13.13 15.38 -2.12
N MET A 30 13.72 14.28 -1.70
CA MET A 30 14.77 14.26 -0.68
C MET A 30 14.25 14.79 0.63
N GLY A 31 13.54 13.96 1.31
CA GLY A 31 12.98 14.34 2.60
C GLY A 31 11.51 14.66 2.51
N LEU A 32 10.80 13.79 1.83
CA LEU A 32 9.35 13.85 1.61
C LEU A 32 9.03 12.65 0.75
N GLU A 33 9.61 12.68 -0.46
CA GLU A 33 9.60 11.59 -1.41
C GLU A 33 8.25 10.92 -1.60
N LYS A 34 7.49 11.49 -2.50
CA LYS A 34 6.18 11.00 -2.82
C LYS A 34 6.23 9.82 -3.77
N LEU A 35 6.57 8.70 -3.21
CA LEU A 35 6.67 7.46 -3.94
C LEU A 35 5.64 6.52 -3.41
N GLY A 36 5.33 5.51 -4.15
CA GLY A 36 4.35 4.60 -3.74
C GLY A 36 4.76 3.20 -3.98
N ILE A 37 5.04 2.48 -2.93
CA ILE A 37 5.35 1.10 -3.07
C ILE A 37 4.04 0.34 -2.98
N PHE A 38 3.38 0.25 -4.10
CA PHE A 38 2.09 -0.37 -4.20
C PHE A 38 2.27 -1.86 -4.34
N VAL A 39 1.21 -2.59 -4.14
CA VAL A 39 1.24 -4.02 -4.32
C VAL A 39 1.29 -4.34 -5.82
N LYS A 40 2.25 -5.13 -6.20
CA LYS A 40 2.47 -5.46 -7.59
C LYS A 40 1.63 -6.64 -7.98
N THR A 41 1.49 -7.55 -7.08
CA THR A 41 0.69 -8.70 -7.31
C THR A 41 0.34 -9.31 -5.97
N VAL A 42 -0.60 -10.18 -5.99
CA VAL A 42 -1.01 -10.89 -4.84
C VAL A 42 -1.28 -12.34 -5.22
N THR A 43 -0.24 -13.12 -5.03
CA THR A 43 -0.16 -14.49 -5.42
C THR A 43 -1.15 -15.38 -4.68
N GLU A 44 -1.92 -16.12 -5.46
CA GLU A 44 -2.96 -17.05 -5.00
C GLU A 44 -2.45 -18.07 -3.98
N GLY A 45 -1.19 -18.44 -4.11
CA GLY A 45 -0.60 -19.40 -3.20
C GLY A 45 -0.53 -18.91 -1.78
N GLY A 46 -0.41 -17.61 -1.60
CA GLY A 46 -0.26 -17.08 -0.29
C GLY A 46 -1.53 -16.62 0.32
N ALA A 47 -1.45 -16.41 1.60
CA ALA A 47 -2.56 -16.04 2.45
C ALA A 47 -3.25 -14.75 2.03
N ALA A 48 -2.49 -13.81 1.50
CA ALA A 48 -3.01 -12.49 1.15
C ALA A 48 -4.14 -12.56 0.13
N HIS A 49 -4.00 -13.46 -0.84
CA HIS A 49 -5.00 -13.62 -1.89
C HIS A 49 -6.23 -14.34 -1.35
N ARG A 50 -6.00 -15.32 -0.49
CA ARG A 50 -7.08 -16.14 0.02
C ARG A 50 -7.86 -15.41 1.10
N ASP A 51 -7.18 -14.52 1.82
CA ASP A 51 -7.82 -13.71 2.82
C ASP A 51 -8.53 -12.53 2.18
N GLY A 52 -7.79 -11.80 1.37
CA GLY A 52 -8.38 -10.65 0.67
C GLY A 52 -8.12 -9.40 1.43
N ARG A 53 -6.93 -9.32 1.96
CA ARG A 53 -6.56 -8.25 2.82
C ARG A 53 -5.68 -7.27 2.06
N ILE A 54 -4.47 -7.70 1.73
CA ILE A 54 -3.60 -6.92 0.91
C ILE A 54 -3.94 -7.22 -0.54
N GLN A 55 -4.55 -6.27 -1.20
CA GLN A 55 -4.99 -6.47 -2.55
C GLN A 55 -4.02 -5.79 -3.51
N VAL A 56 -4.14 -6.08 -4.79
CA VAL A 56 -3.19 -5.61 -5.81
C VAL A 56 -3.31 -4.06 -6.06
N ASN A 57 -4.26 -3.44 -5.44
CA ASN A 57 -4.52 -2.02 -5.68
C ASN A 57 -4.22 -1.24 -4.42
N ASP A 58 -3.66 -1.92 -3.45
CA ASP A 58 -3.38 -1.33 -2.17
C ASP A 58 -1.96 -0.81 -2.08
N LEU A 59 -1.71 0.01 -1.09
CA LEU A 59 -0.43 0.64 -0.88
C LEU A 59 -0.04 0.60 0.57
N LEU A 60 1.19 0.23 0.82
CA LEU A 60 1.73 0.21 2.16
C LEU A 60 2.12 1.64 2.55
N VAL A 61 1.22 2.32 3.25
CA VAL A 61 1.47 3.68 3.72
C VAL A 61 2.35 3.64 4.94
N GLU A 62 2.02 2.76 5.83
CA GLU A 62 2.82 2.51 7.00
C GLU A 62 2.57 1.10 7.48
N VAL A 63 3.57 0.54 8.12
CA VAL A 63 3.47 -0.80 8.68
C VAL A 63 3.08 -0.61 10.16
N ASP A 64 3.06 -1.67 10.95
CA ASP A 64 2.69 -1.60 12.39
C ASP A 64 3.40 -0.47 13.13
N GLY A 65 4.70 -0.40 12.98
CA GLY A 65 5.44 0.62 13.67
C GLY A 65 6.53 1.26 12.85
N THR A 66 6.24 1.56 11.59
CA THR A 66 7.20 2.21 10.69
C THR A 66 6.44 2.83 9.52
N SER A 67 6.50 4.14 9.43
CA SER A 67 5.86 4.85 8.37
C SER A 67 6.65 4.73 7.08
N LEU A 68 5.95 4.45 6.00
CA LEU A 68 6.55 4.35 4.70
C LEU A 68 6.58 5.70 4.06
N VAL A 69 5.39 6.21 3.72
CA VAL A 69 5.19 7.49 3.01
C VAL A 69 5.68 7.42 1.54
N GLY A 70 6.79 6.76 1.32
CA GLY A 70 7.34 6.62 0.02
C GLY A 70 8.81 6.33 0.09
N VAL A 71 9.11 5.07 0.23
CA VAL A 71 10.46 4.59 0.35
C VAL A 71 10.87 3.91 -0.96
N THR A 72 12.01 3.29 -0.95
CA THR A 72 12.44 2.49 -2.05
C THR A 72 11.77 1.11 -1.92
N GLN A 73 11.64 0.39 -3.00
CA GLN A 73 10.95 -0.91 -2.99
C GLN A 73 11.67 -1.89 -2.07
N SER A 74 12.98 -1.79 -2.04
CA SER A 74 13.82 -2.63 -1.21
C SER A 74 13.53 -2.41 0.28
N PHE A 75 13.27 -1.15 0.63
CA PHE A 75 12.96 -0.74 1.99
C PHE A 75 11.66 -1.41 2.41
N ALA A 76 10.65 -1.30 1.57
CA ALA A 76 9.35 -1.85 1.86
C ALA A 76 9.43 -3.38 2.02
N ALA A 77 10.18 -4.01 1.13
CA ALA A 77 10.38 -5.46 1.17
C ALA A 77 11.08 -5.86 2.47
N SER A 78 11.92 -5.00 2.96
CA SER A 78 12.70 -5.26 4.12
C SER A 78 11.89 -4.97 5.40
N VAL A 79 10.93 -4.05 5.35
CA VAL A 79 10.20 -3.66 6.55
C VAL A 79 9.27 -4.78 6.98
N LEU A 80 8.78 -5.49 6.01
CA LEU A 80 7.93 -6.65 6.20
C LEU A 80 8.73 -7.83 6.78
N ARG A 81 10.04 -7.74 6.69
CA ARG A 81 10.89 -8.79 7.22
C ARG A 81 11.38 -8.42 8.61
N ASN A 82 11.40 -7.14 8.90
CA ASN A 82 11.82 -6.63 10.22
C ASN A 82 10.69 -6.70 11.22
N THR A 83 9.48 -6.73 10.71
CA THR A 83 8.32 -6.80 11.52
C THR A 83 7.98 -8.23 11.93
N LYS A 84 7.06 -8.38 12.88
CA LYS A 84 6.61 -9.66 13.37
C LYS A 84 5.81 -10.43 12.32
N GLY A 85 5.26 -11.54 12.74
CA GLY A 85 4.49 -12.40 11.88
C GLY A 85 3.12 -11.83 11.60
N ARG A 86 2.58 -11.10 12.54
CA ARG A 86 1.32 -10.42 12.33
C ARG A 86 1.43 -8.97 12.74
N VAL A 87 1.28 -8.12 11.79
CA VAL A 87 1.34 -6.69 11.97
C VAL A 87 0.21 -6.02 11.19
N ARG A 88 -0.33 -4.97 11.72
CA ARG A 88 -1.34 -4.21 11.03
C ARG A 88 -0.70 -3.11 10.24
N PHE A 89 -1.03 -3.02 9.01
CA PHE A 89 -0.49 -2.00 8.18
C PHE A 89 -1.59 -1.00 7.95
N MET A 90 -1.23 0.17 7.55
CA MET A 90 -2.21 1.11 7.09
C MET A 90 -2.05 1.26 5.63
N ILE A 91 -2.99 0.70 4.94
CA ILE A 91 -3.02 0.76 3.53
C ILE A 91 -3.74 2.01 3.15
N GLY A 92 -3.23 2.72 2.20
CA GLY A 92 -3.88 3.88 1.74
C GLY A 92 -4.04 3.83 0.29
N ARG A 93 -5.21 3.55 -0.13
CA ARG A 93 -5.49 3.46 -1.54
C ARG A 93 -6.24 4.69 -1.95
N GLU A 94 -6.05 5.08 -3.16
CA GLU A 94 -6.81 6.16 -3.69
C GLU A 94 -7.98 5.57 -4.43
N ARG A 95 -8.94 5.16 -3.65
CA ARG A 95 -10.15 4.56 -4.14
C ARG A 95 -11.00 5.54 -5.00
N PRO A 96 -11.44 6.71 -4.45
CA PRO A 96 -12.25 7.64 -5.20
C PRO A 96 -11.45 8.41 -6.26
N GLY A 97 -12.16 8.97 -7.21
CA GLY A 97 -11.54 9.78 -8.23
C GLY A 97 -12.35 9.77 -9.48
N GLU A 98 -12.77 8.60 -9.89
CA GLU A 98 -13.58 8.41 -11.09
C GLU A 98 -15.07 8.76 -10.80
N GLN A 99 -15.29 9.57 -9.80
CA GLN A 99 -16.59 9.94 -9.32
C GLN A 99 -17.35 10.75 -10.36
N SER A 100 -16.73 11.81 -10.79
CA SER A 100 -17.32 12.73 -11.72
C SER A 100 -16.17 13.44 -12.42
N GLU A 101 -16.49 14.29 -13.40
CA GLU A 101 -15.53 15.12 -14.12
C GLU A 101 -14.57 14.27 -14.98
N VAL A 102 -14.94 13.05 -15.25
CA VAL A 102 -14.08 12.19 -16.04
C VAL A 102 -14.41 12.32 -17.52
N ALA A 103 -13.37 12.24 -18.35
CA ALA A 103 -13.44 12.29 -19.81
C ALA A 103 -13.86 13.66 -20.36
N GLN A 104 -15.07 14.04 -20.07
CA GLN A 104 -15.62 15.30 -20.56
C GLN A 104 -15.23 16.44 -19.63
N LEU A 105 -14.93 16.09 -18.38
CA LEU A 105 -14.67 17.03 -17.31
C LEU A 105 -15.89 17.93 -17.06
N ILE A 106 -15.76 18.93 -16.23
CA ILE A 106 -16.85 19.83 -16.02
C ILE A 106 -16.94 20.75 -17.21
N GLN A 107 -15.89 21.54 -17.38
CA GLN A 107 -15.69 22.41 -18.54
C GLN A 107 -16.86 23.37 -18.77
N GLN A 108 -16.77 24.60 -18.26
CA GLN A 108 -17.83 25.58 -18.49
C GLN A 108 -17.70 26.12 -19.90
N THR A 109 -18.14 25.36 -20.85
CA THR A 109 -18.03 25.75 -22.21
C THR A 109 -19.25 26.53 -22.64
N LEU A 110 -20.39 26.24 -22.03
CA LEU A 110 -21.65 26.86 -22.39
C LEU A 110 -21.82 28.22 -21.71
N GLU A 111 -20.75 28.71 -21.16
CA GLU A 111 -20.71 30.01 -20.55
C GLU A 111 -19.43 30.68 -20.99
N GLN A 112 -19.53 31.53 -21.96
CA GLN A 112 -18.38 32.28 -22.42
C GLN A 112 -18.68 33.77 -22.48
N GLU A 113 -19.76 34.16 -21.82
CA GLU A 113 -20.10 35.56 -21.63
C GLU A 113 -19.00 36.23 -20.85
N GLY A 1 -9.29 15.84 -3.56
CA GLY A 1 -8.86 14.45 -3.54
C GLY A 1 -8.83 13.94 -2.14
N HIS A 2 -8.75 12.65 -1.95
CA HIS A 2 -8.71 12.10 -0.61
C HIS A 2 -7.81 10.89 -0.52
N MET A 3 -7.16 10.75 0.58
CA MET A 3 -6.33 9.60 0.84
C MET A 3 -7.04 8.73 1.83
N GLU A 4 -7.34 7.52 1.44
CA GLU A 4 -8.02 6.59 2.31
C GLU A 4 -7.01 5.81 3.09
N LEU A 5 -6.81 6.20 4.32
CA LEU A 5 -5.90 5.51 5.20
C LEU A 5 -6.68 4.54 6.05
N PHE A 6 -6.75 3.33 5.60
CA PHE A 6 -7.42 2.29 6.33
C PHE A 6 -6.46 1.18 6.71
N PRO A 7 -6.61 0.62 7.90
CA PRO A 7 -5.75 -0.44 8.37
C PRO A 7 -6.13 -1.80 7.79
N VAL A 8 -5.14 -2.59 7.51
CA VAL A 8 -5.32 -3.92 7.02
C VAL A 8 -4.44 -4.84 7.84
N GLU A 9 -5.02 -5.88 8.36
CA GLU A 9 -4.32 -6.79 9.20
C GLU A 9 -4.16 -8.12 8.48
N LEU A 10 -2.94 -8.54 8.30
CA LEU A 10 -2.67 -9.79 7.65
C LEU A 10 -2.03 -10.75 8.61
N GLU A 11 -2.03 -11.96 8.19
CA GLU A 11 -1.40 -13.05 8.87
C GLU A 11 -0.31 -13.52 7.95
N LYS A 12 0.89 -13.61 8.42
CA LYS A 12 1.87 -14.24 7.61
C LYS A 12 1.67 -15.72 7.77
N ASP A 13 2.17 -16.44 6.85
CA ASP A 13 2.05 -17.86 6.85
C ASP A 13 3.44 -18.43 7.00
N SER A 14 3.55 -19.73 7.06
CA SER A 14 4.83 -20.38 7.18
C SER A 14 5.64 -20.16 5.90
N GLU A 15 4.96 -19.83 4.80
CA GLU A 15 5.63 -19.53 3.55
C GLU A 15 5.87 -17.99 3.46
N GLY A 16 5.58 -17.30 4.55
CA GLY A 16 5.78 -15.89 4.61
C GLY A 16 4.58 -15.11 4.14
N LEU A 17 4.75 -14.38 3.07
CA LEU A 17 3.69 -13.53 2.54
C LEU A 17 3.06 -14.18 1.32
N GLY A 18 2.19 -13.44 0.68
CA GLY A 18 1.54 -13.91 -0.51
C GLY A 18 1.23 -12.77 -1.42
N ILE A 19 2.24 -12.00 -1.74
CA ILE A 19 2.09 -10.80 -2.54
C ILE A 19 3.37 -10.45 -3.25
N SER A 20 3.31 -9.40 -3.98
CA SER A 20 4.40 -8.83 -4.69
C SER A 20 4.12 -7.35 -4.81
N ILE A 21 5.06 -6.54 -4.49
CA ILE A 21 4.92 -5.10 -4.55
C ILE A 21 5.72 -4.54 -5.70
N ILE A 22 5.43 -3.33 -6.10
CA ILE A 22 6.13 -2.71 -7.21
C ILE A 22 6.48 -1.26 -6.88
N GLY A 23 7.68 -0.88 -7.22
CA GLY A 23 8.14 0.44 -6.98
C GLY A 23 7.71 1.42 -8.03
N MET A 24 6.74 2.23 -7.69
CA MET A 24 6.25 3.28 -8.54
C MET A 24 6.20 4.55 -7.74
N GLY A 25 5.81 5.62 -8.35
CA GLY A 25 5.73 6.87 -7.65
C GLY A 25 6.59 7.91 -8.28
N ALA A 26 6.87 8.94 -7.56
CA ALA A 26 7.75 9.97 -8.00
C ALA A 26 8.66 10.31 -6.86
N GLY A 27 9.93 10.50 -7.15
CA GLY A 27 10.89 10.84 -6.11
C GLY A 27 10.71 12.26 -5.67
N ALA A 28 9.78 12.46 -4.76
CA ALA A 28 9.46 13.78 -4.23
C ALA A 28 10.60 14.34 -3.36
N ASP A 29 11.61 14.86 -4.02
CA ASP A 29 12.84 15.37 -3.39
C ASP A 29 12.58 16.74 -2.75
N MET A 30 11.36 17.15 -2.83
CA MET A 30 10.83 18.37 -2.22
C MET A 30 10.70 18.24 -0.68
N GLY A 31 11.42 17.28 -0.10
CA GLY A 31 11.41 17.10 1.33
C GLY A 31 10.45 16.04 1.77
N LEU A 32 10.02 15.19 0.86
CA LEU A 32 9.04 14.16 1.22
C LEU A 32 9.56 12.78 0.94
N GLU A 33 10.00 12.56 -0.28
CA GLU A 33 10.41 11.28 -0.82
C GLU A 33 9.30 10.27 -0.77
N LYS A 34 8.09 10.78 -0.77
CA LYS A 34 6.95 9.93 -0.75
C LYS A 34 6.82 9.27 -2.10
N LEU A 35 6.78 7.99 -2.07
CA LEU A 35 6.79 7.20 -3.27
C LEU A 35 5.54 6.33 -3.21
N GLY A 36 5.39 5.41 -4.11
CA GLY A 36 4.25 4.57 -4.07
C GLY A 36 4.61 3.14 -4.35
N ILE A 37 4.96 2.40 -3.32
CA ILE A 37 5.23 1.01 -3.51
C ILE A 37 3.91 0.25 -3.44
N PHE A 38 3.21 0.28 -4.55
CA PHE A 38 1.90 -0.32 -4.65
C PHE A 38 2.04 -1.81 -4.78
N VAL A 39 0.95 -2.52 -4.68
CA VAL A 39 0.98 -3.94 -4.85
C VAL A 39 1.00 -4.25 -6.34
N LYS A 40 1.84 -5.17 -6.76
CA LYS A 40 1.96 -5.51 -8.16
C LYS A 40 1.12 -6.68 -8.47
N THR A 41 1.15 -7.64 -7.57
CA THR A 41 0.52 -8.84 -7.74
C THR A 41 0.23 -9.41 -6.35
N VAL A 42 -0.84 -10.13 -6.21
CA VAL A 42 -1.15 -10.77 -4.97
C VAL A 42 -1.10 -12.26 -5.24
N THR A 43 -0.06 -12.89 -4.78
CA THR A 43 0.20 -14.27 -5.05
C THR A 43 -0.87 -15.18 -4.43
N GLU A 44 -1.49 -15.97 -5.29
CA GLU A 44 -2.61 -16.84 -4.93
C GLU A 44 -2.15 -17.93 -4.00
N GLY A 45 -0.89 -18.27 -4.13
CA GLY A 45 -0.32 -19.30 -3.32
C GLY A 45 0.06 -18.85 -1.93
N GLY A 46 -0.17 -17.59 -1.65
CA GLY A 46 0.18 -17.08 -0.37
C GLY A 46 -1.00 -16.61 0.40
N ALA A 47 -0.74 -16.33 1.65
CA ALA A 47 -1.75 -15.96 2.64
C ALA A 47 -2.53 -14.70 2.28
N ALA A 48 -1.88 -13.72 1.68
CA ALA A 48 -2.53 -12.44 1.43
C ALA A 48 -3.72 -12.55 0.49
N HIS A 49 -3.59 -13.39 -0.53
CA HIS A 49 -4.66 -13.57 -1.51
C HIS A 49 -5.79 -14.37 -0.89
N ARG A 50 -5.40 -15.35 -0.12
CA ARG A 50 -6.34 -16.28 0.47
C ARG A 50 -7.06 -15.67 1.66
N ASP A 51 -6.44 -14.70 2.30
CA ASP A 51 -7.05 -13.98 3.39
C ASP A 51 -8.03 -12.97 2.81
N GLY A 52 -7.57 -12.26 1.78
CA GLY A 52 -8.44 -11.37 1.02
C GLY A 52 -8.36 -9.95 1.47
N ARG A 53 -7.33 -9.66 2.21
CA ARG A 53 -7.15 -8.34 2.77
C ARG A 53 -6.33 -7.42 1.89
N ILE A 54 -5.08 -7.74 1.64
CA ILE A 54 -4.28 -6.92 0.74
C ILE A 54 -4.78 -7.06 -0.72
N GLN A 55 -4.94 -5.94 -1.40
CA GLN A 55 -5.42 -5.93 -2.78
C GLN A 55 -4.33 -5.44 -3.71
N VAL A 56 -4.40 -5.88 -4.96
CA VAL A 56 -3.39 -5.57 -5.97
C VAL A 56 -3.46 -4.10 -6.45
N ASN A 57 -4.48 -3.40 -6.03
CA ASN A 57 -4.68 -2.06 -6.49
C ASN A 57 -4.53 -1.05 -5.37
N ASP A 58 -4.04 -1.50 -4.23
CA ASP A 58 -3.85 -0.62 -3.10
C ASP A 58 -2.38 -0.42 -2.77
N LEU A 59 -2.13 0.40 -1.78
CA LEU A 59 -0.78 0.76 -1.38
C LEU A 59 -0.58 0.52 0.10
N LEU A 60 0.46 -0.18 0.42
CA LEU A 60 0.81 -0.39 1.78
C LEU A 60 1.73 0.75 2.14
N VAL A 61 1.26 1.67 2.93
CA VAL A 61 2.11 2.77 3.33
C VAL A 61 3.00 2.30 4.41
N GLU A 62 2.45 2.15 5.55
CA GLU A 62 3.22 1.83 6.71
C GLU A 62 2.81 0.51 7.29
N VAL A 63 3.63 -0.01 8.15
CA VAL A 63 3.42 -1.31 8.70
C VAL A 63 3.12 -1.17 10.21
N ASP A 64 3.01 -2.29 10.92
CA ASP A 64 2.69 -2.38 12.37
C ASP A 64 3.41 -1.33 13.22
N GLY A 65 4.72 -1.38 13.25
CA GLY A 65 5.44 -0.44 14.08
C GLY A 65 6.62 0.18 13.38
N THR A 66 6.45 0.51 12.13
CA THR A 66 7.49 1.15 11.37
C THR A 66 6.86 2.04 10.31
N SER A 67 7.27 3.27 10.31
CA SER A 67 6.74 4.27 9.44
C SER A 67 7.43 4.25 8.07
N LEU A 68 6.64 4.29 7.02
CA LEU A 68 7.12 4.37 5.68
C LEU A 68 6.62 5.65 5.06
N VAL A 69 7.44 6.28 4.28
CA VAL A 69 7.04 7.48 3.56
C VAL A 69 7.25 7.24 2.07
N GLY A 70 8.38 6.64 1.74
CA GLY A 70 8.69 6.38 0.40
C GLY A 70 10.05 5.79 0.26
N VAL A 71 10.11 4.53 0.51
CA VAL A 71 11.33 3.76 0.46
C VAL A 71 11.39 3.00 -0.85
N THR A 72 12.41 2.21 -1.04
CA THR A 72 12.52 1.40 -2.22
C THR A 72 11.57 0.19 -2.11
N GLN A 73 11.31 -0.43 -3.23
CA GLN A 73 10.49 -1.63 -3.30
C GLN A 73 11.15 -2.76 -2.48
N SER A 74 12.45 -2.73 -2.45
CA SER A 74 13.22 -3.71 -1.72
C SER A 74 13.11 -3.46 -0.20
N PHE A 75 13.18 -2.18 0.18
CA PHE A 75 13.09 -1.78 1.57
C PHE A 75 11.73 -2.16 2.14
N ALA A 76 10.68 -1.84 1.39
CA ALA A 76 9.31 -2.15 1.80
C ALA A 76 9.11 -3.67 1.93
N ALA A 77 9.69 -4.43 1.00
CA ALA A 77 9.59 -5.90 1.04
C ALA A 77 10.32 -6.46 2.26
N SER A 78 11.33 -5.76 2.70
CA SER A 78 12.14 -6.20 3.81
C SER A 78 11.53 -5.80 5.14
N VAL A 79 10.60 -4.84 5.15
CA VAL A 79 10.01 -4.42 6.42
C VAL A 79 9.09 -5.52 6.90
N LEU A 80 8.56 -6.25 5.93
CA LEU A 80 7.69 -7.41 6.14
C LEU A 80 8.49 -8.60 6.68
N ARG A 81 9.79 -8.46 6.73
CA ARG A 81 10.66 -9.48 7.25
C ARG A 81 11.13 -9.09 8.65
N ASN A 82 10.92 -7.82 8.99
CA ASN A 82 11.24 -7.27 10.30
C ASN A 82 10.07 -7.47 11.25
N THR A 83 8.89 -7.51 10.69
CA THR A 83 7.65 -7.55 11.41
C THR A 83 7.37 -8.85 12.16
N LYS A 84 6.33 -8.81 13.00
CA LYS A 84 5.81 -9.98 13.69
C LYS A 84 5.05 -10.88 12.73
N GLY A 85 4.23 -11.76 13.28
CA GLY A 85 3.43 -12.64 12.48
C GLY A 85 2.18 -11.96 11.94
N ARG A 86 1.61 -11.13 12.77
CA ARG A 86 0.41 -10.38 12.43
C ARG A 86 0.71 -8.91 12.56
N VAL A 87 0.49 -8.17 11.49
CA VAL A 87 0.78 -6.75 11.47
C VAL A 87 -0.29 -5.97 10.75
N ARG A 88 -0.58 -4.79 11.25
CA ARG A 88 -1.54 -3.90 10.63
C ARG A 88 -0.85 -2.86 9.83
N PHE A 89 -1.09 -2.89 8.57
CA PHE A 89 -0.53 -1.94 7.67
C PHE A 89 -1.53 -0.82 7.52
N MET A 90 -1.07 0.34 7.24
CA MET A 90 -1.97 1.40 6.91
C MET A 90 -1.96 1.58 5.43
N ILE A 91 -3.03 1.15 4.83
CA ILE A 91 -3.20 1.24 3.43
C ILE A 91 -3.72 2.59 3.12
N GLY A 92 -2.99 3.29 2.34
CA GLY A 92 -3.38 4.58 1.97
C GLY A 92 -3.58 4.62 0.54
N ARG A 93 -4.80 4.74 0.18
CA ARG A 93 -5.18 4.86 -1.19
C ARG A 93 -4.73 6.19 -1.71
N GLU A 94 -3.57 6.20 -2.31
CA GLU A 94 -3.10 7.35 -2.96
C GLU A 94 -3.74 7.41 -4.32
N ARG A 95 -4.96 7.81 -4.29
CA ARG A 95 -5.73 8.01 -5.44
C ARG A 95 -5.35 9.34 -6.09
N PRO A 96 -5.47 10.50 -5.36
CA PRO A 96 -5.09 11.76 -5.91
C PRO A 96 -3.60 11.92 -6.02
N GLY A 97 -3.21 12.07 -7.22
CA GLY A 97 -1.83 12.23 -7.57
C GLY A 97 -1.73 13.07 -8.79
N GLU A 98 -2.69 12.85 -9.67
CA GLU A 98 -2.83 13.60 -10.91
C GLU A 98 -3.53 14.94 -10.65
N GLN A 99 -3.45 15.39 -9.43
CA GLN A 99 -4.02 16.62 -9.02
C GLN A 99 -3.07 17.73 -9.31
N SER A 100 -3.47 18.58 -10.19
CA SER A 100 -2.74 19.73 -10.55
C SER A 100 -3.57 20.92 -10.12
N GLU A 101 -3.00 22.13 -10.18
CA GLU A 101 -3.73 23.37 -9.85
C GLU A 101 -4.09 23.39 -8.34
N VAL A 102 -3.22 22.75 -7.56
CA VAL A 102 -3.40 22.61 -6.12
C VAL A 102 -2.57 23.66 -5.37
N ALA A 103 -2.75 23.74 -4.06
CA ALA A 103 -2.04 24.76 -3.29
C ALA A 103 -1.11 24.20 -2.22
N GLN A 104 -1.61 24.02 -1.01
CA GLN A 104 -0.74 23.61 0.12
C GLN A 104 -0.48 22.11 0.17
N LEU A 105 -0.56 21.45 -0.97
CA LEU A 105 -0.22 20.04 -1.05
C LEU A 105 1.29 19.94 -1.22
N ILE A 106 1.90 21.09 -1.33
CA ILE A 106 3.32 21.24 -1.39
C ILE A 106 3.86 21.14 0.04
N GLN A 107 3.49 22.11 0.84
CA GLN A 107 3.84 22.14 2.24
C GLN A 107 2.55 22.13 3.06
N GLN A 108 2.33 21.08 3.83
CA GLN A 108 1.17 21.04 4.67
C GLN A 108 1.51 21.62 6.02
N THR A 109 1.33 22.89 6.11
CA THR A 109 1.64 23.59 7.31
C THR A 109 0.37 23.95 8.01
N LEU A 110 0.46 24.04 9.29
CA LEU A 110 -0.67 24.36 10.09
C LEU A 110 -0.67 25.85 10.37
N GLU A 111 0.39 26.51 9.94
CA GLU A 111 0.52 27.93 10.10
C GLU A 111 1.04 28.56 8.82
N GLN A 112 0.14 28.74 7.88
CA GLN A 112 0.45 29.44 6.67
C GLN A 112 -0.09 30.84 6.83
N GLU A 113 0.78 31.72 7.17
CA GLU A 113 0.43 33.06 7.50
C GLU A 113 1.49 33.97 6.97
N GLY A 1 -10.18 10.08 5.70
CA GLY A 1 -10.00 11.42 5.13
C GLY A 1 -10.62 11.49 3.77
N HIS A 2 -9.83 11.81 2.76
CA HIS A 2 -10.30 11.73 1.39
C HIS A 2 -10.12 10.30 0.95
N MET A 3 -8.98 9.76 1.27
CA MET A 3 -8.73 8.37 1.05
C MET A 3 -9.02 7.66 2.34
N GLU A 4 -9.45 6.44 2.24
CA GLU A 4 -9.80 5.68 3.40
C GLU A 4 -8.55 5.05 3.93
N LEU A 5 -8.04 5.57 5.02
CA LEU A 5 -6.94 4.97 5.70
C LEU A 5 -7.47 3.82 6.53
N PHE A 6 -7.62 2.70 5.91
CA PHE A 6 -8.12 1.54 6.59
C PHE A 6 -7.02 0.57 6.92
N PRO A 7 -7.10 -0.08 8.07
CA PRO A 7 -6.13 -1.06 8.46
C PRO A 7 -6.36 -2.40 7.78
N VAL A 8 -5.31 -2.95 7.30
CA VAL A 8 -5.31 -4.25 6.72
C VAL A 8 -4.45 -5.14 7.59
N GLU A 9 -4.95 -6.25 8.01
CA GLU A 9 -4.24 -7.11 8.91
C GLU A 9 -4.01 -8.46 8.28
N LEU A 10 -2.77 -8.80 8.05
CA LEU A 10 -2.46 -10.04 7.41
C LEU A 10 -1.99 -11.06 8.42
N GLU A 11 -2.20 -12.26 8.06
CA GLU A 11 -1.76 -13.41 8.79
C GLU A 11 -0.50 -13.90 8.07
N LYS A 12 0.63 -13.61 8.66
CA LYS A 12 1.94 -13.84 8.07
C LYS A 12 2.46 -15.26 8.19
N ASP A 13 3.35 -15.58 7.28
CA ASP A 13 4.12 -16.83 7.31
C ASP A 13 5.57 -16.45 7.18
N SER A 14 6.45 -17.43 7.20
CA SER A 14 7.88 -17.19 7.04
C SER A 14 8.19 -16.89 5.56
N GLU A 15 7.27 -17.28 4.70
CA GLU A 15 7.35 -17.02 3.27
C GLU A 15 6.00 -16.39 2.89
N GLY A 16 5.45 -15.67 3.88
CA GLY A 16 4.09 -15.18 3.84
C GLY A 16 3.81 -14.07 2.89
N LEU A 17 4.81 -13.56 2.22
CA LEU A 17 4.57 -12.53 1.27
C LEU A 17 3.96 -13.10 -0.02
N GLY A 18 2.66 -13.21 -0.01
CA GLY A 18 1.95 -13.71 -1.17
C GLY A 18 1.44 -12.58 -1.97
N ILE A 19 2.33 -11.72 -2.36
CA ILE A 19 2.05 -10.50 -3.09
C ILE A 19 3.31 -10.04 -3.71
N SER A 20 3.22 -8.94 -4.34
CA SER A 20 4.33 -8.24 -4.88
C SER A 20 3.95 -6.80 -4.83
N ILE A 21 4.89 -5.96 -4.61
CA ILE A 21 4.63 -4.54 -4.54
C ILE A 21 5.35 -3.84 -5.66
N ILE A 22 4.85 -2.71 -6.08
CA ILE A 22 5.41 -1.99 -7.20
C ILE A 22 5.72 -0.54 -6.81
N GLY A 23 6.87 -0.07 -7.24
CA GLY A 23 7.28 1.27 -6.93
C GLY A 23 6.79 2.26 -7.96
N MET A 24 5.70 2.90 -7.66
CA MET A 24 5.14 3.90 -8.54
C MET A 24 5.47 5.26 -8.00
N GLY A 25 6.19 6.03 -8.77
CA GLY A 25 6.51 7.35 -8.35
C GLY A 25 7.86 7.80 -8.79
N ALA A 26 8.17 9.02 -8.46
CA ALA A 26 9.44 9.66 -8.72
C ALA A 26 9.57 10.83 -7.76
N GLY A 27 10.76 11.24 -7.44
CA GLY A 27 10.93 12.36 -6.57
C GLY A 27 12.33 12.46 -6.01
N ALA A 28 12.48 13.21 -4.95
CA ALA A 28 13.76 13.41 -4.34
C ALA A 28 14.08 12.30 -3.35
N ASP A 29 14.86 11.33 -3.80
CA ASP A 29 15.25 10.15 -3.04
C ASP A 29 16.31 10.47 -1.98
N MET A 30 16.04 11.47 -1.21
CA MET A 30 16.94 11.93 -0.19
C MET A 30 16.18 12.04 1.14
N GLY A 31 15.13 11.25 1.26
CA GLY A 31 14.33 11.28 2.47
C GLY A 31 12.99 11.94 2.24
N LEU A 32 12.62 12.06 0.97
CA LEU A 32 11.37 12.68 0.56
C LEU A 32 10.86 12.09 -0.72
N GLU A 33 11.23 10.86 -0.97
CA GLU A 33 10.76 10.15 -2.11
C GLU A 33 9.38 9.63 -1.81
N LYS A 34 8.45 10.55 -1.77
CA LYS A 34 7.06 10.25 -1.56
C LYS A 34 6.53 9.43 -2.75
N LEU A 35 6.72 8.15 -2.63
CA LEU A 35 6.40 7.19 -3.64
C LEU A 35 5.20 6.40 -3.23
N GLY A 36 4.55 5.83 -4.18
CA GLY A 36 3.45 5.00 -3.90
C GLY A 36 3.82 3.58 -4.15
N ILE A 37 4.16 2.87 -3.11
CA ILE A 37 4.46 1.48 -3.25
C ILE A 37 3.16 0.70 -3.15
N PHE A 38 2.51 0.56 -4.28
CA PHE A 38 1.23 -0.09 -4.38
C PHE A 38 1.45 -1.58 -4.51
N VAL A 39 0.41 -2.35 -4.35
CA VAL A 39 0.49 -3.78 -4.56
C VAL A 39 0.45 -4.05 -6.07
N LYS A 40 1.31 -4.94 -6.51
CA LYS A 40 1.41 -5.27 -7.91
C LYS A 40 0.57 -6.50 -8.21
N THR A 41 0.64 -7.48 -7.32
CA THR A 41 -0.10 -8.70 -7.49
C THR A 41 -0.27 -9.34 -6.12
N VAL A 42 -1.11 -10.34 -6.06
CA VAL A 42 -1.36 -11.08 -4.86
C VAL A 42 -1.24 -12.56 -5.21
N THR A 43 -0.09 -13.10 -4.95
CA THR A 43 0.26 -14.48 -5.25
C THR A 43 -0.45 -15.47 -4.32
N GLU A 44 -1.17 -16.41 -4.92
CA GLU A 44 -1.95 -17.42 -4.22
C GLU A 44 -1.12 -18.40 -3.43
N GLY A 45 0.13 -18.53 -3.80
CA GLY A 45 1.04 -19.37 -3.06
C GLY A 45 1.31 -18.84 -1.67
N GLY A 46 1.14 -17.55 -1.49
CA GLY A 46 1.41 -16.96 -0.22
C GLY A 46 0.16 -16.64 0.56
N ALA A 47 0.38 -16.23 1.77
CA ALA A 47 -0.66 -15.94 2.75
C ALA A 47 -1.66 -14.87 2.32
N ALA A 48 -1.16 -13.80 1.69
CA ALA A 48 -1.98 -12.63 1.35
C ALA A 48 -3.19 -12.96 0.49
N HIS A 49 -3.04 -13.87 -0.45
CA HIS A 49 -4.14 -14.23 -1.33
C HIS A 49 -5.15 -15.07 -0.58
N ARG A 50 -4.66 -15.90 0.31
CA ARG A 50 -5.49 -16.81 1.09
C ARG A 50 -6.32 -15.97 2.05
N ASP A 51 -5.64 -15.06 2.71
CA ASP A 51 -6.22 -14.11 3.61
C ASP A 51 -7.24 -13.23 2.88
N GLY A 52 -6.75 -12.50 1.91
CA GLY A 52 -7.62 -11.71 1.09
C GLY A 52 -7.84 -10.29 1.57
N ARG A 53 -7.14 -9.87 2.61
CA ARG A 53 -7.32 -8.52 3.07
C ARG A 53 -6.49 -7.55 2.27
N ILE A 54 -5.31 -7.99 1.83
CA ILE A 54 -4.49 -7.17 0.95
C ILE A 54 -4.97 -7.36 -0.49
N GLN A 55 -5.44 -6.30 -1.09
CA GLN A 55 -5.92 -6.33 -2.46
C GLN A 55 -4.79 -5.98 -3.41
N VAL A 56 -4.99 -6.29 -4.67
CA VAL A 56 -4.04 -5.99 -5.74
C VAL A 56 -4.08 -4.48 -6.09
N ASN A 57 -4.94 -3.79 -5.43
CA ASN A 57 -5.18 -2.40 -5.69
C ASN A 57 -4.76 -1.56 -4.48
N ASP A 58 -4.27 -2.21 -3.46
CA ASP A 58 -3.95 -1.53 -2.21
C ASP A 58 -2.59 -0.84 -2.25
N LEU A 59 -2.30 -0.10 -1.19
CA LEU A 59 -1.10 0.70 -1.09
C LEU A 59 -0.54 0.64 0.32
N LEU A 60 0.73 0.39 0.44
CA LEU A 60 1.38 0.34 1.74
C LEU A 60 1.71 1.77 2.19
N VAL A 61 0.84 2.33 2.98
CA VAL A 61 1.03 3.64 3.56
C VAL A 61 1.80 3.54 4.86
N GLU A 62 1.47 2.57 5.62
CA GLU A 62 2.11 2.34 6.88
C GLU A 62 1.98 0.88 7.26
N VAL A 63 2.94 0.36 7.97
CA VAL A 63 2.90 -1.00 8.47
C VAL A 63 2.55 -0.86 9.97
N ASP A 64 2.66 -1.92 10.75
CA ASP A 64 2.36 -1.85 12.20
C ASP A 64 3.07 -0.67 12.88
N GLY A 65 4.37 -0.61 12.72
CA GLY A 65 5.11 0.45 13.38
C GLY A 65 5.60 1.54 12.43
N THR A 66 6.28 1.15 11.41
CA THR A 66 6.90 2.06 10.48
C THR A 66 5.87 2.77 9.56
N SER A 67 5.84 4.08 9.62
CA SER A 67 5.01 4.87 8.76
C SER A 67 5.77 5.12 7.47
N LEU A 68 5.19 4.71 6.37
CA LEU A 68 5.82 4.88 5.11
C LEU A 68 5.55 6.27 4.58
N VAL A 69 6.51 7.14 4.74
CA VAL A 69 6.40 8.52 4.28
C VAL A 69 6.92 8.60 2.84
N GLY A 70 7.10 7.45 2.25
CA GLY A 70 7.67 7.35 0.98
C GLY A 70 9.01 6.71 1.08
N VAL A 71 9.00 5.43 0.97
CA VAL A 71 10.19 4.66 1.04
C VAL A 71 10.38 3.97 -0.28
N THR A 72 11.48 3.31 -0.43
CA THR A 72 11.73 2.58 -1.62
C THR A 72 10.94 1.28 -1.63
N GLN A 73 10.75 0.71 -2.79
CA GLN A 73 10.04 -0.54 -2.99
C GLN A 73 10.72 -1.66 -2.19
N SER A 74 12.04 -1.56 -2.12
CA SER A 74 12.83 -2.53 -1.40
C SER A 74 12.63 -2.38 0.11
N PHE A 75 12.53 -1.13 0.56
CA PHE A 75 12.32 -0.83 1.97
C PHE A 75 10.98 -1.41 2.40
N ALA A 76 9.95 -1.13 1.60
CA ALA A 76 8.61 -1.62 1.85
C ALA A 76 8.58 -3.16 1.92
N ALA A 77 9.26 -3.82 0.98
CA ALA A 77 9.32 -5.28 0.97
C ALA A 77 10.03 -5.80 2.22
N SER A 78 11.04 -5.10 2.63
CA SER A 78 11.83 -5.48 3.76
C SER A 78 11.09 -5.27 5.08
N VAL A 79 10.15 -4.32 5.13
CA VAL A 79 9.47 -4.06 6.38
C VAL A 79 8.44 -5.14 6.62
N LEU A 80 7.92 -5.65 5.53
CA LEU A 80 6.98 -6.76 5.54
C LEU A 80 7.66 -8.03 6.03
N ARG A 81 8.91 -8.19 5.66
CA ARG A 81 9.70 -9.34 6.08
C ARG A 81 10.19 -9.20 7.52
N ASN A 82 10.46 -7.96 7.90
CA ASN A 82 10.94 -7.64 9.23
C ASN A 82 9.85 -7.80 10.29
N THR A 83 8.64 -7.44 9.92
CA THR A 83 7.52 -7.48 10.83
C THR A 83 7.12 -8.91 11.26
N LYS A 84 6.41 -8.97 12.38
CA LYS A 84 6.00 -10.20 13.06
C LYS A 84 4.98 -11.05 12.28
N GLY A 85 4.38 -12.02 13.00
CA GLY A 85 3.42 -12.96 12.45
C GLY A 85 2.10 -12.34 12.08
N ARG A 86 1.84 -11.16 12.60
CA ARG A 86 0.66 -10.43 12.24
C ARG A 86 0.83 -8.96 12.52
N VAL A 87 0.76 -8.18 11.46
CA VAL A 87 0.89 -6.75 11.55
C VAL A 87 -0.21 -6.08 10.77
N ARG A 88 -0.64 -4.96 11.27
CA ARG A 88 -1.66 -4.18 10.64
C ARG A 88 -1.04 -3.09 9.86
N PHE A 89 -1.42 -2.99 8.65
CA PHE A 89 -0.94 -1.98 7.78
C PHE A 89 -2.03 -0.96 7.63
N MET A 90 -1.68 0.22 7.27
CA MET A 90 -2.68 1.20 6.94
C MET A 90 -2.61 1.45 5.48
N ILE A 91 -3.69 1.16 4.83
CA ILE A 91 -3.82 1.31 3.41
C ILE A 91 -4.71 2.51 3.16
N GLY A 92 -4.20 3.46 2.43
CA GLY A 92 -4.99 4.61 2.08
C GLY A 92 -5.44 4.47 0.69
N ARG A 93 -6.65 4.15 0.56
CA ARG A 93 -7.25 3.88 -0.69
C ARG A 93 -8.65 4.40 -0.73
N GLU A 94 -8.93 5.28 -1.65
CA GLU A 94 -10.29 5.64 -1.91
C GLU A 94 -10.84 4.59 -2.85
N ARG A 95 -11.33 3.52 -2.28
CA ARG A 95 -11.91 2.45 -3.04
C ARG A 95 -13.20 2.89 -3.77
N PRO A 96 -14.27 3.31 -3.04
CA PRO A 96 -15.51 3.70 -3.65
C PRO A 96 -15.48 5.06 -4.34
N GLY A 97 -16.05 5.07 -5.48
CA GLY A 97 -16.23 6.26 -6.25
C GLY A 97 -17.56 6.15 -6.93
N GLU A 98 -17.55 5.69 -8.15
CA GLU A 98 -18.78 5.41 -8.83
C GLU A 98 -19.03 3.90 -8.84
N GLN A 99 -19.49 3.42 -7.72
CA GLN A 99 -19.79 2.03 -7.52
C GLN A 99 -21.19 1.96 -6.94
N SER A 100 -21.30 2.45 -5.73
CA SER A 100 -22.59 2.66 -5.14
C SER A 100 -22.94 4.11 -5.43
N GLU A 101 -24.18 4.52 -5.17
CA GLU A 101 -24.63 5.91 -5.33
C GLU A 101 -24.72 6.31 -6.82
N VAL A 102 -24.57 5.33 -7.68
CA VAL A 102 -24.59 5.55 -9.11
C VAL A 102 -25.95 6.03 -9.60
N ALA A 103 -25.97 7.24 -10.06
CA ALA A 103 -27.19 7.88 -10.53
C ALA A 103 -27.06 8.23 -11.98
N GLN A 104 -25.86 8.55 -12.39
CA GLN A 104 -25.57 8.81 -13.79
C GLN A 104 -25.46 7.46 -14.45
N LEU A 105 -26.53 6.99 -14.98
CA LEU A 105 -26.58 5.67 -15.52
C LEU A 105 -26.90 5.69 -16.98
N ILE A 106 -26.00 5.13 -17.74
CA ILE A 106 -26.21 4.97 -19.14
C ILE A 106 -26.84 3.59 -19.33
N GLN A 107 -26.16 2.58 -18.84
CA GLN A 107 -26.67 1.24 -18.85
C GLN A 107 -27.32 0.95 -17.50
N GLN A 108 -28.63 1.04 -17.45
CA GLN A 108 -29.41 0.86 -16.23
C GLN A 108 -29.69 -0.63 -15.95
N THR A 109 -28.74 -1.48 -16.29
CA THR A 109 -28.87 -2.93 -16.15
C THR A 109 -29.02 -3.36 -14.67
N LEU A 110 -28.50 -2.55 -13.76
CA LEU A 110 -28.58 -2.84 -12.34
C LEU A 110 -29.93 -2.46 -11.71
N GLU A 111 -30.77 -1.79 -12.48
CA GLU A 111 -32.10 -1.47 -12.02
C GLU A 111 -33.03 -2.48 -12.65
N GLN A 112 -33.84 -3.09 -11.85
CA GLN A 112 -34.68 -4.17 -12.32
C GLN A 112 -35.94 -3.62 -12.98
N GLU A 113 -36.43 -4.35 -13.95
CA GLU A 113 -37.59 -3.96 -14.71
C GLU A 113 -38.85 -4.49 -14.03
N GLY A 1 -12.25 7.90 -0.14
CA GLY A 1 -12.26 8.88 -1.23
C GLY A 1 -11.04 8.77 -2.13
N HIS A 2 -10.29 9.86 -2.29
CA HIS A 2 -9.13 9.90 -3.18
C HIS A 2 -7.99 9.07 -2.58
N MET A 3 -7.42 9.57 -1.51
CA MET A 3 -6.38 8.88 -0.81
C MET A 3 -6.97 8.29 0.40
N GLU A 4 -7.14 7.02 0.39
CA GLU A 4 -7.79 6.39 1.48
C GLU A 4 -6.76 5.78 2.39
N LEU A 5 -6.43 6.51 3.43
CA LEU A 5 -5.52 6.09 4.45
C LEU A 5 -6.28 5.25 5.44
N PHE A 6 -6.22 3.99 5.29
CA PHE A 6 -6.85 3.06 6.18
C PHE A 6 -5.89 1.97 6.63
N PRO A 7 -6.04 1.48 7.85
CA PRO A 7 -5.24 0.39 8.35
C PRO A 7 -5.70 -0.95 7.76
N VAL A 8 -4.76 -1.73 7.39
CA VAL A 8 -5.01 -3.05 6.85
C VAL A 8 -4.27 -4.02 7.74
N GLU A 9 -4.76 -5.19 7.89
CA GLU A 9 -4.17 -6.15 8.75
C GLU A 9 -3.94 -7.42 7.97
N LEU A 10 -2.87 -8.11 8.24
CA LEU A 10 -2.63 -9.39 7.63
C LEU A 10 -2.02 -10.30 8.62
N GLU A 11 -2.18 -11.55 8.37
CA GLU A 11 -1.64 -12.59 9.16
C GLU A 11 -0.88 -13.47 8.24
N LYS A 12 0.40 -13.47 8.40
CA LYS A 12 1.27 -14.14 7.48
C LYS A 12 1.30 -15.64 7.65
N ASP A 13 1.55 -16.31 6.57
CA ASP A 13 1.67 -17.74 6.52
C ASP A 13 3.16 -18.07 6.66
N SER A 14 3.56 -19.31 6.50
CA SER A 14 4.95 -19.67 6.48
C SER A 14 5.53 -19.14 5.15
N GLU A 15 4.64 -19.01 4.17
CA GLU A 15 4.92 -18.38 2.88
C GLU A 15 5.19 -16.87 3.09
N GLY A 16 4.71 -16.36 4.21
CA GLY A 16 4.86 -14.98 4.48
C GLY A 16 3.66 -14.23 3.97
N LEU A 17 3.89 -13.38 3.01
CA LEU A 17 2.85 -12.56 2.45
C LEU A 17 2.43 -13.16 1.11
N GLY A 18 1.56 -12.46 0.44
CA GLY A 18 1.08 -12.92 -0.84
C GLY A 18 0.72 -11.78 -1.71
N ILE A 19 1.71 -11.05 -2.10
CA ILE A 19 1.59 -9.85 -2.89
C ILE A 19 2.93 -9.56 -3.48
N SER A 20 2.93 -8.65 -4.35
CA SER A 20 4.11 -8.17 -4.94
C SER A 20 4.03 -6.70 -4.88
N ILE A 21 5.10 -6.07 -4.64
CA ILE A 21 5.12 -4.66 -4.52
C ILE A 21 5.94 -4.06 -5.63
N ILE A 22 5.59 -2.89 -6.03
CA ILE A 22 6.26 -2.23 -7.13
C ILE A 22 6.87 -0.92 -6.63
N GLY A 23 8.09 -0.67 -7.02
CA GLY A 23 8.79 0.49 -6.57
C GLY A 23 8.72 1.60 -7.57
N MET A 24 7.76 2.48 -7.42
CA MET A 24 7.62 3.58 -8.34
C MET A 24 8.54 4.69 -7.91
N GLY A 25 9.54 4.97 -8.72
CA GLY A 25 10.56 5.94 -8.40
C GLY A 25 10.16 7.32 -8.71
N ALA A 26 9.24 7.74 -7.98
CA ALA A 26 8.64 9.07 -8.02
C ALA A 26 7.89 9.29 -6.77
N GLY A 27 7.17 8.29 -6.47
CA GLY A 27 6.33 8.17 -5.30
C GLY A 27 5.45 9.35 -5.08
N ALA A 28 5.64 9.98 -3.97
CA ALA A 28 4.87 11.13 -3.60
C ALA A 28 5.81 12.28 -3.36
N ASP A 29 6.09 13.02 -4.41
CA ASP A 29 7.05 14.12 -4.35
C ASP A 29 6.57 15.26 -3.54
N MET A 30 5.34 15.57 -3.70
CA MET A 30 4.72 16.67 -2.99
C MET A 30 4.10 16.14 -1.69
N GLY A 31 4.91 15.33 -1.04
CA GLY A 31 4.53 14.72 0.19
C GLY A 31 5.73 14.22 0.96
N LEU A 32 6.45 13.26 0.40
CA LEU A 32 7.57 12.64 1.14
C LEU A 32 8.87 12.60 0.33
N GLU A 33 8.79 13.06 -0.94
CA GLU A 33 9.90 13.05 -1.96
C GLU A 33 10.62 11.71 -2.10
N LYS A 34 9.98 10.65 -1.71
CA LYS A 34 10.61 9.36 -1.75
C LYS A 34 9.73 8.32 -2.42
N LEU A 35 10.29 7.13 -2.55
CA LEU A 35 9.70 6.00 -3.25
C LEU A 35 8.30 5.64 -2.77
N GLY A 36 7.48 5.29 -3.72
CA GLY A 36 6.16 4.83 -3.42
C GLY A 36 6.07 3.37 -3.74
N ILE A 37 6.10 2.55 -2.72
CA ILE A 37 6.07 1.13 -2.93
C ILE A 37 4.62 0.64 -2.85
N PHE A 38 3.96 0.62 -4.00
CA PHE A 38 2.56 0.23 -4.10
C PHE A 38 2.48 -1.27 -4.33
N VAL A 39 1.32 -1.82 -4.18
CA VAL A 39 1.12 -3.22 -4.47
C VAL A 39 0.95 -3.42 -5.98
N LYS A 40 1.69 -4.36 -6.50
CA LYS A 40 1.73 -4.65 -7.92
C LYS A 40 0.75 -5.77 -8.22
N THR A 41 0.71 -6.76 -7.36
CA THR A 41 -0.19 -7.87 -7.53
C THR A 41 -0.42 -8.50 -6.17
N VAL A 42 -1.44 -9.28 -6.09
CA VAL A 42 -1.73 -10.02 -4.91
C VAL A 42 -1.49 -11.50 -5.27
N THR A 43 -0.37 -12.01 -4.84
CA THR A 43 0.09 -13.34 -5.17
C THR A 43 -0.77 -14.42 -4.50
N GLU A 44 -1.33 -15.27 -5.35
CA GLU A 44 -2.26 -16.33 -4.95
C GLU A 44 -1.64 -17.28 -3.95
N GLY A 45 -0.40 -17.61 -4.18
CA GLY A 45 0.32 -18.53 -3.35
C GLY A 45 0.60 -18.02 -1.96
N GLY A 46 0.38 -16.75 -1.73
CA GLY A 46 0.70 -16.18 -0.48
C GLY A 46 -0.50 -15.75 0.31
N ALA A 47 -0.24 -15.42 1.54
CA ALA A 47 -1.25 -15.14 2.55
C ALA A 47 -2.20 -14.00 2.21
N ALA A 48 -1.74 -12.98 1.52
CA ALA A 48 -2.60 -11.82 1.27
C ALA A 48 -3.76 -12.14 0.33
N HIS A 49 -3.53 -13.00 -0.63
CA HIS A 49 -4.58 -13.40 -1.57
C HIS A 49 -5.48 -14.43 -0.89
N ARG A 50 -4.85 -15.32 -0.13
CA ARG A 50 -5.55 -16.40 0.55
C ARG A 50 -6.47 -15.85 1.64
N ASP A 51 -5.99 -14.83 2.34
CA ASP A 51 -6.77 -14.19 3.38
C ASP A 51 -7.76 -13.22 2.73
N GLY A 52 -7.24 -12.40 1.82
CA GLY A 52 -8.05 -11.42 1.15
C GLY A 52 -7.98 -10.08 1.85
N ARG A 53 -6.76 -9.64 2.11
CA ARG A 53 -6.56 -8.40 2.86
C ARG A 53 -6.04 -7.29 1.99
N ILE A 54 -4.74 -7.31 1.71
CA ILE A 54 -4.10 -6.30 0.90
C ILE A 54 -4.54 -6.44 -0.55
N GLN A 55 -4.90 -5.35 -1.16
CA GLN A 55 -5.38 -5.34 -2.53
C GLN A 55 -4.30 -4.81 -3.48
N VAL A 56 -4.58 -4.89 -4.77
CA VAL A 56 -3.62 -4.53 -5.82
C VAL A 56 -3.53 -2.99 -6.02
N ASN A 57 -4.25 -2.27 -5.23
CA ASN A 57 -4.31 -0.83 -5.39
C ASN A 57 -3.84 -0.17 -4.11
N ASP A 58 -3.28 -0.99 -3.26
CA ASP A 58 -2.84 -0.57 -1.95
C ASP A 58 -1.42 -0.05 -2.00
N LEU A 59 -1.01 0.56 -0.92
CA LEU A 59 0.31 1.16 -0.78
C LEU A 59 0.77 0.98 0.64
N LEU A 60 1.98 0.53 0.81
CA LEU A 60 2.52 0.34 2.13
C LEU A 60 3.12 1.66 2.62
N VAL A 61 2.32 2.40 3.34
CA VAL A 61 2.76 3.66 3.93
C VAL A 61 3.55 3.41 5.18
N GLU A 62 3.11 2.47 5.94
CA GLU A 62 3.82 2.01 7.08
C GLU A 62 3.36 0.65 7.47
N VAL A 63 4.21 -0.06 8.16
CA VAL A 63 3.90 -1.38 8.66
C VAL A 63 3.58 -1.18 10.15
N ASP A 64 3.37 -2.25 10.89
CA ASP A 64 3.06 -2.19 12.32
C ASP A 64 4.08 -1.38 13.10
N GLY A 65 5.35 -1.66 12.89
CA GLY A 65 6.38 -0.95 13.60
C GLY A 65 7.06 0.13 12.78
N THR A 66 7.68 -0.25 11.69
CA THR A 66 8.45 0.67 10.86
C THR A 66 7.53 1.57 9.97
N SER A 67 7.77 2.87 10.01
CA SER A 67 7.04 3.83 9.23
C SER A 67 7.79 4.12 7.92
N LEU A 68 7.13 3.90 6.81
CA LEU A 68 7.76 4.04 5.51
C LEU A 68 7.62 5.45 4.97
N VAL A 69 8.72 6.15 4.88
CA VAL A 69 8.72 7.47 4.27
C VAL A 69 8.88 7.30 2.75
N GLY A 70 9.46 6.18 2.38
CA GLY A 70 9.73 5.89 1.00
C GLY A 70 10.96 5.08 0.91
N VAL A 71 10.85 3.88 1.38
CA VAL A 71 11.95 2.95 1.43
C VAL A 71 12.07 2.24 0.11
N THR A 72 13.11 1.48 -0.05
CA THR A 72 13.29 0.73 -1.25
C THR A 72 12.30 -0.44 -1.30
N GLN A 73 12.03 -0.92 -2.48
CA GLN A 73 11.10 -2.03 -2.71
C GLN A 73 11.56 -3.26 -1.92
N SER A 74 12.86 -3.47 -1.90
CA SER A 74 13.46 -4.60 -1.20
C SER A 74 13.28 -4.42 0.30
N PHE A 75 13.41 -3.19 0.76
CA PHE A 75 13.29 -2.88 2.17
C PHE A 75 11.87 -3.15 2.61
N ALA A 76 10.93 -2.69 1.81
CA ALA A 76 9.52 -2.90 2.09
C ALA A 76 9.19 -4.40 2.13
N ALA A 77 9.72 -5.16 1.15
CA ALA A 77 9.52 -6.61 1.11
C ALA A 77 10.12 -7.27 2.34
N SER A 78 11.21 -6.71 2.81
CA SER A 78 11.90 -7.24 3.96
C SER A 78 11.22 -6.84 5.26
N VAL A 79 10.52 -5.71 5.29
CA VAL A 79 9.92 -5.22 6.53
C VAL A 79 8.75 -6.11 6.90
N LEU A 80 8.11 -6.62 5.88
CA LEU A 80 7.01 -7.55 6.01
C LEU A 80 7.50 -8.88 6.60
N ARG A 81 8.75 -9.20 6.35
CA ARG A 81 9.37 -10.42 6.86
C ARG A 81 10.04 -10.18 8.21
N ASN A 82 10.27 -8.92 8.53
CA ASN A 82 10.91 -8.54 9.81
C ASN A 82 9.89 -8.32 10.89
N THR A 83 8.66 -8.19 10.50
CA THR A 83 7.58 -7.97 11.42
C THR A 83 6.94 -9.28 11.91
N LYS A 84 6.04 -9.15 12.90
CA LYS A 84 5.33 -10.27 13.51
C LYS A 84 4.47 -11.07 12.54
N GLY A 85 3.80 -12.06 13.11
CA GLY A 85 2.90 -12.91 12.37
C GLY A 85 1.72 -12.11 11.85
N ARG A 86 1.07 -11.39 12.74
CA ARG A 86 -0.03 -10.54 12.36
C ARG A 86 0.33 -9.10 12.59
N VAL A 87 0.35 -8.34 11.54
CA VAL A 87 0.69 -6.95 11.62
C VAL A 87 -0.29 -6.11 10.86
N ARG A 88 -0.35 -4.88 11.23
CA ARG A 88 -1.23 -3.93 10.61
C ARG A 88 -0.37 -3.01 9.81
N PHE A 89 -0.91 -2.47 8.81
CA PHE A 89 -0.20 -1.56 7.97
C PHE A 89 -1.11 -0.39 7.75
N MET A 90 -0.60 0.68 7.28
CA MET A 90 -1.45 1.76 6.86
C MET A 90 -1.33 1.89 5.38
N ILE A 91 -2.43 1.70 4.73
CA ILE A 91 -2.51 1.72 3.30
C ILE A 91 -3.12 3.02 2.87
N GLY A 92 -2.51 3.63 1.89
CA GLY A 92 -3.07 4.78 1.28
C GLY A 92 -3.40 4.44 -0.10
N ARG A 93 -4.61 4.06 -0.28
CA ARG A 93 -5.09 3.60 -1.54
C ARG A 93 -5.23 4.75 -2.52
N GLU A 94 -4.62 4.58 -3.67
CA GLU A 94 -4.77 5.49 -4.77
C GLU A 94 -5.99 5.02 -5.57
N ARG A 95 -7.16 5.27 -4.99
CA ARG A 95 -8.42 4.87 -5.58
C ARG A 95 -8.61 5.42 -7.01
N PRO A 96 -8.59 6.78 -7.22
CA PRO A 96 -8.76 7.33 -8.52
C PRO A 96 -7.68 6.88 -9.47
N GLY A 97 -8.16 6.12 -10.38
CA GLY A 97 -7.45 5.46 -11.41
C GLY A 97 -8.53 4.78 -12.16
N GLU A 98 -9.25 3.94 -11.45
CA GLU A 98 -10.49 3.43 -11.93
C GLU A 98 -11.58 4.32 -11.36
N GLN A 99 -11.82 5.37 -12.07
CA GLN A 99 -12.79 6.39 -11.75
C GLN A 99 -13.09 7.00 -13.09
N SER A 100 -12.00 7.37 -13.74
CA SER A 100 -11.98 7.62 -15.15
C SER A 100 -11.76 6.24 -15.77
N GLU A 101 -11.68 6.14 -17.09
CA GLU A 101 -11.60 4.86 -17.77
C GLU A 101 -12.77 3.99 -17.34
N VAL A 102 -13.93 4.31 -17.81
CA VAL A 102 -15.13 3.65 -17.42
C VAL A 102 -15.99 3.42 -18.67
N ALA A 103 -17.06 2.66 -18.50
CA ALA A 103 -18.03 2.35 -19.53
C ALA A 103 -17.48 1.39 -20.59
N GLN A 104 -17.63 0.09 -20.28
CA GLN A 104 -17.20 -1.02 -21.14
C GLN A 104 -15.71 -0.92 -21.50
N LEU A 105 -14.86 -1.49 -20.65
CA LEU A 105 -13.42 -1.33 -20.81
C LEU A 105 -12.81 -2.16 -21.91
N ILE A 106 -13.06 -1.67 -23.07
CA ILE A 106 -12.51 -2.02 -24.33
C ILE A 106 -12.58 -0.74 -25.10
N GLN A 107 -13.81 -0.24 -25.18
CA GLN A 107 -14.15 1.03 -25.77
C GLN A 107 -13.54 1.21 -27.16
N GLN A 108 -14.00 0.39 -28.08
CA GLN A 108 -13.61 0.50 -29.46
C GLN A 108 -14.65 1.38 -30.12
N THR A 109 -15.78 1.42 -29.48
CA THR A 109 -16.84 2.29 -29.84
C THR A 109 -16.59 3.57 -29.05
N LEU A 110 -17.22 4.64 -29.45
CA LEU A 110 -17.08 5.95 -28.83
C LEU A 110 -15.70 6.53 -29.07
N GLU A 111 -14.71 6.06 -28.27
CA GLU A 111 -13.31 6.54 -28.23
C GLU A 111 -13.21 8.01 -27.74
N GLN A 112 -14.01 8.86 -28.33
CA GLN A 112 -14.09 10.21 -27.93
C GLN A 112 -15.53 10.52 -27.59
N GLU A 113 -15.79 10.54 -26.33
CA GLU A 113 -17.08 10.91 -25.81
C GLU A 113 -17.08 12.41 -25.57
N GLY A 1 -9.28 11.29 1.76
CA GLY A 1 -9.53 12.41 0.86
C GLY A 1 -8.99 12.08 -0.50
N HIS A 2 -8.10 12.93 -0.99
CA HIS A 2 -7.41 12.68 -2.25
C HIS A 2 -6.55 11.42 -2.06
N MET A 3 -5.89 11.38 -0.93
CA MET A 3 -5.17 10.21 -0.51
C MET A 3 -6.02 9.53 0.54
N GLU A 4 -6.05 8.23 0.54
CA GLU A 4 -6.85 7.52 1.52
C GLU A 4 -5.92 6.71 2.39
N LEU A 5 -5.64 7.21 3.57
CA LEU A 5 -4.75 6.55 4.48
C LEU A 5 -5.54 5.66 5.41
N PHE A 6 -5.71 4.44 5.01
CA PHE A 6 -6.45 3.48 5.80
C PHE A 6 -5.57 2.32 6.23
N PRO A 7 -5.81 1.76 7.40
CA PRO A 7 -5.06 0.63 7.92
C PRO A 7 -5.52 -0.70 7.34
N VAL A 8 -4.60 -1.58 7.12
CA VAL A 8 -4.86 -2.90 6.62
C VAL A 8 -4.17 -3.88 7.56
N GLU A 9 -4.83 -4.93 7.97
CA GLU A 9 -4.23 -5.88 8.87
C GLU A 9 -4.21 -7.27 8.24
N LEU A 10 -3.03 -7.88 8.17
CA LEU A 10 -2.87 -9.17 7.57
C LEU A 10 -1.75 -9.97 8.21
N GLU A 11 -1.60 -11.18 7.77
CA GLU A 11 -0.62 -12.09 8.29
C GLU A 11 -0.11 -13.00 7.19
N LYS A 12 0.83 -13.86 7.53
CA LYS A 12 1.41 -14.80 6.58
C LYS A 12 0.67 -16.12 6.64
N ASP A 13 0.68 -16.85 5.55
CA ASP A 13 -0.03 -18.14 5.48
C ASP A 13 1.01 -19.26 5.61
N SER A 14 0.63 -20.48 5.26
CA SER A 14 1.48 -21.66 5.32
C SER A 14 2.78 -21.46 4.55
N GLU A 15 2.66 -20.90 3.35
CA GLU A 15 3.82 -20.62 2.53
C GLU A 15 4.49 -19.36 3.04
N GLY A 16 3.70 -18.33 3.25
CA GLY A 16 4.21 -17.11 3.76
C GLY A 16 3.55 -15.91 3.12
N LEU A 17 4.35 -15.09 2.50
CA LEU A 17 3.86 -13.88 1.86
C LEU A 17 3.45 -14.15 0.42
N GLY A 18 2.17 -14.28 0.22
CA GLY A 18 1.64 -14.49 -1.11
C GLY A 18 1.30 -13.17 -1.74
N ILE A 19 2.30 -12.35 -1.86
CA ILE A 19 2.22 -11.02 -2.44
C ILE A 19 3.58 -10.68 -2.94
N SER A 20 3.68 -9.54 -3.49
CA SER A 20 4.92 -9.01 -3.97
C SER A 20 4.77 -7.53 -4.05
N ILE A 21 5.86 -6.84 -3.99
CA ILE A 21 5.84 -5.40 -4.05
C ILE A 21 6.56 -4.91 -5.30
N ILE A 22 6.32 -3.70 -5.68
CA ILE A 22 6.96 -3.09 -6.82
C ILE A 22 7.27 -1.64 -6.50
N GLY A 23 8.46 -1.21 -6.84
CA GLY A 23 8.87 0.12 -6.55
C GLY A 23 8.49 1.08 -7.65
N MET A 24 7.57 1.96 -7.34
CA MET A 24 7.16 2.97 -8.28
C MET A 24 7.62 4.31 -7.73
N GLY A 25 8.06 5.16 -8.59
CA GLY A 25 8.53 6.43 -8.14
C GLY A 25 7.40 7.40 -7.95
N ALA A 26 7.44 8.08 -6.86
CA ALA A 26 6.49 9.11 -6.53
C ALA A 26 7.30 10.27 -6.07
N GLY A 27 7.06 11.42 -6.62
CA GLY A 27 7.90 12.54 -6.33
C GLY A 27 7.18 13.71 -5.80
N ALA A 28 6.13 13.48 -5.05
CA ALA A 28 5.40 14.58 -4.46
C ALA A 28 6.08 14.95 -3.16
N ASP A 29 7.25 15.51 -3.33
CA ASP A 29 8.15 15.85 -2.25
C ASP A 29 7.68 17.05 -1.52
N MET A 30 6.91 17.84 -2.22
CA MET A 30 6.31 19.07 -1.67
C MET A 30 5.36 18.71 -0.54
N GLY A 31 4.86 17.50 -0.57
CA GLY A 31 4.00 17.02 0.45
C GLY A 31 4.74 16.07 1.34
N LEU A 32 5.00 14.86 0.82
CA LEU A 32 5.66 13.77 1.58
C LEU A 32 5.54 12.43 0.83
N GLU A 33 5.24 12.46 -0.43
CA GLU A 33 4.96 11.26 -1.12
C GLU A 33 6.17 10.86 -1.89
N LYS A 34 7.02 10.23 -1.19
CA LYS A 34 8.24 9.66 -1.70
C LYS A 34 7.96 8.30 -2.33
N LEU A 35 9.03 7.60 -2.70
CA LEU A 35 8.99 6.27 -3.37
C LEU A 35 7.85 5.39 -2.89
N GLY A 36 7.01 5.04 -3.81
CA GLY A 36 5.86 4.29 -3.49
C GLY A 36 6.07 2.84 -3.79
N ILE A 37 6.29 2.07 -2.77
CA ILE A 37 6.44 0.67 -2.95
C ILE A 37 5.06 0.01 -2.88
N PHE A 38 4.44 -0.07 -4.04
CA PHE A 38 3.09 -0.59 -4.19
C PHE A 38 3.13 -2.09 -4.25
N VAL A 39 1.98 -2.70 -4.25
CA VAL A 39 1.89 -4.14 -4.39
C VAL A 39 1.95 -4.51 -5.87
N LYS A 40 2.70 -5.54 -6.18
CA LYS A 40 2.85 -5.99 -7.53
C LYS A 40 1.84 -7.08 -7.82
N THR A 41 1.77 -8.05 -6.93
CA THR A 41 0.88 -9.18 -7.10
C THR A 41 0.47 -9.67 -5.73
N VAL A 42 -0.47 -10.55 -5.71
CA VAL A 42 -1.04 -11.11 -4.54
C VAL A 42 -1.65 -12.47 -4.90
N THR A 43 -1.05 -13.50 -4.38
CA THR A 43 -1.34 -14.86 -4.72
C THR A 43 -2.01 -15.58 -3.54
N GLU A 44 -2.93 -16.49 -3.84
CA GLU A 44 -3.68 -17.23 -2.81
C GLU A 44 -2.83 -18.27 -2.08
N GLY A 45 -1.56 -18.30 -2.40
CA GLY A 45 -0.62 -19.12 -1.68
C GLY A 45 -0.33 -18.50 -0.33
N GLY A 46 -0.63 -17.21 -0.23
CA GLY A 46 -0.50 -16.52 0.98
C GLY A 46 -1.84 -16.09 1.49
N ALA A 47 -1.86 -15.63 2.68
CA ALA A 47 -3.09 -15.27 3.37
C ALA A 47 -3.64 -13.97 2.85
N ALA A 48 -2.76 -13.16 2.30
CA ALA A 48 -3.12 -11.82 1.83
C ALA A 48 -4.25 -11.84 0.81
N HIS A 49 -4.18 -12.74 -0.14
CA HIS A 49 -5.18 -12.85 -1.19
C HIS A 49 -6.48 -13.45 -0.63
N ARG A 50 -6.34 -14.46 0.21
CA ARG A 50 -7.49 -15.18 0.73
C ARG A 50 -8.26 -14.34 1.74
N ASP A 51 -7.53 -13.56 2.49
CA ASP A 51 -8.11 -12.66 3.47
C ASP A 51 -8.80 -11.50 2.78
N GLY A 52 -8.09 -10.88 1.86
CA GLY A 52 -8.68 -9.89 1.00
C GLY A 52 -8.45 -8.49 1.50
N ARG A 53 -7.37 -8.32 2.22
CA ARG A 53 -7.04 -7.04 2.77
C ARG A 53 -5.97 -6.33 1.97
N ILE A 54 -4.81 -6.93 1.85
CA ILE A 54 -3.83 -6.42 0.92
C ILE A 54 -4.34 -6.77 -0.48
N GLN A 55 -4.27 -5.84 -1.36
CA GLN A 55 -4.78 -5.96 -2.68
C GLN A 55 -3.62 -6.00 -3.64
N VAL A 56 -3.90 -5.93 -4.91
CA VAL A 56 -2.86 -5.87 -5.90
C VAL A 56 -2.67 -4.40 -6.36
N ASN A 57 -3.37 -3.49 -5.74
CA ASN A 57 -3.34 -2.09 -6.20
C ASN A 57 -3.14 -1.09 -5.02
N ASP A 58 -2.81 -1.61 -3.86
CA ASP A 58 -2.60 -0.75 -2.71
C ASP A 58 -1.10 -0.42 -2.53
N LEU A 59 -0.78 0.25 -1.45
CA LEU A 59 0.54 0.78 -1.20
C LEU A 59 0.89 0.70 0.26
N LEU A 60 2.00 0.09 0.55
CA LEU A 60 2.48 -0.04 1.90
C LEU A 60 3.23 1.22 2.29
N VAL A 61 2.54 2.13 2.94
CA VAL A 61 3.11 3.38 3.41
C VAL A 61 3.91 3.17 4.68
N GLU A 62 3.41 2.32 5.50
CA GLU A 62 4.08 1.94 6.71
C GLU A 62 3.59 0.59 7.15
N VAL A 63 4.42 -0.11 7.87
CA VAL A 63 4.08 -1.39 8.37
C VAL A 63 3.67 -1.20 9.84
N ASP A 64 3.42 -2.27 10.55
CA ASP A 64 2.99 -2.25 11.95
C ASP A 64 3.93 -1.44 12.83
N GLY A 65 5.21 -1.61 12.62
CA GLY A 65 6.20 -0.89 13.39
C GLY A 65 6.88 0.22 12.60
N THR A 66 7.65 -0.16 11.61
CA THR A 66 8.44 0.78 10.83
C THR A 66 7.58 1.62 9.85
N SER A 67 7.85 2.91 9.80
CA SER A 67 7.15 3.79 8.89
C SER A 67 8.02 3.97 7.64
N LEU A 68 7.44 3.72 6.48
CA LEU A 68 8.19 3.79 5.24
C LEU A 68 8.29 5.21 4.72
N VAL A 69 7.15 5.74 4.24
CA VAL A 69 7.06 7.07 3.61
C VAL A 69 7.68 7.06 2.18
N GLY A 70 8.62 6.18 1.97
CA GLY A 70 9.30 6.09 0.72
C GLY A 70 10.67 5.54 0.88
N VAL A 71 10.73 4.24 0.96
CA VAL A 71 11.97 3.52 1.09
C VAL A 71 12.28 2.84 -0.22
N THR A 72 13.36 2.13 -0.29
CA THR A 72 13.66 1.38 -1.46
C THR A 72 12.83 0.09 -1.47
N GLN A 73 12.60 -0.48 -2.64
CA GLN A 73 11.81 -1.71 -2.78
C GLN A 73 12.42 -2.85 -1.95
N SER A 74 13.73 -2.90 -1.96
CA SER A 74 14.47 -3.91 -1.24
C SER A 74 14.31 -3.71 0.28
N PHE A 75 14.23 -2.46 0.70
CA PHE A 75 14.06 -2.11 2.10
C PHE A 75 12.68 -2.60 2.56
N ALA A 76 11.67 -2.28 1.77
CA ALA A 76 10.30 -2.70 2.05
C ALA A 76 10.21 -4.23 2.10
N ALA A 77 10.89 -4.90 1.18
CA ALA A 77 10.91 -6.36 1.16
C ALA A 77 11.54 -6.91 2.43
N SER A 78 12.48 -6.18 2.97
CA SER A 78 13.18 -6.57 4.16
C SER A 78 12.34 -6.28 5.41
N VAL A 79 11.47 -5.27 5.37
CA VAL A 79 10.73 -4.93 6.55
C VAL A 79 9.67 -5.99 6.81
N LEU A 80 9.13 -6.50 5.73
CA LEU A 80 8.12 -7.57 5.76
C LEU A 80 8.73 -8.92 6.18
N ARG A 81 10.03 -8.95 6.31
CA ARG A 81 10.75 -10.14 6.76
C ARG A 81 11.30 -9.92 8.18
N ASN A 82 11.05 -8.73 8.72
CA ASN A 82 11.43 -8.38 10.08
C ASN A 82 10.20 -8.13 10.95
N THR A 83 9.05 -8.38 10.39
CA THR A 83 7.79 -8.18 11.06
C THR A 83 7.37 -9.41 11.89
N LYS A 84 6.26 -9.26 12.60
CA LYS A 84 5.65 -10.32 13.35
C LYS A 84 4.91 -11.28 12.39
N GLY A 85 4.13 -12.17 12.94
CA GLY A 85 3.35 -13.09 12.13
C GLY A 85 2.19 -12.37 11.50
N ARG A 86 1.60 -11.49 12.27
CA ARG A 86 0.49 -10.67 11.85
C ARG A 86 0.87 -9.22 12.07
N VAL A 87 0.66 -8.41 11.07
CA VAL A 87 0.99 -7.01 11.15
C VAL A 87 -0.04 -6.16 10.46
N ARG A 88 -0.14 -4.96 10.92
CA ARG A 88 -0.97 -3.98 10.30
C ARG A 88 -0.11 -3.16 9.40
N PHE A 89 -0.72 -2.44 8.52
CA PHE A 89 -0.03 -1.57 7.62
C PHE A 89 -0.92 -0.38 7.42
N MET A 90 -0.37 0.72 7.03
CA MET A 90 -1.18 1.83 6.61
C MET A 90 -1.01 2.04 5.17
N ILE A 91 -2.08 1.93 4.47
CA ILE A 91 -2.11 2.01 3.06
C ILE A 91 -2.53 3.39 2.65
N GLY A 92 -1.66 4.05 1.94
CA GLY A 92 -1.99 5.31 1.37
C GLY A 92 -2.38 5.05 -0.02
N ARG A 93 -3.61 4.91 -0.16
CA ARG A 93 -4.24 4.53 -1.38
C ARG A 93 -4.05 5.54 -2.47
N GLU A 94 -3.23 5.18 -3.43
CA GLU A 94 -3.20 5.90 -4.64
C GLU A 94 -4.37 5.40 -5.40
N ARG A 95 -5.41 6.12 -5.25
CA ARG A 95 -6.58 5.90 -5.98
C ARG A 95 -6.51 6.73 -7.29
N PRO A 96 -6.29 8.07 -7.22
CA PRO A 96 -6.10 8.86 -8.40
C PRO A 96 -4.67 8.96 -8.86
N GLY A 97 -4.45 8.30 -9.90
CA GLY A 97 -3.18 8.33 -10.61
C GLY A 97 -3.40 8.98 -11.94
N GLU A 98 -4.65 9.15 -12.23
CA GLU A 98 -5.13 9.76 -13.45
C GLU A 98 -5.27 11.27 -13.24
N GLN A 99 -4.73 11.73 -12.13
CA GLN A 99 -4.67 13.09 -11.79
C GLN A 99 -3.23 13.43 -11.47
N SER A 100 -2.80 14.54 -11.98
CA SER A 100 -1.43 14.98 -11.87
C SER A 100 -1.14 15.61 -10.49
N GLU A 101 0.11 15.96 -10.27
CA GLU A 101 0.58 16.55 -9.04
C GLU A 101 0.35 18.05 -9.13
N VAL A 102 -0.89 18.40 -9.09
CA VAL A 102 -1.29 19.78 -9.14
C VAL A 102 -2.37 20.11 -8.11
N ALA A 103 -2.14 21.18 -7.43
CA ALA A 103 -3.07 21.74 -6.48
C ALA A 103 -3.02 23.25 -6.59
N GLN A 104 -1.88 23.78 -6.23
CA GLN A 104 -1.60 25.20 -6.35
C GLN A 104 -0.10 25.40 -6.26
N LEU A 105 0.46 25.97 -7.29
CA LEU A 105 1.89 26.20 -7.33
C LEU A 105 2.17 27.68 -7.20
N ILE A 106 3.18 28.02 -6.43
CA ILE A 106 3.62 29.39 -6.29
C ILE A 106 4.44 29.75 -7.50
N GLN A 107 5.47 28.97 -7.72
CA GLN A 107 6.22 29.03 -8.93
C GLN A 107 5.30 28.56 -10.05
N GLN A 108 4.93 29.52 -10.84
CA GLN A 108 3.85 29.50 -11.83
C GLN A 108 3.66 30.94 -12.23
N THR A 109 4.08 31.79 -11.34
CA THR A 109 4.04 33.22 -11.49
C THR A 109 5.05 33.71 -12.55
N LEU A 110 5.95 32.81 -12.97
CA LEU A 110 6.88 33.05 -14.07
C LEU A 110 8.02 34.00 -13.67
N GLU A 111 8.41 33.94 -12.42
CA GLU A 111 9.56 34.73 -11.94
C GLU A 111 10.84 34.00 -12.32
N GLN A 112 10.64 32.77 -12.73
CA GLN A 112 11.64 31.83 -13.19
C GLN A 112 10.88 30.61 -13.61
N GLU A 113 9.84 30.37 -12.86
CA GLU A 113 8.88 29.36 -13.09
C GLU A 113 7.57 29.94 -12.67
N GLY A 1 -15.36 9.66 3.42
CA GLY A 1 -15.19 10.10 2.03
C GLY A 1 -13.94 10.91 1.85
N HIS A 2 -12.81 10.24 1.83
CA HIS A 2 -11.48 10.85 1.68
C HIS A 2 -10.59 9.80 1.07
N MET A 3 -9.28 9.99 1.16
CA MET A 3 -8.37 8.90 0.90
C MET A 3 -8.60 7.95 2.04
N GLU A 4 -8.81 6.70 1.76
CA GLU A 4 -9.21 5.80 2.79
C GLU A 4 -8.00 5.24 3.44
N LEU A 5 -7.67 5.76 4.59
CA LEU A 5 -6.57 5.25 5.35
C LEU A 5 -7.10 4.11 6.19
N PHE A 6 -7.14 2.94 5.62
CA PHE A 6 -7.67 1.80 6.32
C PHE A 6 -6.59 0.82 6.71
N PRO A 7 -6.71 0.21 7.89
CA PRO A 7 -5.79 -0.79 8.32
C PRO A 7 -6.07 -2.15 7.72
N VAL A 8 -5.08 -2.68 7.14
CA VAL A 8 -5.09 -3.99 6.57
C VAL A 8 -4.25 -4.84 7.51
N GLU A 9 -4.50 -6.10 7.61
CA GLU A 9 -3.78 -6.92 8.54
C GLU A 9 -3.42 -8.24 7.90
N LEU A 10 -2.21 -8.70 8.09
CA LEU A 10 -1.79 -9.95 7.51
C LEU A 10 -0.96 -10.78 8.42
N GLU A 11 -0.85 -12.00 8.00
CA GLU A 11 -0.08 -13.00 8.65
C GLU A 11 0.34 -13.94 7.52
N LYS A 12 1.49 -14.52 7.61
CA LYS A 12 2.02 -15.32 6.53
C LYS A 12 1.59 -16.78 6.65
N ASP A 13 1.88 -17.51 5.61
CA ASP A 13 1.62 -18.93 5.54
C ASP A 13 2.92 -19.67 5.85
N SER A 14 2.85 -20.98 5.90
CA SER A 14 3.98 -21.84 6.09
C SER A 14 5.01 -21.61 4.94
N GLU A 15 4.50 -21.29 3.74
CA GLU A 15 5.34 -20.94 2.63
C GLU A 15 5.83 -19.51 2.79
N GLY A 16 4.92 -18.62 3.14
CA GLY A 16 5.26 -17.24 3.34
C GLY A 16 4.17 -16.31 2.92
N LEU A 17 4.54 -15.24 2.27
CA LEU A 17 3.61 -14.23 1.79
C LEU A 17 2.99 -14.65 0.46
N GLY A 18 2.20 -13.78 -0.10
CA GLY A 18 1.57 -14.05 -1.36
C GLY A 18 1.16 -12.79 -2.04
N ILE A 19 2.14 -12.01 -2.41
CA ILE A 19 1.96 -10.69 -3.04
C ILE A 19 3.27 -10.27 -3.62
N SER A 20 3.23 -9.19 -4.26
CA SER A 20 4.38 -8.54 -4.79
C SER A 20 4.08 -7.07 -4.75
N ILE A 21 5.05 -6.27 -4.48
CA ILE A 21 4.84 -4.84 -4.38
C ILE A 21 5.59 -4.11 -5.47
N ILE A 22 5.18 -2.92 -5.80
CA ILE A 22 5.78 -2.18 -6.88
C ILE A 22 5.94 -0.70 -6.50
N GLY A 23 7.03 -0.11 -6.88
CA GLY A 23 7.28 1.27 -6.56
C GLY A 23 6.78 2.22 -7.62
N MET A 24 5.74 2.93 -7.31
CA MET A 24 5.18 3.93 -8.21
C MET A 24 5.17 5.26 -7.50
N GLY A 25 5.92 6.17 -8.00
CA GLY A 25 6.04 7.45 -7.39
C GLY A 25 7.27 8.11 -7.90
N ALA A 26 7.78 9.04 -7.17
CA ALA A 26 8.98 9.71 -7.54
C ALA A 26 9.78 10.03 -6.31
N GLY A 27 10.86 9.30 -6.12
CA GLY A 27 11.70 9.45 -4.95
C GLY A 27 12.63 10.60 -5.09
N ALA A 28 12.06 11.72 -5.39
CA ALA A 28 12.72 12.95 -5.54
C ALA A 28 11.68 14.01 -5.42
N ASP A 29 11.44 14.38 -4.22
CA ASP A 29 10.42 15.36 -3.92
C ASP A 29 11.05 16.42 -3.03
N MET A 30 12.37 16.46 -3.14
CA MET A 30 13.28 17.27 -2.36
C MET A 30 12.93 17.30 -0.90
N GLY A 31 12.92 16.12 -0.32
CA GLY A 31 12.65 15.98 1.07
C GLY A 31 11.93 14.69 1.37
N LEU A 32 10.69 14.60 0.89
CA LEU A 32 9.87 13.43 1.15
C LEU A 32 10.35 12.21 0.38
N GLU A 33 10.88 12.46 -0.83
CA GLU A 33 11.33 11.43 -1.76
C GLU A 33 10.25 10.35 -1.85
N LYS A 34 9.05 10.79 -2.14
CA LYS A 34 7.87 9.96 -1.99
C LYS A 34 7.65 8.92 -3.09
N LEU A 35 7.91 7.71 -2.75
CA LEU A 35 7.62 6.57 -3.58
C LEU A 35 6.48 5.81 -2.96
N GLY A 36 5.50 5.53 -3.75
CA GLY A 36 4.38 4.81 -3.28
C GLY A 36 4.54 3.37 -3.62
N ILE A 37 4.76 2.56 -2.64
CA ILE A 37 4.93 1.16 -2.88
C ILE A 37 3.56 0.48 -2.83
N PHE A 38 2.95 0.39 -3.99
CA PHE A 38 1.64 -0.22 -4.14
C PHE A 38 1.83 -1.70 -4.31
N VAL A 39 0.78 -2.43 -4.24
CA VAL A 39 0.83 -3.83 -4.50
C VAL A 39 0.76 -4.09 -6.01
N LYS A 40 1.59 -5.00 -6.48
CA LYS A 40 1.69 -5.28 -7.90
C LYS A 40 0.84 -6.49 -8.25
N THR A 41 0.78 -7.43 -7.34
CA THR A 41 -0.02 -8.61 -7.51
C THR A 41 -0.23 -9.24 -6.16
N VAL A 42 -1.17 -10.13 -6.09
CA VAL A 42 -1.47 -10.85 -4.90
C VAL A 42 -1.44 -12.32 -5.27
N THR A 43 -0.30 -12.92 -5.07
CA THR A 43 -0.04 -14.30 -5.39
C THR A 43 -0.97 -15.24 -4.62
N GLU A 44 -1.71 -16.07 -5.36
CA GLU A 44 -2.72 -16.94 -4.78
C GLU A 44 -2.11 -18.08 -3.97
N GLY A 45 -0.89 -18.40 -4.29
CA GLY A 45 -0.20 -19.46 -3.59
C GLY A 45 0.24 -19.04 -2.20
N GLY A 46 0.16 -17.75 -1.92
CA GLY A 46 0.59 -17.28 -0.66
C GLY A 46 -0.55 -16.81 0.21
N ALA A 47 -0.21 -16.51 1.42
CA ALA A 47 -1.17 -16.17 2.46
C ALA A 47 -2.02 -14.94 2.19
N ALA A 48 -1.47 -13.92 1.55
CA ALA A 48 -2.18 -12.66 1.38
C ALA A 48 -3.49 -12.80 0.59
N HIS A 49 -3.44 -13.58 -0.48
CA HIS A 49 -4.60 -13.82 -1.34
C HIS A 49 -5.60 -14.69 -0.60
N ARG A 50 -5.05 -15.66 0.10
CA ARG A 50 -5.83 -16.63 0.84
C ARG A 50 -6.51 -16.00 2.04
N ASP A 51 -5.90 -14.99 2.57
CA ASP A 51 -6.44 -14.28 3.71
C ASP A 51 -7.48 -13.29 3.24
N GLY A 52 -7.15 -12.57 2.19
CA GLY A 52 -8.10 -11.69 1.55
C GLY A 52 -8.03 -10.30 2.11
N ARG A 53 -6.84 -9.89 2.44
CA ARG A 53 -6.63 -8.59 3.00
C ARG A 53 -5.96 -7.67 2.03
N ILE A 54 -4.67 -7.86 1.81
CA ILE A 54 -3.98 -7.04 0.84
C ILE A 54 -4.46 -7.38 -0.56
N GLN A 55 -5.03 -6.40 -1.23
CA GLN A 55 -5.50 -6.56 -2.57
C GLN A 55 -4.51 -5.87 -3.50
N VAL A 56 -4.75 -5.88 -4.79
CA VAL A 56 -3.81 -5.33 -5.76
C VAL A 56 -3.93 -3.78 -5.85
N ASN A 57 -4.79 -3.24 -5.04
CA ASN A 57 -5.06 -1.80 -5.04
C ASN A 57 -4.53 -1.18 -3.77
N ASP A 58 -3.93 -2.02 -2.96
CA ASP A 58 -3.41 -1.61 -1.68
C ASP A 58 -2.08 -0.91 -1.83
N LEU A 59 -1.78 -0.10 -0.87
CA LEU A 59 -0.60 0.71 -0.85
C LEU A 59 -0.01 0.74 0.53
N LEU A 60 1.25 0.41 0.63
CA LEU A 60 1.91 0.42 1.90
C LEU A 60 2.30 1.85 2.28
N VAL A 61 1.42 2.51 2.98
CA VAL A 61 1.64 3.85 3.49
C VAL A 61 2.45 3.81 4.77
N GLU A 62 2.13 2.85 5.57
CA GLU A 62 2.88 2.55 6.74
C GLU A 62 2.54 1.16 7.21
N VAL A 63 3.43 0.57 7.96
CA VAL A 63 3.21 -0.74 8.49
C VAL A 63 2.61 -0.52 9.89
N ASP A 64 2.36 -1.59 10.62
CA ASP A 64 1.74 -1.56 11.95
C ASP A 64 2.34 -0.49 12.86
N GLY A 65 3.67 -0.44 12.93
CA GLY A 65 4.31 0.55 13.77
C GLY A 65 5.57 1.16 13.13
N THR A 66 5.50 1.53 11.86
CA THR A 66 6.61 2.18 11.14
C THR A 66 6.05 2.94 9.94
N SER A 67 6.24 4.24 9.91
CA SER A 67 5.68 5.08 8.87
C SER A 67 6.57 5.14 7.60
N LEU A 68 5.94 4.98 6.46
CA LEU A 68 6.59 5.12 5.19
C LEU A 68 6.30 6.49 4.61
N VAL A 69 7.28 7.09 4.04
CA VAL A 69 7.09 8.34 3.34
C VAL A 69 7.45 8.14 1.86
N GLY A 70 8.31 7.20 1.63
CA GLY A 70 8.78 6.93 0.34
C GLY A 70 10.04 6.17 0.43
N VAL A 71 9.90 4.91 0.49
CA VAL A 71 11.00 4.01 0.61
C VAL A 71 11.11 3.24 -0.67
N THR A 72 12.15 2.48 -0.79
CA THR A 72 12.31 1.65 -1.94
C THR A 72 11.38 0.46 -1.83
N GLN A 73 11.10 -0.17 -2.95
CA GLN A 73 10.27 -1.36 -3.00
C GLN A 73 10.90 -2.44 -2.13
N SER A 74 12.21 -2.46 -2.14
CA SER A 74 12.99 -3.40 -1.39
C SER A 74 12.88 -3.12 0.12
N PHE A 75 12.91 -1.84 0.50
CA PHE A 75 12.80 -1.43 1.89
C PHE A 75 11.44 -1.84 2.42
N ALA A 76 10.40 -1.57 1.65
CA ALA A 76 9.05 -1.93 2.02
C ALA A 76 8.94 -3.44 2.24
N ALA A 77 9.49 -4.21 1.33
CA ALA A 77 9.49 -5.68 1.45
C ALA A 77 10.22 -6.12 2.71
N SER A 78 11.25 -5.39 3.05
CA SER A 78 12.07 -5.70 4.19
C SER A 78 11.46 -5.25 5.53
N VAL A 79 10.54 -4.29 5.50
CA VAL A 79 9.92 -3.84 6.75
C VAL A 79 8.89 -4.86 7.16
N LEU A 80 8.29 -5.46 6.15
CA LEU A 80 7.28 -6.51 6.32
C LEU A 80 7.91 -7.80 6.86
N ARG A 81 9.22 -7.84 6.82
CA ARG A 81 9.96 -8.99 7.31
C ARG A 81 10.66 -8.66 8.62
N ASN A 82 10.51 -7.43 9.06
CA ASN A 82 11.10 -6.98 10.31
C ASN A 82 10.06 -7.00 11.41
N THR A 83 8.82 -6.94 11.00
CA THR A 83 7.69 -6.89 11.85
C THR A 83 7.44 -8.20 12.63
N LYS A 84 6.53 -8.10 13.59
CA LYS A 84 6.12 -9.21 14.42
C LYS A 84 5.30 -10.25 13.65
N GLY A 85 4.74 -11.18 14.40
CA GLY A 85 3.99 -12.30 13.85
C GLY A 85 2.77 -11.89 13.07
N ARG A 86 2.11 -10.85 13.49
CA ARG A 86 0.94 -10.41 12.76
C ARG A 86 0.93 -8.91 12.81
N VAL A 87 0.88 -8.27 11.67
CA VAL A 87 0.92 -6.83 11.64
C VAL A 87 -0.12 -6.25 10.75
N ARG A 88 -0.46 -5.05 11.07
CA ARG A 88 -1.35 -4.28 10.29
C ARG A 88 -0.53 -3.43 9.36
N PHE A 89 -1.19 -2.80 8.46
CA PHE A 89 -0.59 -1.86 7.54
C PHE A 89 -1.63 -0.83 7.32
N MET A 90 -1.24 0.37 7.08
CA MET A 90 -2.19 1.38 6.78
C MET A 90 -2.17 1.66 5.32
N ILE A 91 -3.21 1.24 4.69
CA ILE A 91 -3.37 1.39 3.28
C ILE A 91 -4.25 2.59 3.05
N GLY A 92 -3.67 3.61 2.51
CA GLY A 92 -4.42 4.74 2.13
C GLY A 92 -4.57 4.71 0.68
N ARG A 93 -5.71 4.34 0.24
CA ARG A 93 -5.91 4.20 -1.18
C ARG A 93 -6.26 5.51 -1.78
N GLU A 94 -5.89 5.66 -3.00
CA GLU A 94 -6.23 6.80 -3.75
C GLU A 94 -7.64 6.63 -4.29
N ARG A 95 -8.58 6.75 -3.38
CA ARG A 95 -9.96 6.73 -3.73
C ARG A 95 -10.29 7.99 -4.58
N PRO A 96 -10.04 9.22 -4.08
CA PRO A 96 -10.17 10.41 -4.88
C PRO A 96 -8.85 10.73 -5.59
N GLY A 97 -8.97 11.31 -6.74
CA GLY A 97 -7.78 11.66 -7.51
C GLY A 97 -8.11 11.95 -8.95
N GLU A 98 -9.12 11.28 -9.46
CA GLU A 98 -9.55 11.46 -10.85
C GLU A 98 -10.68 12.48 -10.90
N GLN A 99 -10.99 13.01 -9.72
CA GLN A 99 -12.02 14.00 -9.47
C GLN A 99 -13.43 13.50 -9.76
N SER A 100 -14.19 13.45 -8.72
CA SER A 100 -15.56 13.06 -8.77
C SER A 100 -16.35 14.16 -8.06
N GLU A 101 -17.57 13.89 -7.68
CA GLU A 101 -18.36 14.89 -6.96
C GLU A 101 -17.89 15.03 -5.53
N VAL A 102 -17.13 14.09 -5.10
CA VAL A 102 -16.51 14.15 -3.81
C VAL A 102 -15.31 15.09 -3.82
N ALA A 103 -15.63 16.33 -3.75
CA ALA A 103 -14.70 17.42 -3.71
C ALA A 103 -15.07 18.27 -2.52
N GLN A 104 -16.31 18.65 -2.49
CA GLN A 104 -16.86 19.31 -1.35
C GLN A 104 -17.40 18.23 -0.43
N LEU A 105 -16.60 17.89 0.53
CA LEU A 105 -16.87 16.76 1.38
C LEU A 105 -17.80 17.14 2.51
N ILE A 106 -19.00 16.58 2.49
CA ILE A 106 -19.94 16.77 3.59
C ILE A 106 -19.36 16.10 4.82
N GLN A 107 -19.30 14.75 4.77
CA GLN A 107 -18.59 13.88 5.73
C GLN A 107 -19.18 13.85 7.16
N GLN A 108 -19.81 14.95 7.57
CA GLN A 108 -20.23 15.18 8.94
C GLN A 108 -19.03 15.48 9.76
N THR A 109 -18.53 16.69 9.57
CA THR A 109 -17.32 17.16 10.17
C THR A 109 -17.55 17.52 11.64
N LEU A 110 -17.86 16.51 12.39
CA LEU A 110 -18.16 16.67 13.76
C LEU A 110 -17.06 16.04 14.58
N GLU A 111 -16.58 14.88 14.09
CA GLU A 111 -15.53 14.10 14.72
C GLU A 111 -15.84 13.84 16.19
N GLN A 112 -16.76 12.96 16.39
CA GLN A 112 -17.20 12.59 17.72
C GLN A 112 -16.37 11.41 18.19
N GLU A 113 -15.85 10.67 17.25
CA GLU A 113 -15.04 9.54 17.52
C GLU A 113 -13.87 9.56 16.57
N GLY A 1 -14.87 8.04 2.89
CA GLY A 1 -13.49 8.44 3.12
C GLY A 1 -12.90 8.99 1.86
N HIS A 2 -12.20 10.09 1.97
CA HIS A 2 -11.56 10.70 0.83
C HIS A 2 -10.31 9.91 0.56
N MET A 3 -9.47 9.92 1.53
CA MET A 3 -8.34 9.06 1.60
C MET A 3 -8.71 7.99 2.57
N GLU A 4 -8.80 6.79 2.12
CA GLU A 4 -9.24 5.72 2.93
C GLU A 4 -8.06 5.07 3.59
N LEU A 5 -7.74 5.53 4.78
CA LEU A 5 -6.65 4.96 5.52
C LEU A 5 -7.21 3.81 6.33
N PHE A 6 -7.26 2.66 5.73
CA PHE A 6 -7.80 1.52 6.39
C PHE A 6 -6.71 0.53 6.76
N PRO A 7 -6.81 -0.08 7.93
CA PRO A 7 -5.85 -1.06 8.37
C PRO A 7 -6.08 -2.42 7.76
N VAL A 8 -5.03 -3.00 7.33
CA VAL A 8 -5.01 -4.32 6.79
C VAL A 8 -4.17 -5.17 7.68
N GLU A 9 -4.79 -6.12 8.30
CA GLU A 9 -4.11 -6.97 9.18
C GLU A 9 -3.93 -8.31 8.51
N LEU A 10 -2.74 -8.58 8.10
CA LEU A 10 -2.44 -9.82 7.48
C LEU A 10 -1.34 -10.54 8.17
N GLU A 11 -1.37 -11.80 8.03
CA GLU A 11 -0.51 -12.71 8.70
C GLU A 11 0.23 -13.50 7.66
N LYS A 12 1.47 -13.79 7.93
CA LYS A 12 2.31 -14.49 6.99
C LYS A 12 2.00 -15.97 6.93
N ASP A 13 2.39 -16.55 5.83
CA ASP A 13 2.32 -17.96 5.59
C ASP A 13 3.53 -18.60 6.19
N SER A 14 3.60 -19.90 6.12
CA SER A 14 4.79 -20.61 6.50
C SER A 14 5.86 -20.38 5.42
N GLU A 15 5.37 -20.10 4.22
CA GLU A 15 6.20 -19.80 3.07
C GLU A 15 6.62 -18.32 3.12
N GLY A 16 5.78 -17.49 3.68
CA GLY A 16 6.09 -16.09 3.79
C GLY A 16 4.95 -15.20 3.39
N LEU A 17 5.07 -14.56 2.26
CA LEU A 17 4.09 -13.59 1.83
C LEU A 17 3.70 -13.81 0.38
N GLY A 18 2.46 -14.15 0.15
CA GLY A 18 1.96 -14.36 -1.18
C GLY A 18 1.48 -13.07 -1.79
N ILE A 19 2.39 -12.17 -1.90
CA ILE A 19 2.17 -10.84 -2.49
C ILE A 19 3.46 -10.37 -3.07
N SER A 20 3.36 -9.26 -3.71
CA SER A 20 4.48 -8.59 -4.28
C SER A 20 4.15 -7.13 -4.31
N ILE A 21 5.14 -6.31 -4.34
CA ILE A 21 4.97 -4.88 -4.32
C ILE A 21 5.65 -4.24 -5.52
N ILE A 22 5.26 -3.03 -5.83
CA ILE A 22 5.82 -2.30 -6.93
C ILE A 22 5.92 -0.81 -6.54
N GLY A 23 7.05 -0.21 -6.82
CA GLY A 23 7.26 1.17 -6.44
C GLY A 23 7.07 2.11 -7.59
N MET A 24 6.13 3.01 -7.47
CA MET A 24 5.85 4.04 -8.46
C MET A 24 5.68 5.35 -7.72
N GLY A 25 5.90 6.46 -8.37
CA GLY A 25 5.78 7.74 -7.69
C GLY A 25 6.97 8.62 -7.98
N ALA A 26 7.34 9.48 -7.04
CA ALA A 26 8.47 10.35 -7.21
C ALA A 26 9.43 10.22 -6.03
N GLY A 27 10.49 9.46 -6.21
CA GLY A 27 11.44 9.21 -5.15
C GLY A 27 12.46 10.32 -5.04
N ALA A 28 12.00 11.51 -4.84
CA ALA A 28 12.85 12.65 -4.71
C ALA A 28 13.28 12.80 -3.26
N ASP A 29 14.54 12.49 -3.03
CA ASP A 29 15.14 12.40 -1.67
C ASP A 29 15.33 13.78 -1.03
N MET A 30 15.06 14.79 -1.81
CA MET A 30 15.18 16.21 -1.43
C MET A 30 14.05 16.65 -0.47
N GLY A 31 13.59 15.74 0.32
CA GLY A 31 12.58 16.06 1.30
C GLY A 31 11.20 15.87 0.77
N LEU A 32 11.07 15.13 -0.29
CA LEU A 32 9.77 14.86 -0.85
C LEU A 32 9.44 13.42 -0.57
N GLU A 33 10.18 12.54 -1.23
CA GLU A 33 10.11 11.10 -1.07
C GLU A 33 8.69 10.56 -1.17
N LYS A 34 7.90 11.18 -2.00
CA LYS A 34 6.54 10.76 -2.17
C LYS A 34 6.45 9.71 -3.25
N LEU A 35 6.81 8.53 -2.86
CA LEU A 35 6.75 7.40 -3.69
C LEU A 35 5.60 6.56 -3.18
N GLY A 36 5.27 5.54 -3.88
CA GLY A 36 4.21 4.69 -3.46
C GLY A 36 4.55 3.27 -3.77
N ILE A 37 4.63 2.48 -2.74
CA ILE A 37 4.90 1.09 -2.92
C ILE A 37 3.56 0.34 -2.90
N PHE A 38 2.99 0.24 -4.07
CA PHE A 38 1.70 -0.37 -4.25
C PHE A 38 1.86 -1.87 -4.32
N VAL A 39 0.76 -2.58 -4.25
CA VAL A 39 0.80 -4.00 -4.39
C VAL A 39 0.91 -4.32 -5.87
N LYS A 40 1.72 -5.29 -6.20
CA LYS A 40 1.93 -5.64 -7.56
C LYS A 40 1.12 -6.87 -7.91
N THR A 41 1.15 -7.85 -7.02
CA THR A 41 0.48 -9.10 -7.23
C THR A 41 0.17 -9.68 -5.86
N VAL A 42 -0.72 -10.61 -5.81
CA VAL A 42 -1.07 -11.31 -4.62
C VAL A 42 -1.38 -12.77 -4.96
N THR A 43 -0.37 -13.57 -4.75
CA THR A 43 -0.34 -14.97 -5.07
C THR A 43 -1.40 -15.76 -4.30
N GLU A 44 -2.19 -16.49 -5.07
CA GLU A 44 -3.31 -17.32 -4.60
C GLU A 44 -2.83 -18.31 -3.55
N GLY A 45 -1.64 -18.82 -3.75
CA GLY A 45 -1.07 -19.79 -2.86
C GLY A 45 -0.60 -19.20 -1.54
N GLY A 46 -0.74 -17.90 -1.36
CA GLY A 46 -0.33 -17.30 -0.14
C GLY A 46 -1.47 -16.78 0.67
N ALA A 47 -1.19 -16.57 1.91
CA ALA A 47 -2.11 -16.17 2.94
C ALA A 47 -2.81 -14.89 2.61
N ALA A 48 -2.10 -13.99 1.98
CA ALA A 48 -2.64 -12.69 1.65
C ALA A 48 -3.84 -12.77 0.68
N HIS A 49 -3.80 -13.72 -0.23
CA HIS A 49 -4.87 -13.93 -1.18
C HIS A 49 -5.98 -14.75 -0.50
N ARG A 50 -5.55 -15.72 0.29
CA ARG A 50 -6.44 -16.61 1.04
C ARG A 50 -7.27 -15.80 2.03
N ASP A 51 -6.64 -14.83 2.64
CA ASP A 51 -7.26 -13.89 3.54
C ASP A 51 -8.08 -12.89 2.74
N GLY A 52 -7.42 -12.03 2.00
CA GLY A 52 -8.13 -11.10 1.17
C GLY A 52 -8.03 -9.65 1.63
N ARG A 53 -7.35 -9.39 2.74
CA ARG A 53 -7.19 -8.00 3.16
C ARG A 53 -6.22 -7.21 2.28
N ILE A 54 -5.02 -7.74 2.04
CA ILE A 54 -4.12 -7.08 1.09
C ILE A 54 -4.65 -7.33 -0.32
N GLN A 55 -4.91 -6.27 -1.04
CA GLN A 55 -5.43 -6.35 -2.38
C GLN A 55 -4.48 -5.79 -3.42
N VAL A 56 -4.54 -6.41 -4.58
CA VAL A 56 -3.58 -6.24 -5.69
C VAL A 56 -3.39 -4.79 -6.22
N ASN A 57 -4.34 -3.92 -6.01
CA ASN A 57 -4.22 -2.59 -6.60
C ASN A 57 -3.96 -1.53 -5.53
N ASP A 58 -3.97 -1.95 -4.29
CA ASP A 58 -3.86 -0.99 -3.19
C ASP A 58 -2.43 -0.67 -2.82
N LEU A 59 -2.29 0.20 -1.85
CA LEU A 59 -1.01 0.75 -1.47
C LEU A 59 -0.71 0.54 0.00
N LEU A 60 0.43 -0.05 0.28
CA LEU A 60 0.91 -0.19 1.64
C LEU A 60 1.60 1.12 1.98
N VAL A 61 0.96 1.96 2.76
CA VAL A 61 1.52 3.26 3.03
C VAL A 61 2.39 3.21 4.25
N GLU A 62 2.06 2.31 5.10
CA GLU A 62 2.82 2.06 6.30
C GLU A 62 2.57 0.68 6.84
N VAL A 63 3.42 0.26 7.75
CA VAL A 63 3.29 -1.03 8.39
C VAL A 63 2.76 -0.76 9.82
N ASP A 64 2.66 -1.78 10.64
CA ASP A 64 2.13 -1.67 12.01
C ASP A 64 2.88 -0.63 12.86
N GLY A 65 4.19 -0.60 12.69
CA GLY A 65 4.99 0.34 13.43
C GLY A 65 5.53 1.46 12.58
N THR A 66 6.37 1.13 11.66
CA THR A 66 7.03 2.10 10.80
C THR A 66 6.04 2.75 9.81
N SER A 67 5.84 4.05 9.96
CA SER A 67 5.04 4.80 9.04
C SER A 67 5.92 5.28 7.90
N LEU A 68 5.62 4.78 6.72
CA LEU A 68 6.36 5.07 5.53
C LEU A 68 5.84 6.37 4.91
N VAL A 69 6.72 7.19 4.41
CA VAL A 69 6.31 8.38 3.69
C VAL A 69 6.40 8.11 2.18
N GLY A 70 7.16 7.09 1.86
CA GLY A 70 7.41 6.74 0.51
C GLY A 70 8.80 6.24 0.38
N VAL A 71 9.00 5.08 0.92
CA VAL A 71 10.29 4.44 0.94
C VAL A 71 10.53 3.72 -0.36
N THR A 72 11.71 3.20 -0.55
CA THR A 72 12.01 2.47 -1.74
C THR A 72 11.28 1.12 -1.71
N GLN A 73 11.12 0.50 -2.85
CA GLN A 73 10.42 -0.77 -2.97
C GLN A 73 11.13 -1.85 -2.15
N SER A 74 12.44 -1.80 -2.14
CA SER A 74 13.25 -2.75 -1.42
C SER A 74 13.17 -2.49 0.10
N PHE A 75 12.97 -1.23 0.47
CA PHE A 75 12.85 -0.88 1.87
C PHE A 75 11.53 -1.39 2.39
N ALA A 76 10.49 -1.23 1.59
CA ALA A 76 9.19 -1.72 1.95
C ALA A 76 9.22 -3.25 2.05
N ALA A 77 9.91 -3.89 1.11
CA ALA A 77 10.04 -5.34 1.12
C ALA A 77 10.73 -5.82 2.40
N SER A 78 11.75 -5.10 2.81
CA SER A 78 12.51 -5.46 3.97
C SER A 78 11.78 -5.12 5.28
N VAL A 79 10.85 -4.15 5.26
CA VAL A 79 10.18 -3.75 6.50
C VAL A 79 9.22 -4.85 6.90
N LEU A 80 8.63 -5.47 5.90
CA LEU A 80 7.70 -6.59 6.06
C LEU A 80 8.44 -7.83 6.59
N ARG A 81 9.74 -7.81 6.44
CA ARG A 81 10.58 -8.91 6.88
C ARG A 81 11.16 -8.62 8.25
N ASN A 82 11.00 -7.39 8.72
CA ASN A 82 11.50 -6.97 10.03
C ASN A 82 10.40 -7.06 11.05
N THR A 83 9.18 -7.04 10.57
CA THR A 83 8.03 -7.13 11.41
C THR A 83 7.72 -8.57 11.83
N LYS A 84 6.72 -8.72 12.70
CA LYS A 84 6.29 -10.02 13.19
C LYS A 84 5.56 -10.83 12.11
N GLY A 85 4.92 -11.90 12.56
CA GLY A 85 4.16 -12.74 11.68
C GLY A 85 2.88 -12.09 11.23
N ARG A 86 2.32 -11.25 12.06
CA ARG A 86 1.09 -10.57 11.74
C ARG A 86 1.21 -9.11 12.12
N VAL A 87 0.99 -8.25 11.14
CA VAL A 87 1.05 -6.82 11.32
C VAL A 87 -0.09 -6.13 10.60
N ARG A 88 -0.37 -4.94 11.02
CA ARG A 88 -1.42 -4.15 10.46
C ARG A 88 -0.84 -3.05 9.64
N PHE A 89 -1.02 -3.13 8.39
CA PHE A 89 -0.52 -2.14 7.50
C PHE A 89 -1.62 -1.14 7.31
N MET A 90 -1.28 0.05 6.96
CA MET A 90 -2.31 0.96 6.61
C MET A 90 -2.29 1.20 5.16
N ILE A 91 -3.38 0.91 4.57
CA ILE A 91 -3.56 1.07 3.19
C ILE A 91 -4.31 2.35 3.01
N GLY A 92 -3.69 3.27 2.35
CA GLY A 92 -4.31 4.53 2.11
C GLY A 92 -4.73 4.60 0.71
N ARG A 93 -5.97 4.44 0.54
CA ARG A 93 -6.56 4.51 -0.74
C ARG A 93 -7.10 5.88 -0.95
N GLU A 94 -6.37 6.69 -1.64
CA GLU A 94 -6.89 7.94 -2.05
C GLU A 94 -7.71 7.65 -3.29
N ARG A 95 -8.94 7.25 -3.04
CA ARG A 95 -9.87 6.81 -4.06
C ARG A 95 -10.03 7.87 -5.17
N PRO A 96 -10.50 9.09 -4.86
CA PRO A 96 -10.50 10.16 -5.83
C PRO A 96 -9.10 10.79 -5.92
N GLY A 97 -8.76 11.27 -7.08
CA GLY A 97 -7.42 11.77 -7.26
C GLY A 97 -7.38 13.07 -8.02
N GLU A 98 -8.03 14.09 -7.43
CA GLU A 98 -8.15 15.43 -7.99
C GLU A 98 -8.33 15.45 -9.49
N GLN A 99 -9.42 14.86 -9.90
CA GLN A 99 -9.75 14.70 -11.28
C GLN A 99 -11.25 14.98 -11.41
N SER A 100 -11.72 15.82 -10.53
CA SER A 100 -13.12 16.20 -10.48
C SER A 100 -13.32 17.56 -11.13
N GLU A 101 -14.56 17.90 -11.40
CA GLU A 101 -14.89 19.19 -12.02
C GLU A 101 -15.54 20.10 -11.00
N VAL A 102 -15.63 19.61 -9.80
CA VAL A 102 -16.26 20.34 -8.74
C VAL A 102 -15.27 21.27 -8.04
N ALA A 103 -15.28 22.49 -8.51
CA ALA A 103 -14.49 23.56 -7.98
C ALA A 103 -15.20 24.84 -8.32
N GLN A 104 -15.43 25.66 -7.30
CA GLN A 104 -16.15 26.94 -7.44
C GLN A 104 -17.56 26.72 -7.97
N LEU A 105 -18.45 26.43 -7.08
CA LEU A 105 -19.83 26.14 -7.40
C LEU A 105 -20.67 26.80 -6.34
N ILE A 106 -21.96 26.67 -6.42
CA ILE A 106 -22.81 27.15 -5.37
C ILE A 106 -22.94 26.04 -4.37
N GLN A 107 -23.71 25.03 -4.76
CA GLN A 107 -24.02 23.83 -3.99
C GLN A 107 -24.48 24.15 -2.57
N GLN A 108 -23.53 24.28 -1.64
CA GLN A 108 -23.79 24.50 -0.23
C GLN A 108 -24.69 23.40 0.32
N THR A 109 -24.06 22.35 0.78
CA THR A 109 -24.70 21.18 1.18
C THR A 109 -24.30 20.87 2.60
N LEU A 110 -24.73 19.76 3.05
CA LEU A 110 -24.46 19.28 4.34
C LEU A 110 -23.37 18.23 4.28
N GLU A 111 -22.18 18.64 4.69
CA GLU A 111 -20.99 17.80 4.76
C GLU A 111 -20.52 17.38 3.36
N GLN A 112 -19.55 18.08 2.84
CA GLN A 112 -19.00 17.79 1.53
C GLN A 112 -17.63 17.17 1.68
N GLU A 113 -16.87 17.75 2.57
CA GLU A 113 -15.55 17.33 2.88
C GLU A 113 -15.57 16.03 3.70
N GLY A 1 -10.49 11.75 5.23
CA GLY A 1 -9.51 11.02 4.44
C GLY A 1 -9.45 11.51 3.02
N HIS A 2 -8.57 12.49 2.75
CA HIS A 2 -8.35 12.95 1.36
C HIS A 2 -7.65 11.82 0.67
N MET A 3 -6.71 11.27 1.38
CA MET A 3 -6.07 10.05 1.06
C MET A 3 -6.52 9.12 2.14
N GLU A 4 -6.99 7.97 1.78
CA GLU A 4 -7.51 7.09 2.79
C GLU A 4 -6.42 6.23 3.34
N LEU A 5 -5.87 6.62 4.45
CA LEU A 5 -4.92 5.80 5.13
C LEU A 5 -5.72 4.87 6.03
N PHE A 6 -6.08 3.75 5.49
CA PHE A 6 -6.88 2.77 6.19
C PHE A 6 -6.08 1.54 6.58
N PRO A 7 -6.39 0.95 7.74
CA PRO A 7 -5.69 -0.23 8.21
C PRO A 7 -6.09 -1.50 7.45
N VAL A 8 -5.11 -2.28 7.18
CA VAL A 8 -5.25 -3.57 6.58
C VAL A 8 -4.47 -4.55 7.43
N GLU A 9 -5.09 -5.61 7.86
CA GLU A 9 -4.43 -6.55 8.73
C GLU A 9 -4.13 -7.83 7.98
N LEU A 10 -2.94 -8.35 8.15
CA LEU A 10 -2.56 -9.60 7.54
C LEU A 10 -1.76 -10.40 8.52
N GLU A 11 -1.67 -11.66 8.25
CA GLU A 11 -0.89 -12.55 9.03
C GLU A 11 -0.06 -13.43 8.13
N LYS A 12 0.98 -14.00 8.70
CA LYS A 12 1.90 -14.83 7.97
C LYS A 12 1.33 -16.23 7.74
N ASP A 13 1.49 -16.68 6.55
CA ASP A 13 1.11 -18.01 6.12
C ASP A 13 2.30 -18.94 6.41
N SER A 14 2.17 -20.19 6.11
CA SER A 14 3.24 -21.14 6.27
C SER A 14 4.40 -20.77 5.34
N GLU A 15 4.06 -20.15 4.21
CA GLU A 15 5.05 -19.71 3.26
C GLU A 15 5.46 -18.24 3.55
N GLY A 16 4.73 -17.63 4.46
CA GLY A 16 5.06 -16.27 4.87
C GLY A 16 4.08 -15.26 4.33
N LEU A 17 4.47 -14.60 3.29
CA LEU A 17 3.68 -13.54 2.68
C LEU A 17 2.95 -14.12 1.47
N GLY A 18 2.29 -13.29 0.73
CA GLY A 18 1.61 -13.74 -0.45
C GLY A 18 1.22 -12.62 -1.38
N ILE A 19 2.20 -11.86 -1.81
CA ILE A 19 2.03 -10.71 -2.70
C ILE A 19 3.35 -10.38 -3.29
N SER A 20 3.34 -9.43 -4.12
CA SER A 20 4.50 -8.88 -4.70
C SER A 20 4.29 -7.41 -4.71
N ILE A 21 5.31 -6.67 -4.57
CA ILE A 21 5.22 -5.24 -4.53
C ILE A 21 5.93 -4.65 -5.72
N ILE A 22 5.72 -3.41 -5.98
CA ILE A 22 6.34 -2.75 -7.07
C ILE A 22 6.72 -1.32 -6.67
N GLY A 23 7.91 -0.90 -7.02
CA GLY A 23 8.38 0.41 -6.66
C GLY A 23 8.04 1.44 -7.71
N MET A 24 7.14 2.32 -7.37
CA MET A 24 6.74 3.42 -8.21
C MET A 24 6.80 4.70 -7.40
N GLY A 25 6.44 5.80 -7.98
CA GLY A 25 6.40 7.03 -7.26
C GLY A 25 7.34 8.07 -7.79
N ALA A 26 6.92 9.33 -7.70
CA ALA A 26 7.69 10.47 -8.11
C ALA A 26 7.01 11.71 -7.57
N GLY A 27 7.70 12.82 -7.58
CA GLY A 27 7.12 14.05 -7.15
C GLY A 27 8.11 14.92 -6.42
N ALA A 28 7.68 15.52 -5.34
CA ALA A 28 8.52 16.35 -4.51
C ALA A 28 9.44 15.45 -3.70
N ASP A 29 10.58 15.14 -4.27
CA ASP A 29 11.53 14.23 -3.66
C ASP A 29 12.22 14.82 -2.46
N MET A 30 12.52 16.04 -2.56
CA MET A 30 13.21 16.72 -1.46
C MET A 30 12.21 17.24 -0.43
N GLY A 31 10.94 17.17 -0.77
CA GLY A 31 9.91 17.64 0.13
C GLY A 31 9.15 16.53 0.83
N LEU A 32 8.66 15.57 0.06
CA LEU A 32 7.81 14.52 0.61
C LEU A 32 8.43 13.16 0.41
N GLU A 33 9.12 12.98 -0.74
CA GLU A 33 9.78 11.73 -1.19
C GLU A 33 8.86 10.54 -1.12
N LYS A 34 7.58 10.81 -1.30
CA LYS A 34 6.57 9.79 -1.21
C LYS A 34 6.66 8.84 -2.41
N LEU A 35 7.20 7.70 -2.15
CA LEU A 35 7.30 6.68 -3.12
C LEU A 35 6.17 5.72 -2.92
N GLY A 36 5.78 5.10 -3.96
CA GLY A 36 4.68 4.24 -3.89
C GLY A 36 5.07 2.83 -4.09
N ILE A 37 5.28 2.13 -3.01
CA ILE A 37 5.52 0.72 -3.12
C ILE A 37 4.16 0.06 -3.10
N PHE A 38 3.58 -0.01 -4.27
CA PHE A 38 2.25 -0.52 -4.44
C PHE A 38 2.31 -2.02 -4.53
N VAL A 39 1.18 -2.65 -4.41
CA VAL A 39 1.11 -4.08 -4.59
C VAL A 39 1.11 -4.39 -6.08
N LYS A 40 1.92 -5.32 -6.48
CA LYS A 40 2.05 -5.66 -7.87
C LYS A 40 1.14 -6.83 -8.19
N THR A 41 1.12 -7.81 -7.31
CA THR A 41 0.31 -8.98 -7.50
C THR A 41 0.05 -9.58 -6.13
N VAL A 42 -0.93 -10.44 -6.04
CA VAL A 42 -1.23 -11.12 -4.82
C VAL A 42 -1.06 -12.62 -5.07
N THR A 43 -0.02 -13.17 -4.49
CA THR A 43 0.34 -14.56 -4.68
C THR A 43 -0.72 -15.49 -4.12
N GLU A 44 -1.23 -16.37 -4.98
CA GLU A 44 -2.31 -17.31 -4.69
C GLU A 44 -1.85 -18.33 -3.68
N GLY A 45 -0.59 -18.68 -3.78
CA GLY A 45 0.03 -19.60 -2.88
C GLY A 45 0.56 -18.93 -1.63
N GLY A 46 0.11 -17.72 -1.39
CA GLY A 46 0.57 -17.00 -0.29
C GLY A 46 -0.55 -16.49 0.59
N ALA A 47 -0.13 -15.90 1.68
CA ALA A 47 -1.02 -15.44 2.76
C ALA A 47 -2.08 -14.46 2.31
N ALA A 48 -1.65 -13.37 1.68
CA ALA A 48 -2.54 -12.25 1.36
C ALA A 48 -3.68 -12.61 0.45
N HIS A 49 -3.51 -13.62 -0.37
CA HIS A 49 -4.56 -14.02 -1.29
C HIS A 49 -5.60 -14.83 -0.52
N ARG A 50 -5.10 -15.66 0.38
CA ARG A 50 -5.94 -16.54 1.19
C ARG A 50 -6.68 -15.71 2.23
N ASP A 51 -5.98 -14.75 2.77
CA ASP A 51 -6.52 -13.78 3.67
C ASP A 51 -7.53 -12.88 2.95
N GLY A 52 -7.04 -12.09 2.03
CA GLY A 52 -7.91 -11.28 1.22
C GLY A 52 -7.98 -9.81 1.62
N ARG A 53 -7.20 -9.39 2.62
CA ARG A 53 -7.26 -8.01 3.02
C ARG A 53 -6.44 -7.11 2.11
N ILE A 54 -5.21 -7.50 1.80
CA ILE A 54 -4.42 -6.72 0.83
C ILE A 54 -4.88 -7.03 -0.60
N GLN A 55 -5.19 -6.00 -1.37
CA GLN A 55 -5.56 -6.20 -2.74
C GLN A 55 -4.47 -5.65 -3.67
N VAL A 56 -4.56 -6.00 -4.94
CA VAL A 56 -3.52 -5.73 -5.93
C VAL A 56 -3.39 -4.21 -6.33
N ASN A 57 -4.21 -3.36 -5.77
CA ASN A 57 -4.11 -1.94 -6.10
C ASN A 57 -3.84 -1.13 -4.85
N ASP A 58 -3.43 -1.80 -3.81
CA ASP A 58 -3.18 -1.13 -2.55
C ASP A 58 -1.74 -0.68 -2.44
N LEU A 59 -1.48 0.13 -1.45
CA LEU A 59 -0.18 0.72 -1.22
C LEU A 59 0.23 0.59 0.23
N LEU A 60 1.43 0.16 0.44
CA LEU A 60 1.96 0.03 1.76
C LEU A 60 2.55 1.36 2.21
N VAL A 61 1.80 2.10 2.98
CA VAL A 61 2.24 3.37 3.52
C VAL A 61 3.06 3.16 4.77
N GLU A 62 2.60 2.28 5.60
CA GLU A 62 3.34 1.92 6.77
C GLU A 62 2.89 0.58 7.30
N VAL A 63 3.75 -0.04 8.07
CA VAL A 63 3.50 -1.32 8.66
C VAL A 63 3.09 -1.04 10.13
N ASP A 64 2.92 -2.09 10.92
CA ASP A 64 2.50 -1.97 12.33
C ASP A 64 3.36 -1.00 13.13
N GLY A 65 4.66 -1.10 13.01
CA GLY A 65 5.52 -0.20 13.76
C GLY A 65 6.69 0.34 12.97
N THR A 66 6.44 0.75 11.74
CA THR A 66 7.45 1.35 10.86
C THR A 66 6.73 2.11 9.75
N SER A 67 6.96 3.39 9.68
CA SER A 67 6.30 4.24 8.74
C SER A 67 7.17 4.50 7.49
N LEU A 68 6.57 4.35 6.34
CA LEU A 68 7.25 4.56 5.09
C LEU A 68 7.01 5.96 4.58
N VAL A 69 8.05 6.75 4.51
CA VAL A 69 7.97 8.09 3.93
C VAL A 69 8.06 7.94 2.42
N GLY A 70 8.65 6.85 2.01
CA GLY A 70 8.86 6.56 0.64
C GLY A 70 10.15 5.82 0.50
N VAL A 71 10.13 4.58 0.85
CA VAL A 71 11.32 3.75 0.85
C VAL A 71 11.46 3.01 -0.46
N THR A 72 12.48 2.19 -0.57
CA THR A 72 12.67 1.40 -1.74
C THR A 72 11.82 0.14 -1.64
N GLN A 73 11.65 -0.55 -2.77
CA GLN A 73 10.87 -1.77 -2.82
C GLN A 73 11.53 -2.84 -1.93
N SER A 74 12.84 -2.80 -1.88
CA SER A 74 13.61 -3.73 -1.10
C SER A 74 13.35 -3.49 0.39
N PHE A 75 13.35 -2.22 0.80
CA PHE A 75 13.10 -1.82 2.18
C PHE A 75 11.71 -2.30 2.60
N ALA A 76 10.74 -2.04 1.76
CA ALA A 76 9.37 -2.45 2.01
C ALA A 76 9.27 -3.98 2.15
N ALA A 77 9.94 -4.71 1.27
CA ALA A 77 9.97 -6.18 1.33
C ALA A 77 10.58 -6.64 2.65
N SER A 78 11.58 -5.91 3.10
CA SER A 78 12.28 -6.22 4.32
C SER A 78 11.36 -6.04 5.53
N VAL A 79 10.49 -5.04 5.50
CA VAL A 79 9.69 -4.76 6.66
C VAL A 79 8.58 -5.80 6.79
N LEU A 80 8.09 -6.24 5.65
CA LEU A 80 7.09 -7.28 5.58
C LEU A 80 7.62 -8.61 6.10
N ARG A 81 8.86 -8.93 5.74
CA ARG A 81 9.49 -10.17 6.18
C ARG A 81 9.98 -10.07 7.64
N ASN A 82 10.36 -8.87 8.06
CA ASN A 82 10.86 -8.63 9.41
C ASN A 82 9.73 -8.64 10.46
N THR A 83 8.53 -8.32 10.06
CA THR A 83 7.42 -8.26 11.00
C THR A 83 6.97 -9.64 11.47
N LYS A 84 6.29 -9.65 12.62
CA LYS A 84 5.79 -10.84 13.28
C LYS A 84 4.68 -11.53 12.48
N GLY A 85 4.02 -12.48 13.15
CA GLY A 85 2.95 -13.23 12.59
C GLY A 85 1.84 -12.37 12.06
N ARG A 86 1.36 -11.44 12.85
CA ARG A 86 0.27 -10.61 12.42
C ARG A 86 0.50 -9.16 12.73
N VAL A 87 0.48 -8.37 11.69
CA VAL A 87 0.71 -6.95 11.78
C VAL A 87 -0.27 -6.23 10.88
N ARG A 88 -0.64 -5.05 11.27
CA ARG A 88 -1.47 -4.23 10.44
C ARG A 88 -0.64 -3.31 9.64
N PHE A 89 -1.16 -2.88 8.55
CA PHE A 89 -0.49 -1.94 7.71
C PHE A 89 -1.45 -0.81 7.51
N MET A 90 -0.95 0.29 7.08
CA MET A 90 -1.75 1.37 6.70
C MET A 90 -1.65 1.56 5.22
N ILE A 91 -2.73 1.31 4.55
CA ILE A 91 -2.79 1.41 3.12
C ILE A 91 -3.38 2.76 2.79
N GLY A 92 -2.71 3.48 1.94
CA GLY A 92 -3.19 4.78 1.58
C GLY A 92 -3.71 4.82 0.21
N ARG A 93 -4.96 5.09 0.12
CA ARG A 93 -5.62 5.27 -1.12
C ARG A 93 -5.41 6.67 -1.59
N GLU A 94 -4.78 6.82 -2.68
CA GLU A 94 -4.72 8.11 -3.25
C GLU A 94 -5.65 8.15 -4.44
N ARG A 95 -6.94 8.32 -4.12
CA ARG A 95 -7.96 8.44 -5.13
C ARG A 95 -7.71 9.71 -6.00
N PRO A 96 -7.66 10.95 -5.38
CA PRO A 96 -7.41 12.17 -6.12
C PRO A 96 -5.94 12.35 -6.48
N GLY A 97 -5.72 12.93 -7.61
CA GLY A 97 -4.40 13.14 -8.13
C GLY A 97 -4.49 13.21 -9.61
N GLU A 98 -5.50 13.94 -10.06
CA GLU A 98 -5.88 14.07 -11.43
C GLU A 98 -6.15 12.75 -12.17
N GLN A 99 -6.47 11.73 -11.40
CA GLN A 99 -6.93 10.48 -11.96
C GLN A 99 -8.34 10.76 -12.41
N SER A 100 -9.06 11.45 -11.52
CA SER A 100 -10.40 11.97 -11.69
C SER A 100 -11.49 10.93 -12.03
N GLU A 101 -12.71 11.29 -11.72
CA GLU A 101 -13.86 10.42 -11.93
C GLU A 101 -14.48 10.67 -13.32
N VAL A 102 -13.69 11.21 -14.22
CA VAL A 102 -14.13 11.50 -15.58
C VAL A 102 -14.01 10.23 -16.40
N ALA A 103 -15.01 9.93 -17.21
CA ALA A 103 -14.95 8.76 -18.05
C ALA A 103 -14.71 9.16 -19.50
N GLN A 104 -15.72 9.70 -20.13
CA GLN A 104 -15.62 10.09 -21.54
C GLN A 104 -15.94 11.55 -21.76
N LEU A 105 -15.02 12.39 -21.39
CA LEU A 105 -15.08 13.83 -21.62
C LEU A 105 -13.70 14.25 -21.99
N ILE A 106 -13.56 15.47 -22.43
CA ILE A 106 -12.24 16.03 -22.70
C ILE A 106 -11.65 16.40 -21.36
N GLN A 107 -12.37 17.26 -20.68
CA GLN A 107 -12.08 17.65 -19.35
C GLN A 107 -13.29 18.36 -18.81
N GLN A 108 -13.56 18.16 -17.56
CA GLN A 108 -14.64 18.85 -16.91
C GLN A 108 -14.07 19.89 -15.97
N THR A 109 -13.47 20.90 -16.56
CA THR A 109 -12.82 21.96 -15.82
C THR A 109 -13.86 22.99 -15.40
N LEU A 110 -14.92 23.08 -16.18
CA LEU A 110 -16.02 24.00 -15.95
C LEU A 110 -17.04 23.38 -15.00
N GLU A 111 -16.56 22.53 -14.10
CA GLU A 111 -17.41 21.88 -13.11
C GLU A 111 -18.11 22.93 -12.25
N GLN A 112 -17.33 23.97 -11.85
CA GLN A 112 -17.82 25.12 -11.07
C GLN A 112 -18.45 24.69 -9.74
N GLU A 113 -17.90 23.63 -9.20
CA GLU A 113 -18.30 23.11 -7.92
C GLU A 113 -17.56 23.84 -6.83
N GLY A 1 -10.87 11.91 3.56
CA GLY A 1 -9.52 11.96 3.02
C GLY A 1 -9.52 11.61 1.55
N HIS A 2 -8.50 12.01 0.85
CA HIS A 2 -8.37 11.71 -0.57
C HIS A 2 -7.80 10.30 -0.69
N MET A 3 -6.79 10.05 0.11
CA MET A 3 -6.22 8.75 0.24
C MET A 3 -6.58 8.26 1.61
N GLU A 4 -7.45 7.29 1.66
CA GLU A 4 -7.94 6.78 2.91
C GLU A 4 -6.92 5.88 3.52
N LEU A 5 -6.25 6.38 4.52
CA LEU A 5 -5.27 5.62 5.27
C LEU A 5 -6.00 4.71 6.23
N PHE A 6 -6.28 3.53 5.80
CA PHE A 6 -6.91 2.56 6.64
C PHE A 6 -5.98 1.39 6.93
N PRO A 7 -6.03 0.85 8.15
CA PRO A 7 -5.20 -0.26 8.52
C PRO A 7 -5.68 -1.58 7.93
N VAL A 8 -4.77 -2.25 7.32
CA VAL A 8 -4.98 -3.54 6.74
C VAL A 8 -4.16 -4.50 7.53
N GLU A 9 -4.77 -5.49 8.07
CA GLU A 9 -4.11 -6.40 8.92
C GLU A 9 -3.91 -7.72 8.22
N LEU A 10 -2.72 -8.24 8.28
CA LEU A 10 -2.42 -9.52 7.68
C LEU A 10 -1.79 -10.41 8.71
N GLU A 11 -1.87 -11.66 8.48
CA GLU A 11 -1.25 -12.66 9.28
C GLU A 11 -0.58 -13.64 8.34
N LYS A 12 0.60 -14.06 8.69
CA LYS A 12 1.42 -14.89 7.85
C LYS A 12 0.88 -16.31 7.63
N ASP A 13 1.25 -16.86 6.50
CA ASP A 13 0.98 -18.25 6.11
C ASP A 13 2.21 -19.06 6.55
N SER A 14 2.20 -20.35 6.36
CA SER A 14 3.33 -21.17 6.73
C SER A 14 4.52 -20.90 5.79
N GLU A 15 4.21 -20.50 4.56
CA GLU A 15 5.24 -20.07 3.63
C GLU A 15 5.60 -18.63 3.98
N GLY A 16 4.59 -17.80 4.04
CA GLY A 16 4.76 -16.42 4.38
C GLY A 16 3.76 -15.55 3.69
N LEU A 17 4.16 -14.98 2.59
CA LEU A 17 3.31 -14.11 1.81
C LEU A 17 3.29 -14.55 0.36
N GLY A 18 2.49 -13.89 -0.42
CA GLY A 18 2.37 -14.17 -1.82
C GLY A 18 1.87 -12.96 -2.51
N ILE A 19 2.70 -11.99 -2.54
CA ILE A 19 2.43 -10.70 -3.11
C ILE A 19 3.69 -10.22 -3.73
N SER A 20 3.62 -9.09 -4.26
CA SER A 20 4.73 -8.41 -4.80
C SER A 20 4.40 -6.97 -4.74
N ILE A 21 5.37 -6.15 -4.72
CA ILE A 21 5.19 -4.74 -4.65
C ILE A 21 5.98 -4.11 -5.76
N ILE A 22 5.56 -2.97 -6.19
CA ILE A 22 6.24 -2.28 -7.25
C ILE A 22 6.51 -0.85 -6.81
N GLY A 23 7.72 -0.42 -7.01
CA GLY A 23 8.11 0.87 -6.58
C GLY A 23 8.18 1.84 -7.69
N MET A 24 7.19 2.69 -7.80
CA MET A 24 7.15 3.67 -8.86
C MET A 24 6.94 5.05 -8.29
N GLY A 25 7.61 6.01 -8.84
CA GLY A 25 7.53 7.36 -8.40
C GLY A 25 8.59 8.18 -9.08
N ALA A 26 8.65 9.44 -8.75
CA ALA A 26 9.62 10.36 -9.31
C ALA A 26 10.40 11.01 -8.19
N GLY A 27 10.44 10.33 -7.08
CA GLY A 27 11.13 10.81 -5.92
C GLY A 27 10.23 11.68 -5.08
N ALA A 28 9.99 12.89 -5.59
CA ALA A 28 9.15 13.90 -4.95
C ALA A 28 9.57 14.10 -3.50
N ASP A 29 10.82 14.49 -3.36
CA ASP A 29 11.48 14.63 -2.12
C ASP A 29 10.87 15.68 -1.24
N MET A 30 10.24 16.62 -1.87
CA MET A 30 9.61 17.74 -1.17
C MET A 30 8.44 17.26 -0.32
N GLY A 31 7.84 16.16 -0.71
CA GLY A 31 6.74 15.63 0.01
C GLY A 31 7.14 14.41 0.77
N LEU A 32 8.20 14.54 1.57
CA LEU A 32 8.71 13.48 2.46
C LEU A 32 9.29 12.32 1.65
N GLU A 33 9.82 12.65 0.46
CA GLU A 33 10.32 11.68 -0.53
C GLU A 33 9.36 10.53 -0.72
N LYS A 34 8.22 10.88 -1.24
CA LYS A 34 7.12 9.99 -1.38
C LYS A 34 7.28 9.06 -2.59
N LEU A 35 7.49 7.81 -2.32
CA LEU A 35 7.60 6.80 -3.34
C LEU A 35 6.45 5.85 -3.18
N GLY A 36 5.77 5.59 -4.25
CA GLY A 36 4.63 4.76 -4.18
C GLY A 36 4.99 3.32 -4.36
N ILE A 37 5.24 2.64 -3.26
CA ILE A 37 5.45 1.23 -3.34
C ILE A 37 4.08 0.56 -3.24
N PHE A 38 3.44 0.47 -4.39
CA PHE A 38 2.12 -0.09 -4.48
C PHE A 38 2.24 -1.59 -4.60
N VAL A 39 1.15 -2.28 -4.41
CA VAL A 39 1.16 -3.71 -4.56
C VAL A 39 1.17 -4.05 -6.05
N LYS A 40 2.02 -4.96 -6.42
CA LYS A 40 2.18 -5.34 -7.78
C LYS A 40 1.30 -6.53 -8.08
N THR A 41 1.33 -7.51 -7.20
CA THR A 41 0.50 -8.66 -7.37
C THR A 41 0.23 -9.31 -6.03
N VAL A 42 -0.60 -10.31 -6.04
CA VAL A 42 -1.02 -11.04 -4.89
C VAL A 42 -1.55 -12.40 -5.32
N THR A 43 -0.69 -13.36 -5.20
CA THR A 43 -0.92 -14.70 -5.65
C THR A 43 -1.61 -15.51 -4.54
N GLU A 44 -2.52 -16.40 -4.96
CA GLU A 44 -3.29 -17.27 -4.08
C GLU A 44 -2.42 -18.15 -3.19
N GLY A 45 -1.17 -18.32 -3.58
CA GLY A 45 -0.24 -19.14 -2.86
C GLY A 45 0.23 -18.51 -1.55
N GLY A 46 -0.05 -17.23 -1.36
CA GLY A 46 0.39 -16.59 -0.17
C GLY A 46 -0.73 -16.11 0.69
N ALA A 47 -0.36 -15.74 1.88
CA ALA A 47 -1.29 -15.32 2.94
C ALA A 47 -2.19 -14.18 2.54
N ALA A 48 -1.65 -13.20 1.85
CA ALA A 48 -2.41 -11.99 1.53
C ALA A 48 -3.67 -12.25 0.72
N HIS A 49 -3.59 -13.21 -0.18
CA HIS A 49 -4.72 -13.55 -1.03
C HIS A 49 -5.67 -14.47 -0.25
N ARG A 50 -5.09 -15.38 0.53
CA ARG A 50 -5.84 -16.35 1.32
C ARG A 50 -6.59 -15.68 2.45
N ASP A 51 -5.90 -14.81 3.15
CA ASP A 51 -6.46 -14.04 4.24
C ASP A 51 -7.42 -13.01 3.67
N GLY A 52 -7.05 -12.51 2.52
CA GLY A 52 -7.90 -11.62 1.76
C GLY A 52 -7.88 -10.22 2.27
N ARG A 53 -6.69 -9.72 2.50
CA ARG A 53 -6.57 -8.40 3.05
C ARG A 53 -5.88 -7.44 2.11
N ILE A 54 -4.65 -7.73 1.75
CA ILE A 54 -3.94 -6.87 0.82
C ILE A 54 -4.43 -7.13 -0.59
N GLN A 55 -4.84 -6.08 -1.23
CA GLN A 55 -5.33 -6.13 -2.57
C GLN A 55 -4.22 -5.69 -3.50
N VAL A 56 -4.34 -6.06 -4.75
CA VAL A 56 -3.32 -5.75 -5.76
C VAL A 56 -3.27 -4.22 -6.10
N ASN A 57 -4.18 -3.48 -5.55
CA ASN A 57 -4.28 -2.06 -5.84
C ASN A 57 -3.94 -1.23 -4.61
N ASP A 58 -3.42 -1.89 -3.59
CA ASP A 58 -3.10 -1.21 -2.34
C ASP A 58 -1.73 -0.56 -2.37
N LEU A 59 -1.42 0.14 -1.29
CA LEU A 59 -0.17 0.87 -1.15
C LEU A 59 0.29 0.79 0.28
N LEU A 60 1.54 0.45 0.46
CA LEU A 60 2.11 0.35 1.77
C LEU A 60 2.65 1.73 2.19
N VAL A 61 1.86 2.44 2.97
CA VAL A 61 2.27 3.74 3.48
C VAL A 61 3.13 3.59 4.71
N GLU A 62 2.76 2.69 5.52
CA GLU A 62 3.51 2.30 6.67
C GLU A 62 3.12 0.91 7.09
N VAL A 63 3.99 0.26 7.83
CA VAL A 63 3.76 -1.06 8.33
C VAL A 63 3.35 -0.88 9.81
N ASP A 64 3.19 -1.96 10.55
CA ASP A 64 2.81 -1.91 11.96
C ASP A 64 3.75 -1.04 12.81
N GLY A 65 5.04 -1.38 12.83
CA GLY A 65 5.97 -0.65 13.67
C GLY A 65 7.10 0.03 12.91
N THR A 66 6.82 0.49 11.71
CA THR A 66 7.81 1.19 10.88
C THR A 66 7.06 2.00 9.80
N SER A 67 7.34 3.25 9.67
CA SER A 67 6.68 4.07 8.70
C SER A 67 7.47 4.14 7.40
N LEU A 68 6.76 4.03 6.30
CA LEU A 68 7.37 4.09 5.01
C LEU A 68 7.36 5.48 4.46
N VAL A 69 6.18 5.89 3.96
CA VAL A 69 5.95 7.17 3.27
C VAL A 69 6.63 7.20 1.88
N GLY A 70 7.72 6.47 1.77
CA GLY A 70 8.47 6.45 0.58
C GLY A 70 9.80 5.85 0.84
N VAL A 71 9.87 4.58 0.71
CA VAL A 71 11.08 3.84 0.83
C VAL A 71 11.35 3.16 -0.49
N THR A 72 12.39 2.41 -0.58
CA THR A 72 12.67 1.70 -1.79
C THR A 72 11.81 0.42 -1.83
N GLN A 73 11.67 -0.14 -3.02
CA GLN A 73 10.85 -1.33 -3.23
C GLN A 73 11.38 -2.50 -2.39
N SER A 74 12.69 -2.55 -2.24
CA SER A 74 13.33 -3.60 -1.48
C SER A 74 13.12 -3.40 0.02
N PHE A 75 13.13 -2.14 0.45
CA PHE A 75 12.96 -1.77 1.85
C PHE A 75 11.57 -2.21 2.31
N ALA A 76 10.58 -1.91 1.49
CA ALA A 76 9.21 -2.26 1.79
C ALA A 76 9.02 -3.79 1.86
N ALA A 77 9.70 -4.51 0.97
CA ALA A 77 9.62 -5.97 0.97
C ALA A 77 10.26 -6.53 2.25
N SER A 78 11.33 -5.90 2.65
CA SER A 78 12.07 -6.25 3.82
C SER A 78 11.22 -6.06 5.09
N VAL A 79 10.43 -5.00 5.14
CA VAL A 79 9.73 -4.63 6.34
C VAL A 79 8.61 -5.64 6.63
N LEU A 80 8.11 -6.23 5.57
CA LEU A 80 7.06 -7.25 5.62
C LEU A 80 7.60 -8.57 6.18
N ARG A 81 8.89 -8.65 6.37
CA ARG A 81 9.51 -9.83 6.92
C ARG A 81 10.18 -9.56 8.28
N ASN A 82 10.40 -8.29 8.56
CA ASN A 82 11.03 -7.85 9.82
C ASN A 82 9.99 -7.64 10.90
N THR A 83 8.76 -7.72 10.52
CA THR A 83 7.64 -7.53 11.38
C THR A 83 7.19 -8.81 12.11
N LYS A 84 6.09 -8.69 12.84
CA LYS A 84 5.50 -9.76 13.59
C LYS A 84 4.71 -10.71 12.70
N GLY A 85 4.00 -11.62 13.33
CA GLY A 85 3.20 -12.61 12.63
C GLY A 85 1.94 -12.02 12.05
N ARG A 86 1.33 -11.12 12.81
CA ARG A 86 0.16 -10.41 12.38
C ARG A 86 0.39 -8.91 12.56
N VAL A 87 0.34 -8.19 11.46
CA VAL A 87 0.64 -6.76 11.48
C VAL A 87 -0.35 -5.96 10.68
N ARG A 88 -0.47 -4.70 11.05
CA ARG A 88 -1.36 -3.78 10.37
C ARG A 88 -0.56 -2.78 9.61
N PHE A 89 -0.87 -2.66 8.36
CA PHE A 89 -0.23 -1.72 7.52
C PHE A 89 -1.22 -0.61 7.28
N MET A 90 -0.75 0.56 6.98
CA MET A 90 -1.64 1.62 6.61
C MET A 90 -1.69 1.73 5.13
N ILE A 91 -2.79 1.36 4.58
CA ILE A 91 -3.01 1.41 3.17
C ILE A 91 -3.77 2.66 2.84
N GLY A 92 -3.16 3.49 2.03
CA GLY A 92 -3.82 4.66 1.57
C GLY A 92 -4.50 4.35 0.30
N ARG A 93 -5.79 4.37 0.37
CA ARG A 93 -6.61 4.07 -0.75
C ARG A 93 -6.52 5.13 -1.80
N GLU A 94 -5.97 4.75 -2.92
CA GLU A 94 -6.00 5.56 -4.08
C GLU A 94 -7.38 5.38 -4.69
N ARG A 95 -8.33 6.12 -4.16
CA ARG A 95 -9.69 6.10 -4.64
C ARG A 95 -9.80 6.51 -6.14
N PRO A 96 -9.33 7.72 -6.53
CA PRO A 96 -9.36 8.16 -7.93
C PRO A 96 -8.30 7.45 -8.76
N GLY A 97 -8.42 7.57 -10.04
CA GLY A 97 -7.51 6.95 -10.97
C GLY A 97 -7.09 7.94 -11.99
N GLU A 98 -7.27 9.20 -11.65
CA GLU A 98 -6.94 10.30 -12.54
C GLU A 98 -5.49 10.66 -12.34
N GLN A 99 -5.00 10.40 -11.15
CA GLN A 99 -3.71 10.85 -10.73
C GLN A 99 -2.60 9.92 -11.17
N SER A 100 -2.75 8.63 -10.87
CA SER A 100 -1.74 7.61 -11.09
C SER A 100 -0.41 7.93 -10.34
N GLU A 101 0.58 7.07 -10.50
CA GLU A 101 1.86 7.25 -9.83
C GLU A 101 2.64 8.33 -10.53
N VAL A 102 2.61 8.17 -11.78
CA VAL A 102 3.33 8.99 -12.72
C VAL A 102 2.64 10.33 -12.93
N ALA A 103 3.44 11.36 -13.04
CA ALA A 103 2.95 12.69 -13.30
C ALA A 103 3.07 13.01 -14.78
N GLN A 104 4.27 13.01 -15.23
CA GLN A 104 4.61 13.27 -16.61
C GLN A 104 6.01 12.79 -16.86
N LEU A 105 6.16 11.83 -17.74
CA LEU A 105 7.46 11.31 -18.06
C LEU A 105 7.84 11.62 -19.48
N ILE A 106 8.82 12.49 -19.61
CA ILE A 106 9.42 12.76 -20.89
C ILE A 106 10.43 11.65 -21.08
N GLN A 107 11.42 11.65 -20.23
CA GLN A 107 12.31 10.54 -20.07
C GLN A 107 11.77 9.80 -18.85
N GLN A 108 11.64 8.50 -18.94
CA GLN A 108 11.02 7.75 -17.86
C GLN A 108 11.90 7.52 -16.67
N THR A 109 12.79 6.60 -16.80
CA THR A 109 13.63 6.18 -15.70
C THR A 109 14.82 7.11 -15.51
N LEU A 110 15.08 7.96 -16.52
CA LEU A 110 16.12 8.99 -16.47
C LEU A 110 17.52 8.38 -16.51
N GLU A 111 17.57 7.13 -16.89
CA GLU A 111 18.79 6.38 -16.93
C GLU A 111 19.26 6.33 -18.38
N GLN A 112 19.29 7.52 -18.98
CA GLN A 112 19.69 7.73 -20.36
C GLN A 112 18.78 6.96 -21.32
N GLU A 113 19.26 5.84 -21.84
CA GLU A 113 18.49 5.00 -22.69
C GLU A 113 19.03 3.58 -22.57
N GLY A 1 -11.95 10.13 3.30
CA GLY A 1 -10.77 10.92 2.92
C GLY A 1 -10.49 10.77 1.46
N HIS A 2 -9.64 11.62 0.91
CA HIS A 2 -9.25 11.49 -0.49
C HIS A 2 -8.42 10.24 -0.64
N MET A 3 -7.42 10.14 0.20
CA MET A 3 -6.63 8.96 0.29
C MET A 3 -7.21 8.11 1.41
N GLU A 4 -7.35 6.86 1.16
CA GLU A 4 -7.92 5.97 2.11
C GLU A 4 -6.85 5.42 2.99
N LEU A 5 -6.70 5.96 4.18
CA LEU A 5 -5.76 5.43 5.14
C LEU A 5 -6.49 4.42 6.00
N PHE A 6 -6.48 3.20 5.60
CA PHE A 6 -7.13 2.17 6.37
C PHE A 6 -6.16 1.09 6.81
N PRO A 7 -6.35 0.55 8.01
CA PRO A 7 -5.52 -0.51 8.52
C PRO A 7 -5.86 -1.85 7.85
N VAL A 8 -4.84 -2.60 7.55
CA VAL A 8 -4.98 -3.89 6.92
C VAL A 8 -4.21 -4.89 7.71
N GLU A 9 -4.87 -5.91 8.14
CA GLU A 9 -4.26 -6.91 8.93
C GLU A 9 -3.99 -8.14 8.08
N LEU A 10 -2.78 -8.62 8.15
CA LEU A 10 -2.40 -9.83 7.47
C LEU A 10 -1.45 -10.61 8.29
N GLU A 11 -1.29 -11.82 7.91
CA GLU A 11 -0.41 -12.73 8.59
C GLU A 11 0.43 -13.51 7.61
N LYS A 12 1.47 -14.11 8.09
CA LYS A 12 2.36 -14.90 7.27
C LYS A 12 1.84 -16.30 7.03
N ASP A 13 2.40 -16.93 6.03
CA ASP A 13 2.15 -18.32 5.71
C ASP A 13 3.43 -19.02 6.03
N SER A 14 3.65 -20.18 5.47
CA SER A 14 4.96 -20.77 5.56
C SER A 14 5.87 -20.01 4.59
N GLU A 15 5.26 -19.42 3.55
CA GLU A 15 5.98 -18.62 2.60
C GLU A 15 6.08 -17.17 3.09
N GLY A 16 4.93 -16.53 3.29
CA GLY A 16 4.93 -15.18 3.77
C GLY A 16 4.20 -14.23 2.83
N LEU A 17 2.88 -14.32 2.86
CA LEU A 17 1.98 -13.48 2.05
C LEU A 17 1.91 -13.94 0.62
N GLY A 18 1.01 -13.35 -0.10
CA GLY A 18 0.81 -13.69 -1.47
C GLY A 18 0.53 -12.47 -2.23
N ILE A 19 1.55 -11.71 -2.46
CA ILE A 19 1.50 -10.45 -3.16
C ILE A 19 2.88 -10.17 -3.68
N SER A 20 3.00 -9.06 -4.28
CA SER A 20 4.23 -8.57 -4.77
C SER A 20 4.13 -7.08 -4.69
N ILE A 21 5.20 -6.43 -4.35
CA ILE A 21 5.21 -4.99 -4.24
C ILE A 21 6.02 -4.37 -5.37
N ILE A 22 5.71 -3.17 -5.74
CA ILE A 22 6.41 -2.49 -6.81
C ILE A 22 6.84 -1.10 -6.34
N GLY A 23 8.07 -0.73 -6.66
CA GLY A 23 8.56 0.56 -6.27
C GLY A 23 8.41 1.57 -7.38
N MET A 24 7.37 2.36 -7.31
CA MET A 24 7.11 3.36 -8.32
C MET A 24 7.32 4.75 -7.75
N GLY A 25 8.07 5.55 -8.46
CA GLY A 25 8.38 6.87 -8.00
C GLY A 25 8.91 7.73 -9.10
N ALA A 26 10.00 8.43 -8.80
CA ALA A 26 10.70 9.34 -9.72
C ALA A 26 9.79 10.50 -10.14
N GLY A 27 8.85 10.80 -9.28
CA GLY A 27 7.93 11.87 -9.54
C GLY A 27 8.08 12.96 -8.53
N ALA A 28 7.58 12.71 -7.35
CA ALA A 28 7.62 13.68 -6.28
C ALA A 28 8.58 13.25 -5.18
N ASP A 29 9.82 13.65 -5.31
CA ASP A 29 10.84 13.38 -4.33
C ASP A 29 10.83 14.45 -3.29
N MET A 30 10.54 15.62 -3.75
CA MET A 30 10.43 16.81 -2.93
C MET A 30 9.12 16.81 -2.16
N GLY A 31 8.37 15.75 -2.32
CA GLY A 31 7.16 15.55 -1.61
C GLY A 31 7.40 14.64 -0.43
N LEU A 32 8.56 14.84 0.23
CA LEU A 32 8.93 14.13 1.47
C LEU A 32 9.27 12.71 1.17
N GLU A 33 9.74 12.48 -0.05
CA GLU A 33 10.09 11.17 -0.55
C GLU A 33 8.96 10.17 -0.48
N LYS A 34 7.74 10.65 -0.62
CA LYS A 34 6.59 9.77 -0.63
C LYS A 34 6.61 8.91 -1.88
N LEU A 35 7.27 7.80 -1.74
CA LEU A 35 7.45 6.85 -2.78
C LEU A 35 6.28 5.93 -2.75
N GLY A 36 6.04 5.29 -3.82
CA GLY A 36 4.93 4.45 -3.91
C GLY A 36 5.32 3.02 -3.97
N ILE A 37 5.44 2.38 -2.82
CA ILE A 37 5.63 0.97 -2.81
C ILE A 37 4.25 0.33 -2.78
N PHE A 38 3.64 0.33 -3.91
CA PHE A 38 2.30 -0.15 -4.08
C PHE A 38 2.34 -1.64 -4.29
N VAL A 39 1.21 -2.25 -4.21
CA VAL A 39 1.10 -3.65 -4.47
C VAL A 39 1.01 -3.87 -5.97
N LYS A 40 1.81 -4.78 -6.46
CA LYS A 40 1.93 -5.04 -7.86
C LYS A 40 0.96 -6.13 -8.29
N THR A 41 0.85 -7.15 -7.46
CA THR A 41 0.02 -8.28 -7.76
C THR A 41 -0.34 -8.96 -6.43
N VAL A 42 -1.36 -9.79 -6.44
CA VAL A 42 -1.78 -10.52 -5.26
C VAL A 42 -1.85 -12.01 -5.63
N THR A 43 -0.77 -12.69 -5.40
CA THR A 43 -0.62 -14.08 -5.74
C THR A 43 -1.46 -14.99 -4.80
N GLU A 44 -2.19 -15.93 -5.40
CA GLU A 44 -3.07 -16.87 -4.68
C GLU A 44 -2.28 -17.88 -3.83
N GLY A 45 -0.97 -17.83 -3.90
CA GLY A 45 -0.16 -18.78 -3.18
C GLY A 45 0.17 -18.33 -1.78
N GLY A 46 -0.38 -17.19 -1.38
CA GLY A 46 -0.12 -16.71 -0.08
C GLY A 46 -1.31 -16.12 0.58
N ALA A 47 -1.12 -15.85 1.85
CA ALA A 47 -2.13 -15.37 2.78
C ALA A 47 -2.90 -14.17 2.33
N ALA A 48 -2.26 -13.28 1.62
CA ALA A 48 -2.92 -12.04 1.24
C ALA A 48 -4.11 -12.27 0.31
N HIS A 49 -3.93 -13.11 -0.70
CA HIS A 49 -5.02 -13.44 -1.61
C HIS A 49 -5.99 -14.38 -0.87
N ARG A 50 -5.43 -15.31 -0.11
CA ARG A 50 -6.19 -16.31 0.64
C ARG A 50 -7.13 -15.66 1.65
N ASP A 51 -6.63 -14.65 2.33
CA ASP A 51 -7.39 -13.92 3.31
C ASP A 51 -8.30 -12.96 2.57
N GLY A 52 -7.71 -12.18 1.69
CA GLY A 52 -8.44 -11.18 0.96
C GLY A 52 -8.29 -9.84 1.62
N ARG A 53 -7.08 -9.52 2.04
CA ARG A 53 -6.83 -8.25 2.72
C ARG A 53 -6.12 -7.27 1.83
N ILE A 54 -4.80 -7.37 1.74
CA ILE A 54 -4.06 -6.49 0.84
C ILE A 54 -4.50 -6.70 -0.62
N GLN A 55 -4.96 -5.65 -1.26
CA GLN A 55 -5.41 -5.71 -2.64
C GLN A 55 -4.35 -5.20 -3.61
N VAL A 56 -4.59 -5.34 -4.90
CA VAL A 56 -3.59 -5.01 -5.94
C VAL A 56 -3.49 -3.49 -6.19
N ASN A 57 -4.28 -2.71 -5.50
CA ASN A 57 -4.25 -1.27 -5.71
C ASN A 57 -3.99 -0.58 -4.39
N ASP A 58 -3.37 -1.32 -3.51
CA ASP A 58 -3.06 -0.86 -2.17
C ASP A 58 -1.64 -0.35 -2.09
N LEU A 59 -1.34 0.34 -1.02
CA LEU A 59 -0.03 0.94 -0.79
C LEU A 59 0.35 0.79 0.65
N LEU A 60 1.55 0.36 0.89
CA LEU A 60 2.06 0.23 2.23
C LEU A 60 2.58 1.59 2.70
N VAL A 61 1.75 2.26 3.48
CA VAL A 61 2.10 3.56 4.06
C VAL A 61 2.88 3.39 5.32
N GLU A 62 2.48 2.47 6.10
CA GLU A 62 3.19 2.10 7.28
C GLU A 62 2.86 0.68 7.63
N VAL A 63 3.76 0.04 8.32
CA VAL A 63 3.59 -1.31 8.76
C VAL A 63 3.16 -1.22 10.25
N ASP A 64 3.10 -2.34 10.94
CA ASP A 64 2.76 -2.41 12.39
C ASP A 64 3.49 -1.34 13.21
N GLY A 65 4.79 -1.31 13.12
CA GLY A 65 5.54 -0.33 13.90
C GLY A 65 6.65 0.37 13.14
N THR A 66 6.40 0.78 11.93
CA THR A 66 7.37 1.52 11.12
C THR A 66 6.63 2.35 10.07
N SER A 67 6.88 3.65 10.09
CA SER A 67 6.23 4.58 9.21
C SER A 67 7.02 4.68 7.90
N LEU A 68 6.36 4.46 6.78
CA LEU A 68 7.02 4.55 5.51
C LEU A 68 6.92 5.95 4.96
N VAL A 69 7.99 6.68 5.14
CA VAL A 69 8.09 8.01 4.57
C VAL A 69 8.20 7.87 3.06
N GLY A 70 8.84 6.80 2.66
CA GLY A 70 9.05 6.52 1.27
C GLY A 70 10.30 5.77 1.13
N VAL A 71 10.27 4.60 1.66
CA VAL A 71 11.40 3.73 1.67
C VAL A 71 11.49 3.00 0.36
N THR A 72 12.54 2.30 0.16
CA THR A 72 12.72 1.58 -1.04
C THR A 72 11.89 0.29 -1.02
N GLN A 73 11.69 -0.31 -2.18
CA GLN A 73 10.92 -1.54 -2.30
C GLN A 73 11.56 -2.66 -1.46
N SER A 74 12.87 -2.65 -1.45
CA SER A 74 13.65 -3.62 -0.70
C SER A 74 13.41 -3.42 0.80
N PHE A 75 13.35 -2.16 1.22
CA PHE A 75 13.14 -1.83 2.61
C PHE A 75 11.75 -2.30 3.03
N ALA A 76 10.76 -1.97 2.20
CA ALA A 76 9.38 -2.37 2.45
C ALA A 76 9.28 -3.89 2.61
N ALA A 77 9.96 -4.63 1.75
CA ALA A 77 9.98 -6.09 1.82
C ALA A 77 10.67 -6.57 3.11
N SER A 78 11.73 -5.89 3.48
CA SER A 78 12.53 -6.24 4.63
C SER A 78 11.80 -5.93 5.95
N VAL A 79 10.94 -4.92 5.96
CA VAL A 79 10.29 -4.54 7.19
C VAL A 79 9.21 -5.55 7.52
N LEU A 80 8.60 -6.06 6.46
CA LEU A 80 7.57 -7.10 6.54
C LEU A 80 8.17 -8.42 7.01
N ARG A 81 9.48 -8.50 7.02
CA ARG A 81 10.16 -9.69 7.46
C ARG A 81 10.77 -9.50 8.83
N ASN A 82 10.70 -8.29 9.32
CA ASN A 82 11.19 -7.98 10.66
C ASN A 82 10.06 -8.01 11.66
N THR A 83 8.88 -7.80 11.15
CA THR A 83 7.67 -7.75 11.95
C THR A 83 7.27 -9.11 12.57
N LYS A 84 6.16 -9.10 13.32
CA LYS A 84 5.59 -10.30 13.90
C LYS A 84 4.94 -11.18 12.83
N GLY A 85 4.22 -12.20 13.28
CA GLY A 85 3.56 -13.11 12.37
C GLY A 85 2.32 -12.48 11.75
N ARG A 86 1.64 -11.68 12.53
CA ARG A 86 0.49 -10.94 12.07
C ARG A 86 0.68 -9.48 12.40
N VAL A 87 0.64 -8.63 11.39
CA VAL A 87 0.84 -7.22 11.57
C VAL A 87 -0.20 -6.42 10.83
N ARG A 88 -0.51 -5.27 11.36
CA ARG A 88 -1.49 -4.42 10.76
C ARG A 88 -0.82 -3.24 10.15
N PHE A 89 -0.98 -3.10 8.89
CA PHE A 89 -0.36 -2.04 8.14
C PHE A 89 -1.38 -0.96 7.95
N MET A 90 -0.95 0.16 7.46
CA MET A 90 -1.86 1.16 6.99
C MET A 90 -1.70 1.29 5.53
N ILE A 91 -2.73 0.98 4.86
CA ILE A 91 -2.78 1.10 3.45
C ILE A 91 -3.37 2.42 3.13
N GLY A 92 -2.64 3.21 2.42
CA GLY A 92 -3.12 4.49 2.01
C GLY A 92 -3.30 4.49 0.55
N ARG A 93 -4.47 4.25 0.17
CA ARG A 93 -4.78 4.15 -1.20
C ARG A 93 -5.30 5.44 -1.73
N GLU A 94 -4.63 6.00 -2.71
CA GLU A 94 -5.18 7.12 -3.38
C GLU A 94 -6.10 6.57 -4.47
N ARG A 95 -7.27 6.17 -4.03
CA ARG A 95 -8.30 5.59 -4.87
C ARG A 95 -8.72 6.54 -6.03
N PRO A 96 -9.28 7.75 -5.74
CA PRO A 96 -9.67 8.68 -6.79
C PRO A 96 -8.48 9.10 -7.62
N GLY A 97 -8.72 9.30 -8.87
CA GLY A 97 -7.70 9.62 -9.79
C GLY A 97 -7.79 8.69 -10.97
N GLU A 98 -7.86 7.40 -10.69
CA GLU A 98 -7.95 6.40 -11.74
C GLU A 98 -9.35 6.36 -12.34
N GLN A 99 -10.34 6.57 -11.51
CA GLN A 99 -11.72 6.44 -11.90
C GLN A 99 -12.18 7.65 -12.68
N SER A 100 -12.34 7.48 -13.96
CA SER A 100 -12.92 8.48 -14.79
C SER A 100 -14.44 8.43 -14.59
N GLU A 101 -15.18 9.25 -15.29
CA GLU A 101 -16.62 9.26 -15.13
C GLU A 101 -17.27 8.15 -15.92
N VAL A 102 -16.84 6.96 -15.65
CA VAL A 102 -17.38 5.79 -16.25
C VAL A 102 -18.42 5.20 -15.31
N ALA A 103 -19.64 5.25 -15.72
CA ALA A 103 -20.78 4.81 -14.95
C ALA A 103 -21.50 3.73 -15.73
N GLN A 104 -20.71 2.96 -16.46
CA GLN A 104 -21.16 1.91 -17.36
C GLN A 104 -21.62 2.51 -18.67
N LEU A 105 -20.93 2.15 -19.71
CA LEU A 105 -21.14 2.67 -21.03
C LEU A 105 -22.22 1.87 -21.75
N ILE A 106 -22.51 2.25 -22.98
CA ILE A 106 -23.48 1.54 -23.79
C ILE A 106 -22.85 0.23 -24.24
N GLN A 107 -21.73 0.34 -24.90
CA GLN A 107 -20.98 -0.80 -25.33
C GLN A 107 -19.51 -0.54 -25.10
N GLN A 108 -18.87 -1.42 -24.38
CA GLN A 108 -17.46 -1.26 -24.13
C GLN A 108 -16.74 -1.92 -25.31
N THR A 109 -16.42 -1.11 -26.30
CA THR A 109 -15.91 -1.57 -27.58
C THR A 109 -14.52 -2.25 -27.51
N LEU A 110 -13.79 -2.05 -26.43
CA LEU A 110 -12.48 -2.68 -26.27
C LEU A 110 -12.53 -3.79 -25.23
N GLU A 111 -13.76 -4.18 -24.85
CA GLU A 111 -14.03 -5.18 -23.82
C GLU A 111 -13.53 -4.71 -22.45
N GLN A 112 -12.27 -4.99 -22.16
CA GLN A 112 -11.59 -4.60 -20.93
C GLN A 112 -10.12 -4.73 -21.19
N GLU A 113 -9.33 -3.99 -20.47
CA GLU A 113 -7.91 -4.07 -20.61
C GLU A 113 -7.31 -4.49 -19.28
N GLY A 1 -11.93 9.08 -1.06
CA GLY A 1 -11.27 9.93 -2.04
C GLY A 1 -9.97 10.43 -1.51
N HIS A 2 -9.10 10.87 -2.41
CA HIS A 2 -7.78 11.42 -2.08
C HIS A 2 -6.88 10.34 -1.49
N MET A 3 -5.80 10.74 -0.85
CA MET A 3 -4.91 9.78 -0.23
C MET A 3 -5.47 9.28 1.06
N GLU A 4 -6.12 8.15 1.00
CA GLU A 4 -6.73 7.55 2.16
C GLU A 4 -5.71 6.73 2.87
N LEU A 5 -5.25 7.21 3.98
CA LEU A 5 -4.35 6.48 4.82
C LEU A 5 -5.18 5.61 5.74
N PHE A 6 -5.39 4.41 5.32
CA PHE A 6 -6.14 3.47 6.10
C PHE A 6 -5.31 2.26 6.54
N PRO A 7 -5.51 1.79 7.75
CA PRO A 7 -4.81 0.63 8.26
C PRO A 7 -5.38 -0.69 7.75
N VAL A 8 -4.50 -1.58 7.39
CA VAL A 8 -4.83 -2.91 6.94
C VAL A 8 -4.06 -3.89 7.81
N GLU A 9 -4.65 -5.01 8.16
CA GLU A 9 -3.96 -5.97 9.00
C GLU A 9 -3.99 -7.36 8.36
N LEU A 10 -2.84 -7.93 8.15
CA LEU A 10 -2.75 -9.26 7.59
C LEU A 10 -2.21 -10.24 8.56
N GLU A 11 -2.41 -11.45 8.23
CA GLU A 11 -1.87 -12.55 8.95
C GLU A 11 -1.10 -13.38 7.96
N LYS A 12 -0.03 -13.98 8.37
CA LYS A 12 0.73 -14.77 7.47
C LYS A 12 0.25 -16.20 7.50
N ASP A 13 0.64 -16.91 6.51
CA ASP A 13 0.34 -18.29 6.37
C ASP A 13 1.65 -19.03 6.55
N SER A 14 1.67 -20.34 6.45
CA SER A 14 2.91 -21.08 6.54
C SER A 14 3.74 -20.79 5.29
N GLU A 15 3.05 -20.43 4.22
CA GLU A 15 3.68 -20.11 2.97
C GLU A 15 4.07 -18.60 2.97
N GLY A 16 3.80 -17.95 4.08
CA GLY A 16 4.12 -16.55 4.22
C GLY A 16 2.98 -15.68 3.77
N LEU A 17 3.30 -14.63 3.09
CA LEU A 17 2.32 -13.73 2.56
C LEU A 17 2.02 -14.11 1.13
N GLY A 18 1.18 -13.36 0.49
CA GLY A 18 0.83 -13.68 -0.87
C GLY A 18 0.75 -12.49 -1.73
N ILE A 19 1.83 -11.77 -1.79
CA ILE A 19 1.94 -10.53 -2.54
C ILE A 19 3.34 -10.34 -3.01
N SER A 20 3.53 -9.29 -3.69
CA SER A 20 4.78 -8.84 -4.18
C SER A 20 4.67 -7.36 -4.25
N ILE A 21 5.75 -6.68 -4.30
CA ILE A 21 5.72 -5.24 -4.31
C ILE A 21 6.59 -4.72 -5.43
N ILE A 22 6.38 -3.50 -5.82
CA ILE A 22 7.13 -2.90 -6.89
C ILE A 22 7.53 -1.47 -6.53
N GLY A 23 8.78 -1.14 -6.81
CA GLY A 23 9.31 0.17 -6.49
C GLY A 23 8.98 1.19 -7.53
N MET A 24 7.97 1.96 -7.27
CA MET A 24 7.54 3.01 -8.17
C MET A 24 7.79 4.34 -7.50
N GLY A 25 7.54 5.40 -8.21
CA GLY A 25 7.62 6.71 -7.62
C GLY A 25 6.31 7.03 -6.92
N ALA A 26 6.28 8.10 -6.18
CA ALA A 26 5.08 8.48 -5.49
C ALA A 26 4.69 9.88 -5.88
N GLY A 27 3.47 10.25 -5.57
CA GLY A 27 3.01 11.57 -5.90
C GLY A 27 3.43 12.63 -4.90
N ALA A 28 3.61 12.23 -3.66
CA ALA A 28 3.93 13.15 -2.54
C ALA A 28 5.36 13.75 -2.60
N ASP A 29 5.65 14.36 -3.71
CA ASP A 29 6.95 14.99 -3.96
C ASP A 29 7.07 16.26 -3.19
N MET A 30 5.95 16.91 -3.05
CA MET A 30 5.88 18.20 -2.36
C MET A 30 6.35 18.09 -0.92
N GLY A 31 6.07 16.96 -0.30
CA GLY A 31 6.38 16.80 1.08
C GLY A 31 7.56 15.92 1.35
N LEU A 32 7.59 14.73 0.75
CA LEU A 32 8.63 13.80 1.12
C LEU A 32 9.55 13.40 -0.01
N GLU A 33 9.20 13.77 -1.27
CA GLU A 33 9.97 13.39 -2.47
C GLU A 33 10.16 11.86 -2.46
N LYS A 34 9.10 11.20 -2.10
CA LYS A 34 9.13 9.80 -1.77
C LYS A 34 8.88 8.88 -2.94
N LEU A 35 9.06 7.62 -2.66
CA LEU A 35 8.82 6.56 -3.58
C LEU A 35 7.57 5.84 -3.12
N GLY A 36 6.99 5.11 -3.99
CA GLY A 36 5.78 4.42 -3.69
C GLY A 36 5.95 2.96 -3.95
N ILE A 37 6.13 2.20 -2.91
CA ILE A 37 6.25 0.79 -3.08
C ILE A 37 4.85 0.17 -3.04
N PHE A 38 4.26 0.10 -4.20
CA PHE A 38 2.92 -0.43 -4.35
C PHE A 38 2.98 -1.93 -4.45
N VAL A 39 1.86 -2.55 -4.26
CA VAL A 39 1.76 -3.98 -4.42
C VAL A 39 1.83 -4.31 -5.90
N LYS A 40 2.66 -5.25 -6.22
CA LYS A 40 2.90 -5.64 -7.57
C LYS A 40 1.95 -6.74 -7.98
N THR A 41 1.85 -7.74 -7.14
CA THR A 41 1.03 -8.87 -7.42
C THR A 41 0.54 -9.43 -6.10
N VAL A 42 -0.48 -10.24 -6.15
CA VAL A 42 -1.03 -10.89 -5.00
C VAL A 42 -1.37 -12.35 -5.34
N THR A 43 -0.41 -13.19 -5.05
CA THR A 43 -0.41 -14.58 -5.40
C THR A 43 -1.36 -15.42 -4.52
N GLU A 44 -2.20 -16.24 -5.20
CA GLU A 44 -3.18 -17.14 -4.55
C GLU A 44 -2.55 -18.12 -3.58
N GLY A 45 -1.28 -18.39 -3.78
CA GLY A 45 -0.58 -19.33 -2.97
C GLY A 45 -0.15 -18.76 -1.62
N GLY A 46 -0.45 -17.49 -1.39
CA GLY A 46 -0.09 -16.90 -0.15
C GLY A 46 -1.28 -16.33 0.60
N ALA A 47 -1.02 -15.96 1.82
CA ALA A 47 -2.04 -15.51 2.77
C ALA A 47 -2.82 -14.28 2.32
N ALA A 48 -2.14 -13.33 1.70
CA ALA A 48 -2.77 -12.06 1.37
C ALA A 48 -3.91 -12.20 0.38
N HIS A 49 -3.73 -13.07 -0.61
CA HIS A 49 -4.76 -13.30 -1.59
C HIS A 49 -5.88 -14.09 -0.95
N ARG A 50 -5.51 -15.12 -0.20
CA ARG A 50 -6.48 -16.00 0.43
C ARG A 50 -7.35 -15.25 1.40
N ASP A 51 -6.73 -14.42 2.22
CA ASP A 51 -7.47 -13.61 3.15
C ASP A 51 -8.29 -12.61 2.36
N GLY A 52 -7.62 -11.91 1.46
CA GLY A 52 -8.26 -10.92 0.63
C GLY A 52 -8.07 -9.60 1.27
N ARG A 53 -6.90 -9.43 1.80
CA ARG A 53 -6.62 -8.30 2.62
C ARG A 53 -5.88 -7.24 1.83
N ILE A 54 -4.62 -7.50 1.54
CA ILE A 54 -3.86 -6.59 0.71
C ILE A 54 -4.16 -6.91 -0.76
N GLN A 55 -4.59 -5.93 -1.50
CA GLN A 55 -4.94 -6.12 -2.89
C GLN A 55 -3.79 -5.64 -3.79
N VAL A 56 -3.88 -5.96 -5.06
CA VAL A 56 -2.82 -5.70 -6.05
C VAL A 56 -2.58 -4.17 -6.31
N ASN A 57 -3.35 -3.32 -5.69
CA ASN A 57 -3.18 -1.89 -5.93
C ASN A 57 -3.01 -1.14 -4.62
N ASP A 58 -2.64 -1.85 -3.57
CA ASP A 58 -2.39 -1.19 -2.30
C ASP A 58 -0.99 -0.66 -2.25
N LEU A 59 -0.71 0.16 -1.27
CA LEU A 59 0.56 0.80 -1.14
C LEU A 59 1.02 0.75 0.29
N LEU A 60 2.23 0.27 0.49
CA LEU A 60 2.79 0.19 1.80
C LEU A 60 3.37 1.56 2.19
N VAL A 61 2.55 2.36 2.83
CA VAL A 61 2.98 3.64 3.33
C VAL A 61 3.82 3.46 4.56
N GLU A 62 3.41 2.53 5.37
CA GLU A 62 4.18 2.09 6.48
C GLU A 62 3.66 0.80 6.99
N VAL A 63 4.49 0.10 7.72
CA VAL A 63 4.14 -1.17 8.28
C VAL A 63 3.71 -0.90 9.73
N ASP A 64 3.30 -1.93 10.43
CA ASP A 64 2.76 -1.88 11.80
C ASP A 64 3.54 -0.96 12.72
N GLY A 65 4.82 -1.16 12.80
CA GLY A 65 5.62 -0.33 13.65
C GLY A 65 6.89 0.18 12.99
N THR A 66 6.79 0.61 11.76
CA THR A 66 7.91 1.22 11.04
C THR A 66 7.38 2.11 9.90
N SER A 67 7.62 3.40 10.01
CA SER A 67 7.14 4.37 9.06
C SER A 67 8.03 4.47 7.83
N LEU A 68 7.51 4.04 6.71
CA LEU A 68 8.17 4.12 5.44
C LEU A 68 8.04 5.52 4.88
N VAL A 69 9.12 6.25 4.84
CA VAL A 69 9.10 7.59 4.27
C VAL A 69 9.05 7.48 2.75
N GLY A 70 9.54 6.37 2.24
CA GLY A 70 9.62 6.15 0.84
C GLY A 70 10.89 5.42 0.54
N VAL A 71 10.94 4.23 1.05
CA VAL A 71 12.10 3.37 0.95
C VAL A 71 12.12 2.65 -0.39
N THR A 72 13.10 1.83 -0.60
CA THR A 72 13.19 1.08 -1.80
C THR A 72 12.33 -0.19 -1.72
N GLN A 73 12.10 -0.82 -2.87
CA GLN A 73 11.29 -2.02 -2.97
C GLN A 73 11.87 -3.14 -2.11
N SER A 74 13.18 -3.26 -2.16
CA SER A 74 13.90 -4.28 -1.43
C SER A 74 13.78 -4.03 0.08
N PHE A 75 13.85 -2.76 0.46
CA PHE A 75 13.77 -2.35 1.85
C PHE A 75 12.40 -2.73 2.40
N ALA A 76 11.35 -2.36 1.68
CA ALA A 76 9.99 -2.68 2.07
C ALA A 76 9.76 -4.20 2.13
N ALA A 77 10.38 -4.93 1.20
CA ALA A 77 10.27 -6.39 1.17
C ALA A 77 10.88 -6.99 2.44
N SER A 78 11.86 -6.31 2.96
CA SER A 78 12.56 -6.75 4.13
C SER A 78 11.80 -6.38 5.41
N VAL A 79 11.01 -5.31 5.37
CA VAL A 79 10.32 -4.86 6.58
C VAL A 79 9.20 -5.83 6.93
N LEU A 80 8.64 -6.43 5.89
CA LEU A 80 7.60 -7.44 6.01
C LEU A 80 8.15 -8.73 6.64
N ARG A 81 9.45 -8.86 6.64
CA ARG A 81 10.09 -10.00 7.26
C ARG A 81 10.62 -9.63 8.63
N ASN A 82 10.57 -8.35 8.95
CA ASN A 82 10.97 -7.84 10.26
C ASN A 82 9.78 -7.84 11.19
N THR A 83 8.63 -7.97 10.61
CA THR A 83 7.42 -8.00 11.33
C THR A 83 7.01 -9.43 11.68
N LYS A 84 6.05 -9.53 12.58
CA LYS A 84 5.49 -10.78 12.99
C LYS A 84 4.53 -11.38 11.97
N GLY A 85 3.79 -12.39 12.41
CA GLY A 85 2.84 -13.07 11.57
C GLY A 85 1.52 -12.35 11.48
N ARG A 86 1.32 -11.41 12.34
CA ARG A 86 0.14 -10.58 12.31
C ARG A 86 0.58 -9.16 12.58
N VAL A 87 0.39 -8.31 11.61
CA VAL A 87 0.77 -6.91 11.70
C VAL A 87 -0.16 -6.06 10.90
N ARG A 88 -0.20 -4.82 11.26
CA ARG A 88 -0.96 -3.85 10.59
C ARG A 88 -0.07 -3.13 9.62
N PHE A 89 -0.63 -2.34 8.78
CA PHE A 89 0.09 -1.52 7.86
C PHE A 89 -0.78 -0.33 7.63
N MET A 90 -0.23 0.72 7.12
CA MET A 90 -1.03 1.81 6.68
C MET A 90 -0.90 2.00 5.21
N ILE A 91 -2.00 1.77 4.56
CA ILE A 91 -2.11 1.81 3.14
C ILE A 91 -2.64 3.16 2.75
N GLY A 92 -1.95 3.81 1.86
CA GLY A 92 -2.40 5.07 1.38
C GLY A 92 -2.90 4.93 0.01
N ARG A 93 -4.14 5.21 -0.15
CA ARG A 93 -4.76 5.14 -1.43
C ARG A 93 -4.32 6.29 -2.29
N GLU A 94 -3.28 6.08 -3.04
CA GLU A 94 -2.88 7.04 -4.02
C GLU A 94 -3.69 6.76 -5.26
N ARG A 95 -4.93 7.12 -5.16
CA ARG A 95 -5.87 6.97 -6.22
C ARG A 95 -5.73 8.12 -7.25
N PRO A 96 -5.87 9.41 -6.81
CA PRO A 96 -5.72 10.54 -7.69
C PRO A 96 -4.29 11.04 -7.83
N GLY A 97 -4.08 11.81 -8.85
CA GLY A 97 -2.83 12.46 -9.09
C GLY A 97 -3.10 13.87 -9.50
N GLU A 98 -3.53 14.05 -10.74
CA GLU A 98 -3.90 15.35 -11.23
C GLU A 98 -5.34 15.70 -10.82
N GLN A 99 -5.49 15.89 -9.53
CA GLN A 99 -6.67 16.29 -8.85
C GLN A 99 -6.24 17.25 -7.76
N SER A 100 -7.08 17.46 -6.76
CA SER A 100 -6.73 18.30 -5.64
C SER A 100 -5.53 17.72 -4.90
N GLU A 101 -4.85 18.58 -4.16
CA GLU A 101 -3.58 18.29 -3.54
C GLU A 101 -2.60 18.00 -4.65
N VAL A 102 -2.17 19.06 -5.28
CA VAL A 102 -1.34 18.98 -6.44
C VAL A 102 0.08 18.54 -6.13
N ALA A 103 0.27 17.26 -6.09
CA ALA A 103 1.52 16.68 -5.74
C ALA A 103 2.10 15.90 -6.90
N GLN A 104 3.18 16.44 -7.48
CA GLN A 104 3.93 15.84 -8.58
C GLN A 104 3.05 15.53 -9.80
N LEU A 105 2.88 16.51 -10.64
CA LEU A 105 2.13 16.31 -11.84
C LEU A 105 3.11 16.21 -12.98
N ILE A 106 2.73 15.54 -14.03
CA ILE A 106 3.62 15.35 -15.14
C ILE A 106 3.63 16.59 -16.04
N GLN A 107 2.57 16.74 -16.84
CA GLN A 107 2.43 17.79 -17.84
C GLN A 107 3.59 17.76 -18.83
N GLN A 108 3.32 17.22 -19.97
CA GLN A 108 4.32 17.09 -20.99
C GLN A 108 4.21 18.27 -21.99
N THR A 109 3.29 19.15 -21.72
CA THR A 109 3.06 20.26 -22.62
C THR A 109 3.43 21.60 -21.96
N LEU A 110 3.37 22.68 -22.75
CA LEU A 110 3.69 24.05 -22.35
C LEU A 110 5.13 24.18 -21.86
N GLU A 111 5.33 24.09 -20.56
CA GLU A 111 6.63 24.10 -20.00
C GLU A 111 7.20 22.70 -20.05
N GLN A 112 7.67 22.35 -21.21
CA GLN A 112 8.18 21.03 -21.50
C GLN A 112 9.69 21.05 -21.60
N GLU A 113 10.28 22.04 -20.99
CA GLU A 113 11.71 22.17 -20.90
C GLU A 113 12.11 21.64 -19.54
N GLY A 1 -12.72 13.37 -1.80
CA GLY A 1 -12.37 11.97 -1.89
C GLY A 1 -11.35 11.60 -0.86
N HIS A 2 -10.09 11.79 -1.22
CA HIS A 2 -8.93 11.50 -0.38
C HIS A 2 -8.64 10.03 -0.31
N MET A 3 -7.42 9.72 -0.01
CA MET A 3 -7.01 8.37 0.11
C MET A 3 -7.54 7.80 1.38
N GLU A 4 -8.17 6.66 1.29
CA GLU A 4 -8.75 6.01 2.42
C GLU A 4 -7.63 5.37 3.20
N LEU A 5 -7.24 6.00 4.28
CA LEU A 5 -6.20 5.47 5.12
C LEU A 5 -6.83 4.50 6.13
N PHE A 6 -7.00 3.28 5.70
CA PHE A 6 -7.60 2.27 6.56
C PHE A 6 -6.59 1.17 6.93
N PRO A 7 -6.66 0.67 8.16
CA PRO A 7 -5.78 -0.39 8.60
C PRO A 7 -6.21 -1.78 8.13
N VAL A 8 -5.25 -2.48 7.60
CA VAL A 8 -5.43 -3.83 7.12
C VAL A 8 -4.50 -4.73 7.91
N GLU A 9 -4.94 -5.91 8.26
CA GLU A 9 -4.12 -6.84 9.03
C GLU A 9 -4.10 -8.19 8.34
N LEU A 10 -2.95 -8.84 8.31
CA LEU A 10 -2.80 -10.13 7.67
C LEU A 10 -1.85 -11.03 8.39
N GLU A 11 -2.02 -12.29 8.15
CA GLU A 11 -1.20 -13.36 8.67
C GLU A 11 -0.16 -13.68 7.63
N LYS A 12 1.09 -13.81 8.02
CA LYS A 12 2.07 -14.24 7.08
C LYS A 12 1.99 -15.77 6.97
N ASP A 13 2.03 -16.25 5.76
CA ASP A 13 1.84 -17.65 5.50
C ASP A 13 3.12 -18.46 5.61
N SER A 14 3.02 -19.74 5.34
CA SER A 14 4.12 -20.68 5.48
C SER A 14 5.22 -20.44 4.46
N GLU A 15 4.87 -19.87 3.32
CA GLU A 15 5.85 -19.53 2.31
C GLU A 15 6.47 -18.21 2.71
N GLY A 16 5.61 -17.30 3.06
CA GLY A 16 6.02 -16.01 3.51
C GLY A 16 4.84 -15.12 3.57
N LEU A 17 4.52 -14.53 2.47
CA LEU A 17 3.36 -13.72 2.34
C LEU A 17 3.11 -13.54 0.85
N GLY A 18 2.07 -14.19 0.38
CA GLY A 18 1.71 -14.28 -1.04
C GLY A 18 1.26 -12.99 -1.67
N ILE A 19 2.12 -12.06 -1.63
CA ILE A 19 1.99 -10.78 -2.30
C ILE A 19 3.36 -10.36 -2.74
N SER A 20 3.42 -9.23 -3.31
CA SER A 20 4.65 -8.63 -3.77
C SER A 20 4.41 -7.14 -3.85
N ILE A 21 5.45 -6.36 -3.87
CA ILE A 21 5.34 -4.92 -3.93
C ILE A 21 6.11 -4.39 -5.13
N ILE A 22 5.68 -3.26 -5.62
CA ILE A 22 6.34 -2.63 -6.73
C ILE A 22 6.45 -1.13 -6.47
N GLY A 23 7.60 -0.59 -6.74
CA GLY A 23 7.83 0.80 -6.53
C GLY A 23 7.43 1.63 -7.69
N MET A 24 6.32 2.28 -7.59
CA MET A 24 5.85 3.18 -8.61
C MET A 24 6.03 4.58 -8.12
N GLY A 25 6.85 5.32 -8.78
CA GLY A 25 7.06 6.66 -8.41
C GLY A 25 8.50 7.03 -8.43
N ALA A 26 8.75 8.27 -8.66
CA ALA A 26 10.05 8.85 -8.63
C ALA A 26 9.91 10.23 -8.06
N GLY A 27 10.33 10.41 -6.82
CA GLY A 27 10.16 11.69 -6.20
C GLY A 27 10.86 11.80 -4.87
N ALA A 28 11.96 11.12 -4.73
CA ALA A 28 12.73 11.23 -3.50
C ALA A 28 13.65 12.41 -3.63
N ASP A 29 13.06 13.56 -3.49
CA ASP A 29 13.76 14.82 -3.70
C ASP A 29 14.02 15.48 -2.35
N MET A 30 13.83 14.69 -1.27
CA MET A 30 14.01 15.15 0.13
C MET A 30 13.01 16.22 0.52
N GLY A 31 12.05 16.45 -0.33
CA GLY A 31 11.02 17.43 -0.09
C GLY A 31 9.78 17.14 -0.88
N LEU A 32 9.57 15.87 -1.14
CA LEU A 32 8.42 15.39 -1.89
C LEU A 32 8.04 14.07 -1.32
N GLU A 33 8.93 13.08 -1.57
CA GLU A 33 8.82 11.73 -1.02
C GLU A 33 7.41 11.16 -1.00
N LYS A 34 6.95 10.87 -2.18
CA LYS A 34 5.66 10.27 -2.40
C LYS A 34 5.87 9.14 -3.37
N LEU A 35 6.23 8.02 -2.83
CA LEU A 35 6.48 6.85 -3.61
C LEU A 35 5.42 5.85 -3.34
N GLY A 36 4.85 5.36 -4.37
CA GLY A 36 3.84 4.41 -4.24
C GLY A 36 4.40 3.04 -4.33
N ILE A 37 4.84 2.50 -3.23
CA ILE A 37 5.27 1.14 -3.23
C ILE A 37 4.02 0.29 -3.08
N PHE A 38 3.32 0.16 -4.18
CA PHE A 38 2.03 -0.47 -4.21
C PHE A 38 2.22 -1.97 -4.27
N VAL A 39 1.15 -2.69 -4.10
CA VAL A 39 1.18 -4.12 -4.21
C VAL A 39 1.27 -4.53 -5.68
N LYS A 40 2.21 -5.37 -5.96
CA LYS A 40 2.47 -5.84 -7.29
C LYS A 40 1.54 -7.00 -7.59
N THR A 41 1.57 -8.00 -6.76
CA THR A 41 0.72 -9.13 -6.95
C THR A 41 0.30 -9.67 -5.60
N VAL A 42 -0.55 -10.64 -5.65
CA VAL A 42 -1.11 -11.30 -4.52
C VAL A 42 -1.51 -12.70 -4.98
N THR A 43 -0.62 -13.60 -4.72
CA THR A 43 -0.67 -14.94 -5.20
C THR A 43 -1.65 -15.79 -4.41
N GLU A 44 -2.45 -16.57 -5.13
CA GLU A 44 -3.45 -17.47 -4.55
C GLU A 44 -2.84 -18.58 -3.66
N GLY A 45 -1.53 -18.74 -3.74
CA GLY A 45 -0.82 -19.70 -2.93
C GLY A 45 -0.45 -19.15 -1.56
N GLY A 46 -0.76 -17.89 -1.33
CA GLY A 46 -0.46 -17.30 -0.08
C GLY A 46 -1.69 -16.90 0.66
N ALA A 47 -1.50 -16.55 1.89
CA ALA A 47 -2.61 -16.22 2.79
C ALA A 47 -3.31 -14.95 2.40
N ALA A 48 -2.53 -13.97 1.91
CA ALA A 48 -3.07 -12.65 1.59
C ALA A 48 -4.21 -12.70 0.56
N HIS A 49 -4.08 -13.55 -0.45
CA HIS A 49 -5.09 -13.69 -1.50
C HIS A 49 -6.34 -14.36 -0.95
N ARG A 50 -6.13 -15.38 -0.16
CA ARG A 50 -7.21 -16.20 0.37
C ARG A 50 -7.93 -15.47 1.48
N ASP A 51 -7.23 -14.60 2.16
CA ASP A 51 -7.79 -13.89 3.28
C ASP A 51 -8.61 -12.71 2.80
N GLY A 52 -8.10 -12.02 1.81
CA GLY A 52 -8.83 -10.92 1.22
C GLY A 52 -8.65 -9.63 1.99
N ARG A 53 -7.43 -9.36 2.38
CA ARG A 53 -7.13 -8.15 3.09
C ARG A 53 -6.21 -7.28 2.29
N ILE A 54 -4.96 -7.67 2.11
CA ILE A 54 -4.10 -6.93 1.19
C ILE A 54 -4.55 -7.26 -0.24
N GLN A 55 -4.61 -6.27 -1.05
CA GLN A 55 -5.11 -6.36 -2.39
C GLN A 55 -4.02 -6.01 -3.37
N VAL A 56 -4.22 -6.38 -4.59
CA VAL A 56 -3.26 -6.16 -5.64
C VAL A 56 -3.24 -4.65 -6.07
N ASN A 57 -4.13 -3.88 -5.50
CA ASN A 57 -4.25 -2.48 -5.87
C ASN A 57 -3.93 -1.53 -4.73
N ASP A 58 -3.68 -2.03 -3.53
CA ASP A 58 -3.47 -1.13 -2.42
C ASP A 58 -2.01 -0.76 -2.20
N LEU A 59 -1.78 -0.02 -1.14
CA LEU A 59 -0.52 0.56 -0.80
C LEU A 59 -0.27 0.44 0.67
N LEU A 60 0.86 -0.10 1.03
CA LEU A 60 1.24 -0.24 2.39
C LEU A 60 1.94 1.05 2.83
N VAL A 61 1.18 1.94 3.43
CA VAL A 61 1.68 3.24 3.88
C VAL A 61 2.51 3.09 5.15
N GLU A 62 2.04 2.32 6.05
CA GLU A 62 2.79 2.00 7.21
C GLU A 62 2.49 0.60 7.64
N VAL A 63 3.35 0.04 8.43
CA VAL A 63 3.19 -1.29 8.92
C VAL A 63 2.96 -1.17 10.43
N ASP A 64 2.84 -2.29 11.11
CA ASP A 64 2.55 -2.36 12.55
C ASP A 64 3.44 -1.46 13.40
N GLY A 65 4.74 -1.49 13.16
CA GLY A 65 5.64 -0.69 13.97
C GLY A 65 6.66 0.13 13.17
N THR A 66 6.28 0.57 11.99
CA THR A 66 7.16 1.39 11.14
C THR A 66 6.29 2.14 10.12
N SER A 67 6.54 3.39 9.92
CA SER A 67 5.78 4.19 8.98
C SER A 67 6.62 4.51 7.74
N LEU A 68 5.97 4.58 6.59
CA LEU A 68 6.64 4.96 5.38
C LEU A 68 6.32 6.39 5.00
N VAL A 69 7.32 7.24 5.01
CA VAL A 69 7.16 8.61 4.56
C VAL A 69 7.25 8.63 3.03
N GLY A 70 7.85 7.60 2.49
CA GLY A 70 8.06 7.49 1.08
C GLY A 70 9.40 6.89 0.83
N VAL A 71 9.50 5.63 1.13
CA VAL A 71 10.75 4.90 1.05
C VAL A 71 10.90 4.24 -0.31
N THR A 72 12.00 3.56 -0.50
CA THR A 72 12.23 2.85 -1.71
C THR A 72 11.54 1.47 -1.65
N GLN A 73 11.40 0.80 -2.79
CA GLN A 73 10.77 -0.51 -2.86
C GLN A 73 11.53 -1.50 -1.98
N SER A 74 12.84 -1.43 -2.04
CA SER A 74 13.71 -2.30 -1.29
C SER A 74 13.59 -2.05 0.21
N PHE A 75 13.40 -0.80 0.59
CA PHE A 75 13.25 -0.43 1.98
C PHE A 75 11.96 -1.03 2.51
N ALA A 76 10.89 -0.85 1.74
CA ALA A 76 9.57 -1.40 2.10
C ALA A 76 9.66 -2.93 2.20
N ALA A 77 10.37 -3.54 1.25
CA ALA A 77 10.57 -4.98 1.23
C ALA A 77 11.31 -5.46 2.48
N SER A 78 12.22 -4.65 2.97
CA SER A 78 13.00 -4.98 4.14
C SER A 78 12.17 -4.81 5.43
N VAL A 79 11.11 -4.02 5.34
CA VAL A 79 10.22 -3.76 6.46
C VAL A 79 9.42 -5.02 6.76
N LEU A 80 8.72 -5.46 5.75
CA LEU A 80 7.89 -6.67 5.75
C LEU A 80 8.69 -7.94 6.10
N ARG A 81 9.99 -7.88 5.98
CA ARG A 81 10.86 -9.00 6.34
C ARG A 81 11.25 -8.92 7.81
N ASN A 82 11.10 -7.76 8.38
CA ASN A 82 11.50 -7.48 9.76
C ASN A 82 10.29 -7.54 10.70
N THR A 83 9.11 -7.69 10.12
CA THR A 83 7.88 -7.73 10.88
C THR A 83 7.58 -9.11 11.47
N LYS A 84 6.63 -9.13 12.40
CA LYS A 84 6.17 -10.33 13.08
C LYS A 84 5.31 -11.22 12.16
N GLY A 85 4.64 -12.21 12.77
CA GLY A 85 3.80 -13.13 12.05
C GLY A 85 2.50 -12.50 11.59
N ARG A 86 1.98 -11.61 12.39
CA ARG A 86 0.80 -10.88 12.02
C ARG A 86 1.01 -9.44 12.33
N VAL A 87 0.85 -8.60 11.34
CA VAL A 87 1.02 -7.18 11.49
C VAL A 87 -0.08 -6.45 10.79
N ARG A 88 -0.28 -5.22 11.15
CA ARG A 88 -1.25 -4.39 10.51
C ARG A 88 -0.51 -3.47 9.58
N PHE A 89 -1.22 -2.90 8.68
CA PHE A 89 -0.69 -1.98 7.73
C PHE A 89 -1.69 -0.91 7.58
N MET A 90 -1.29 0.24 7.17
CA MET A 90 -2.23 1.26 6.89
C MET A 90 -2.23 1.46 5.41
N ILE A 91 -3.33 1.16 4.83
CA ILE A 91 -3.50 1.26 3.41
C ILE A 91 -4.04 2.62 3.06
N GLY A 92 -3.52 3.20 2.01
CA GLY A 92 -4.01 4.45 1.54
C GLY A 92 -4.26 4.39 0.07
N ARG A 93 -5.50 4.47 -0.28
CA ARG A 93 -5.93 4.41 -1.65
C ARG A 93 -7.18 5.24 -1.83
N GLU A 94 -7.14 6.15 -2.76
CA GLU A 94 -8.32 6.91 -3.12
C GLU A 94 -8.98 6.17 -4.25
N ARG A 95 -9.66 5.14 -3.88
CA ARG A 95 -10.38 4.36 -4.82
C ARG A 95 -11.72 5.07 -5.20
N PRO A 96 -12.63 5.34 -4.22
CA PRO A 96 -13.86 6.05 -4.48
C PRO A 96 -13.65 7.55 -4.45
N GLY A 97 -14.65 8.27 -4.88
CA GLY A 97 -14.55 9.69 -4.94
C GLY A 97 -14.22 10.17 -6.34
N GLU A 98 -14.45 9.30 -7.31
CA GLU A 98 -14.21 9.65 -8.69
C GLU A 98 -15.35 10.54 -9.16
N GLN A 99 -16.58 9.99 -9.06
CA GLN A 99 -17.83 10.65 -9.42
C GLN A 99 -17.91 11.00 -10.92
N SER A 100 -17.13 11.97 -11.32
CA SER A 100 -17.09 12.43 -12.67
C SER A 100 -15.88 11.76 -13.33
N GLU A 101 -15.36 12.39 -14.35
CA GLU A 101 -14.17 11.93 -15.06
C GLU A 101 -12.91 12.34 -14.30
N VAL A 102 -13.09 12.61 -13.03
CA VAL A 102 -12.09 13.12 -12.15
C VAL A 102 -11.75 12.04 -11.14
N ALA A 103 -10.52 11.99 -10.74
CA ALA A 103 -10.10 11.10 -9.69
C ALA A 103 -9.06 11.81 -8.86
N GLN A 104 -7.86 11.86 -9.39
CA GLN A 104 -6.76 12.55 -8.76
C GLN A 104 -6.51 13.82 -9.54
N LEU A 105 -6.33 14.92 -8.87
CA LEU A 105 -6.08 16.17 -9.56
C LEU A 105 -4.70 16.69 -9.24
N ILE A 106 -3.83 16.64 -10.21
CA ILE A 106 -2.48 17.14 -10.07
C ILE A 106 -2.46 18.62 -10.44
N GLN A 107 -2.79 18.93 -11.67
CA GLN A 107 -2.87 20.30 -12.10
C GLN A 107 -4.33 20.73 -12.09
N GLN A 108 -4.60 21.82 -11.43
CA GLN A 108 -5.95 22.33 -11.32
C GLN A 108 -5.97 23.78 -11.75
N THR A 109 -6.60 24.06 -12.86
CA THR A 109 -6.63 25.40 -13.35
C THR A 109 -8.01 26.04 -13.12
N LEU A 110 -9.06 25.24 -13.16
CA LEU A 110 -10.41 25.76 -13.00
C LEU A 110 -11.26 24.86 -12.12
N GLU A 111 -11.22 25.11 -10.83
CA GLU A 111 -12.17 24.52 -9.90
C GLU A 111 -13.32 25.51 -9.76
N GLN A 112 -12.96 26.76 -9.93
CA GLN A 112 -13.87 27.86 -9.97
C GLN A 112 -13.17 28.99 -10.69
N GLU A 113 -13.91 29.91 -11.20
CA GLU A 113 -13.36 30.96 -12.03
C GLU A 113 -13.33 32.27 -11.27
N GLY A 1 -11.41 12.01 4.94
CA GLY A 1 -10.72 10.92 4.25
C GLY A 1 -10.24 11.32 2.88
N HIS A 2 -9.21 12.19 2.81
CA HIS A 2 -8.62 12.57 1.52
C HIS A 2 -7.86 11.37 1.01
N MET A 3 -7.18 10.74 1.93
CA MET A 3 -6.53 9.49 1.74
C MET A 3 -7.05 8.63 2.84
N GLU A 4 -7.45 7.45 2.56
CA GLU A 4 -8.04 6.66 3.60
C GLU A 4 -7.01 5.79 4.25
N LEU A 5 -6.44 6.29 5.32
CA LEU A 5 -5.48 5.56 6.09
C LEU A 5 -6.21 4.64 7.04
N PHE A 6 -6.36 3.45 6.63
CA PHE A 6 -6.97 2.44 7.44
C PHE A 6 -6.01 1.29 7.69
N PRO A 7 -6.06 0.70 8.88
CA PRO A 7 -5.26 -0.44 9.20
C PRO A 7 -5.73 -1.71 8.51
N VAL A 8 -4.80 -2.35 7.88
CA VAL A 8 -5.01 -3.57 7.20
C VAL A 8 -4.20 -4.59 7.92
N GLU A 9 -4.84 -5.59 8.39
CA GLU A 9 -4.18 -6.58 9.14
C GLU A 9 -4.00 -7.81 8.31
N LEU A 10 -2.83 -8.35 8.31
CA LEU A 10 -2.59 -9.56 7.64
C LEU A 10 -2.01 -10.54 8.61
N GLU A 11 -2.14 -11.75 8.25
CA GLU A 11 -1.65 -12.86 8.98
C GLU A 11 -0.90 -13.74 8.00
N LYS A 12 0.33 -14.05 8.29
CA LYS A 12 1.13 -14.86 7.41
C LYS A 12 0.60 -16.28 7.26
N ASP A 13 0.86 -16.85 6.14
CA ASP A 13 0.47 -18.19 5.81
C ASP A 13 1.70 -19.06 5.96
N SER A 14 1.57 -20.34 5.75
CA SER A 14 2.70 -21.25 5.77
C SER A 14 3.62 -20.96 4.57
N GLU A 15 3.02 -20.39 3.53
CA GLU A 15 3.71 -19.90 2.35
C GLU A 15 4.47 -18.60 2.70
N GLY A 16 4.03 -17.95 3.75
CA GLY A 16 4.59 -16.70 4.14
C GLY A 16 3.67 -15.60 3.73
N LEU A 17 4.04 -14.89 2.71
CA LEU A 17 3.23 -13.82 2.20
C LEU A 17 2.63 -14.21 0.87
N GLY A 18 1.93 -13.30 0.27
CA GLY A 18 1.30 -13.59 -1.00
C GLY A 18 1.07 -12.34 -1.75
N ILE A 19 2.12 -11.65 -2.06
CA ILE A 19 2.12 -10.37 -2.73
C ILE A 19 3.46 -10.13 -3.30
N SER A 20 3.56 -9.08 -3.98
CA SER A 20 4.76 -8.58 -4.54
C SER A 20 4.63 -7.10 -4.54
N ILE A 21 5.72 -6.42 -4.46
CA ILE A 21 5.72 -4.99 -4.40
C ILE A 21 6.43 -4.40 -5.61
N ILE A 22 6.19 -3.15 -5.86
CA ILE A 22 6.82 -2.46 -6.95
C ILE A 22 7.05 -1.00 -6.55
N GLY A 23 8.20 -0.47 -6.89
CA GLY A 23 8.51 0.88 -6.56
C GLY A 23 8.06 1.85 -7.61
N MET A 24 7.08 2.65 -7.29
CA MET A 24 6.58 3.66 -8.20
C MET A 24 7.05 5.01 -7.71
N GLY A 25 7.47 5.86 -8.59
CA GLY A 25 7.91 7.15 -8.19
C GLY A 25 8.93 7.73 -9.13
N ALA A 26 9.00 9.03 -9.14
CA ALA A 26 9.92 9.80 -9.95
C ALA A 26 9.96 11.22 -9.44
N GLY A 27 10.97 11.51 -8.66
CA GLY A 27 11.08 12.81 -8.04
C GLY A 27 10.79 12.72 -6.59
N ALA A 28 11.22 13.71 -5.85
CA ALA A 28 10.98 13.72 -4.45
C ALA A 28 10.54 15.06 -3.94
N ASP A 29 9.28 15.12 -3.60
CA ASP A 29 8.67 16.29 -2.95
C ASP A 29 8.75 16.09 -1.45
N MET A 30 9.13 14.85 -1.09
CA MET A 30 9.17 14.27 0.27
C MET A 30 7.82 14.25 1.00
N GLY A 31 6.83 14.87 0.39
CA GLY A 31 5.49 14.83 0.88
C GLY A 31 4.67 13.91 0.02
N LEU A 32 4.96 12.62 0.13
CA LEU A 32 4.30 11.53 -0.60
C LEU A 32 4.72 11.38 -2.04
N GLU A 33 5.49 12.31 -2.54
CA GLU A 33 5.95 12.19 -3.87
C GLU A 33 7.38 11.75 -3.82
N LYS A 34 7.51 10.51 -3.50
CA LYS A 34 8.74 9.76 -3.43
C LYS A 34 8.39 8.39 -3.88
N LEU A 35 9.29 7.48 -3.75
CA LEU A 35 9.00 6.12 -4.11
C LEU A 35 7.93 5.52 -3.23
N GLY A 36 6.87 5.21 -3.85
CA GLY A 36 5.79 4.58 -3.21
C GLY A 36 5.85 3.15 -3.57
N ILE A 37 6.08 2.32 -2.60
CA ILE A 37 6.20 0.93 -2.89
C ILE A 37 4.82 0.30 -2.83
N PHE A 38 4.15 0.32 -3.95
CA PHE A 38 2.79 -0.19 -4.09
C PHE A 38 2.85 -1.68 -4.31
N VAL A 39 1.70 -2.30 -4.29
CA VAL A 39 1.61 -3.70 -4.56
C VAL A 39 1.68 -3.94 -6.06
N LYS A 40 2.43 -4.95 -6.42
CA LYS A 40 2.58 -5.34 -7.79
C LYS A 40 1.58 -6.43 -8.09
N THR A 41 1.51 -7.40 -7.22
CA THR A 41 0.63 -8.51 -7.40
C THR A 41 0.29 -9.09 -6.05
N VAL A 42 -0.68 -9.93 -6.02
CA VAL A 42 -1.08 -10.63 -4.84
C VAL A 42 -1.30 -12.10 -5.16
N THR A 43 -0.25 -12.85 -4.88
CA THR A 43 -0.14 -14.27 -5.15
C THR A 43 -1.23 -15.09 -4.44
N GLU A 44 -1.95 -15.87 -5.24
CA GLU A 44 -3.09 -16.67 -4.78
C GLU A 44 -2.68 -17.69 -3.74
N GLY A 45 -1.49 -18.22 -3.89
CA GLY A 45 -0.98 -19.21 -2.98
C GLY A 45 -0.53 -18.63 -1.65
N GLY A 46 -0.46 -17.32 -1.56
CA GLY A 46 0.04 -16.72 -0.38
C GLY A 46 -1.00 -16.08 0.47
N ALA A 47 -0.57 -15.68 1.64
CA ALA A 47 -1.40 -15.15 2.72
C ALA A 47 -2.37 -14.06 2.30
N ALA A 48 -1.87 -13.05 1.61
CA ALA A 48 -2.68 -11.86 1.32
C ALA A 48 -3.88 -12.15 0.41
N HIS A 49 -3.75 -13.11 -0.48
CA HIS A 49 -4.82 -13.44 -1.38
C HIS A 49 -5.79 -14.40 -0.69
N ARG A 50 -5.24 -15.32 0.08
CA ARG A 50 -6.05 -16.32 0.78
C ARG A 50 -6.83 -15.66 1.90
N ASP A 51 -6.18 -14.76 2.62
CA ASP A 51 -6.81 -14.04 3.71
C ASP A 51 -7.73 -12.99 3.12
N GLY A 52 -7.24 -12.31 2.10
CA GLY A 52 -8.03 -11.34 1.37
C GLY A 52 -7.91 -9.96 1.94
N ARG A 53 -6.70 -9.50 2.14
CA ARG A 53 -6.48 -8.20 2.74
C ARG A 53 -5.89 -7.24 1.74
N ILE A 54 -4.58 -7.30 1.59
CA ILE A 54 -3.86 -6.44 0.66
C ILE A 54 -4.29 -6.78 -0.77
N GLN A 55 -4.55 -5.76 -1.54
CA GLN A 55 -4.97 -5.92 -2.90
C GLN A 55 -3.88 -5.42 -3.81
N VAL A 56 -3.97 -5.77 -5.07
CA VAL A 56 -2.95 -5.46 -6.07
C VAL A 56 -2.80 -3.91 -6.34
N ASN A 57 -3.68 -3.13 -5.78
CA ASN A 57 -3.75 -1.72 -6.08
C ASN A 57 -3.43 -0.80 -4.91
N ASP A 58 -3.26 -1.34 -3.72
CA ASP A 58 -3.00 -0.52 -2.59
C ASP A 58 -1.52 -0.33 -2.27
N LEU A 59 -1.28 0.47 -1.23
CA LEU A 59 0.04 0.90 -0.86
C LEU A 59 0.25 0.77 0.62
N LEU A 60 1.41 0.28 0.99
CA LEU A 60 1.78 0.17 2.36
C LEU A 60 2.36 1.51 2.80
N VAL A 61 1.52 2.32 3.42
CA VAL A 61 1.91 3.63 3.92
C VAL A 61 2.85 3.47 5.10
N GLU A 62 2.51 2.56 5.94
CA GLU A 62 3.33 2.16 7.02
C GLU A 62 2.94 0.78 7.44
N VAL A 63 3.82 0.11 8.10
CA VAL A 63 3.58 -1.21 8.60
C VAL A 63 3.40 -1.04 10.10
N ASP A 64 3.25 -2.11 10.85
CA ASP A 64 3.10 -2.05 12.30
C ASP A 64 4.23 -1.25 12.98
N GLY A 65 5.47 -1.62 12.72
CA GLY A 65 6.58 -0.95 13.37
C GLY A 65 7.60 -0.31 12.43
N THR A 66 7.16 0.24 11.32
CA THR A 66 8.03 0.94 10.36
C THR A 66 7.15 1.83 9.48
N SER A 67 7.61 3.00 9.15
CA SER A 67 6.86 3.94 8.36
C SER A 67 7.46 4.00 6.95
N LEU A 68 6.64 4.31 5.98
CA LEU A 68 7.09 4.43 4.61
C LEU A 68 6.91 5.86 4.11
N VAL A 69 7.99 6.58 3.99
CA VAL A 69 7.98 7.93 3.45
C VAL A 69 8.50 7.91 1.99
N GLY A 70 9.00 6.76 1.59
CA GLY A 70 9.58 6.62 0.27
C GLY A 70 10.91 5.97 0.34
N VAL A 71 10.88 4.69 0.50
CA VAL A 71 12.05 3.89 0.68
C VAL A 71 12.32 3.10 -0.60
N THR A 72 13.29 2.25 -0.58
CA THR A 72 13.56 1.40 -1.70
C THR A 72 12.65 0.18 -1.62
N GLN A 73 12.45 -0.49 -2.72
CA GLN A 73 11.63 -1.68 -2.77
C GLN A 73 12.27 -2.78 -1.89
N SER A 74 13.59 -2.74 -1.82
CA SER A 74 14.37 -3.66 -1.02
C SER A 74 14.07 -3.45 0.48
N PHE A 75 13.99 -2.17 0.86
CA PHE A 75 13.66 -1.78 2.22
C PHE A 75 12.26 -2.26 2.54
N ALA A 76 11.32 -1.93 1.67
CA ALA A 76 9.92 -2.30 1.85
C ALA A 76 9.71 -3.81 2.00
N ALA A 77 10.46 -4.60 1.26
CA ALA A 77 10.35 -6.06 1.35
C ALA A 77 10.84 -6.56 2.71
N SER A 78 11.81 -5.87 3.25
CA SER A 78 12.39 -6.20 4.53
C SER A 78 11.47 -5.69 5.66
N VAL A 79 10.61 -4.73 5.31
CA VAL A 79 9.63 -4.15 6.21
C VAL A 79 8.68 -5.22 6.79
N LEU A 80 8.00 -5.96 5.92
CA LEU A 80 7.09 -7.02 6.33
C LEU A 80 7.81 -8.08 7.16
N ARG A 81 9.08 -8.28 6.90
CA ARG A 81 9.88 -9.26 7.60
C ARG A 81 10.35 -8.75 8.96
N ASN A 82 10.28 -7.45 9.15
CA ASN A 82 10.66 -6.83 10.39
C ASN A 82 9.50 -6.93 11.37
N THR A 83 8.32 -6.98 10.81
CA THR A 83 7.13 -7.10 11.57
C THR A 83 6.74 -8.56 11.84
N LYS A 84 5.92 -8.74 12.86
CA LYS A 84 5.45 -10.03 13.34
C LYS A 84 4.60 -10.80 12.34
N GLY A 85 4.09 -11.92 12.80
CA GLY A 85 3.24 -12.79 12.00
C GLY A 85 1.94 -12.13 11.65
N ARG A 86 1.36 -11.47 12.62
CA ARG A 86 0.15 -10.73 12.45
C ARG A 86 0.40 -9.31 12.84
N VAL A 87 0.24 -8.42 11.92
CA VAL A 87 0.48 -7.01 12.14
C VAL A 87 -0.47 -6.19 11.31
N ARG A 88 -0.69 -4.99 11.75
CA ARG A 88 -1.52 -4.07 11.06
C ARG A 88 -0.71 -3.03 10.37
N PHE A 89 -0.93 -2.91 9.13
CA PHE A 89 -0.28 -1.92 8.33
C PHE A 89 -1.27 -0.81 8.16
N MET A 90 -0.84 0.31 7.70
CA MET A 90 -1.76 1.34 7.35
C MET A 90 -1.72 1.54 5.89
N ILE A 91 -2.80 1.22 5.27
CA ILE A 91 -2.96 1.35 3.87
C ILE A 91 -3.68 2.64 3.62
N GLY A 92 -3.13 3.42 2.75
CA GLY A 92 -3.76 4.63 2.37
C GLY A 92 -4.39 4.43 1.07
N ARG A 93 -5.65 4.23 1.13
CA ARG A 93 -6.43 3.96 -0.04
C ARG A 93 -6.51 5.18 -0.89
N GLU A 94 -6.00 5.05 -2.06
CA GLU A 94 -6.14 6.05 -3.05
C GLU A 94 -7.47 5.74 -3.73
N ARG A 95 -8.55 6.14 -3.07
CA ARG A 95 -9.90 5.92 -3.56
C ARG A 95 -10.08 6.53 -4.98
N PRO A 96 -9.89 7.85 -5.13
CA PRO A 96 -9.95 8.48 -6.44
C PRO A 96 -8.61 8.36 -7.19
N GLY A 97 -8.57 8.94 -8.34
CA GLY A 97 -7.36 8.98 -9.12
C GLY A 97 -7.00 10.42 -9.39
N GLU A 98 -8.02 11.21 -9.65
CA GLU A 98 -7.88 12.64 -9.91
C GLU A 98 -7.78 13.38 -8.59
N GLN A 99 -8.13 12.66 -7.53
CA GLN A 99 -8.25 13.15 -6.18
C GLN A 99 -9.35 14.21 -6.13
N SER A 100 -8.98 15.47 -6.23
CA SER A 100 -9.84 16.61 -6.27
C SER A 100 -8.97 17.79 -6.64
N GLU A 101 -9.57 18.90 -7.01
CA GLU A 101 -8.80 20.09 -7.32
C GLU A 101 -9.12 21.21 -6.37
N VAL A 102 -9.95 20.90 -5.43
CA VAL A 102 -10.37 21.85 -4.43
C VAL A 102 -9.97 21.35 -3.06
N ALA A 103 -9.62 22.27 -2.20
CA ALA A 103 -9.29 21.96 -0.84
C ALA A 103 -9.56 23.15 0.04
N GLN A 104 -8.68 24.09 0.03
CA GLN A 104 -8.82 25.28 0.82
C GLN A 104 -8.56 26.46 -0.10
N LEU A 105 -9.55 27.27 -0.33
CA LEU A 105 -9.41 28.37 -1.26
C LEU A 105 -9.07 29.65 -0.55
N ILE A 106 -7.88 29.71 -0.02
CA ILE A 106 -7.40 30.88 0.66
C ILE A 106 -6.28 31.53 -0.16
N GLN A 107 -5.20 30.79 -0.39
CA GLN A 107 -4.09 31.28 -1.21
C GLN A 107 -4.53 31.32 -2.67
N GLN A 108 -5.60 30.61 -2.97
CA GLN A 108 -6.15 30.56 -4.29
C GLN A 108 -6.85 31.86 -4.64
N THR A 109 -6.06 32.82 -5.00
CA THR A 109 -6.53 34.06 -5.54
C THR A 109 -5.74 34.32 -6.84
N LEU A 110 -4.80 33.42 -7.10
CA LEU A 110 -3.96 33.44 -8.26
C LEU A 110 -3.90 32.04 -8.81
N GLU A 111 -4.89 31.69 -9.58
CA GLU A 111 -4.98 30.39 -10.16
C GLU A 111 -4.84 30.52 -11.66
N GLN A 112 -4.31 29.52 -12.28
CA GLN A 112 -4.14 29.55 -13.69
C GLN A 112 -5.37 28.94 -14.35
N GLU A 113 -6.35 29.74 -14.59
CA GLU A 113 -7.55 29.27 -15.21
C GLU A 113 -7.80 30.10 -16.45
N GLY A 1 -8.77 13.22 -4.41
CA GLY A 1 -9.25 13.79 -3.16
C GLY A 1 -8.20 13.68 -2.10
N HIS A 2 -8.23 12.60 -1.35
CA HIS A 2 -7.29 12.43 -0.25
C HIS A 2 -6.82 11.00 -0.23
N MET A 3 -5.77 10.73 0.49
CA MET A 3 -5.30 9.38 0.61
C MET A 3 -6.01 8.76 1.79
N GLU A 4 -6.71 7.68 1.56
CA GLU A 4 -7.37 7.02 2.65
C GLU A 4 -6.32 6.25 3.43
N LEU A 5 -5.86 6.82 4.53
CA LEU A 5 -4.92 6.13 5.39
C LEU A 5 -5.70 5.18 6.28
N PHE A 6 -5.90 4.00 5.80
CA PHE A 6 -6.60 2.99 6.56
C PHE A 6 -5.68 1.89 7.03
N PRO A 7 -5.93 1.33 8.22
CA PRO A 7 -5.14 0.24 8.74
C PRO A 7 -5.50 -1.08 8.06
N VAL A 8 -4.48 -1.74 7.62
CA VAL A 8 -4.60 -2.99 6.95
C VAL A 8 -3.92 -4.05 7.78
N GLU A 9 -4.62 -5.10 8.08
CA GLU A 9 -4.10 -6.15 8.90
C GLU A 9 -4.14 -7.44 8.10
N LEU A 10 -3.03 -8.13 8.03
CA LEU A 10 -2.97 -9.38 7.30
C LEU A 10 -2.70 -10.51 8.26
N GLU A 11 -2.28 -11.60 7.70
CA GLU A 11 -1.88 -12.78 8.38
C GLU A 11 -0.95 -13.51 7.44
N LYS A 12 -0.26 -14.49 7.91
CA LYS A 12 0.63 -15.22 7.08
C LYS A 12 -0.05 -16.44 6.46
N ASP A 13 0.73 -17.24 5.80
CA ASP A 13 0.30 -18.46 5.15
C ASP A 13 1.25 -19.54 5.63
N SER A 14 0.98 -20.76 5.31
CA SER A 14 1.82 -21.88 5.68
C SER A 14 3.21 -21.70 5.03
N GLU A 15 3.24 -21.07 3.87
CA GLU A 15 4.48 -20.70 3.22
C GLU A 15 4.85 -19.30 3.66
N GLY A 16 3.90 -18.40 3.54
CA GLY A 16 4.09 -17.05 3.97
C GLY A 16 3.78 -16.06 2.88
N LEU A 17 3.02 -15.02 3.23
CA LEU A 17 2.68 -13.92 2.32
C LEU A 17 1.84 -14.37 1.13
N GLY A 18 1.72 -13.47 0.18
CA GLY A 18 0.97 -13.73 -1.04
C GLY A 18 0.87 -12.48 -1.85
N ILE A 19 2.01 -11.87 -2.13
CA ILE A 19 2.13 -10.57 -2.80
C ILE A 19 3.55 -10.37 -3.22
N SER A 20 3.77 -9.30 -3.85
CA SER A 20 5.06 -8.85 -4.24
C SER A 20 4.97 -7.36 -4.29
N ILE A 21 6.01 -6.67 -3.94
CA ILE A 21 5.98 -5.24 -3.93
C ILE A 21 6.88 -4.69 -5.02
N ILE A 22 6.68 -3.46 -5.38
CA ILE A 22 7.45 -2.87 -6.44
C ILE A 22 7.83 -1.45 -6.08
N GLY A 23 9.06 -1.10 -6.37
CA GLY A 23 9.51 0.23 -6.12
C GLY A 23 9.17 1.13 -7.27
N MET A 24 8.09 1.86 -7.14
CA MET A 24 7.69 2.78 -8.18
C MET A 24 8.28 4.12 -7.91
N GLY A 25 8.41 4.92 -8.92
CA GLY A 25 8.94 6.19 -8.79
C GLY A 25 7.88 7.14 -9.15
N ALA A 26 8.15 8.38 -8.96
CA ALA A 26 7.23 9.45 -9.21
C ALA A 26 6.03 9.37 -8.26
N GLY A 27 6.29 9.71 -7.03
CA GLY A 27 5.27 9.65 -6.02
C GLY A 27 5.18 10.94 -5.28
N ALA A 28 4.87 11.98 -6.01
CA ALA A 28 4.72 13.30 -5.43
C ALA A 28 3.35 13.43 -4.81
N ASP A 29 3.22 12.80 -3.69
CA ASP A 29 2.01 12.71 -2.94
C ASP A 29 1.91 13.88 -1.98
N MET A 30 3.02 14.59 -1.88
CA MET A 30 3.22 15.64 -0.92
C MET A 30 3.29 15.07 0.47
N GLY A 31 4.41 14.43 0.72
CA GLY A 31 4.68 13.79 1.99
C GLY A 31 5.90 12.92 1.86
N LEU A 32 5.82 11.96 0.98
CA LEU A 32 6.93 11.08 0.70
C LEU A 32 7.76 11.71 -0.40
N GLU A 33 7.09 12.04 -1.51
CA GLU A 33 7.68 12.69 -2.69
C GLU A 33 8.88 11.91 -3.23
N LYS A 34 8.84 10.62 -3.03
CA LYS A 34 9.91 9.73 -3.39
C LYS A 34 9.33 8.41 -3.79
N LEU A 35 10.21 7.44 -3.92
CA LEU A 35 9.88 6.06 -4.24
C LEU A 35 8.73 5.56 -3.39
N GLY A 36 7.77 5.00 -4.04
CA GLY A 36 6.66 4.44 -3.36
C GLY A 36 6.67 2.96 -3.56
N ILE A 37 6.67 2.22 -2.50
CA ILE A 37 6.69 0.80 -2.63
C ILE A 37 5.27 0.27 -2.59
N PHE A 38 4.67 0.23 -3.75
CA PHE A 38 3.32 -0.20 -3.91
C PHE A 38 3.31 -1.70 -4.12
N VAL A 39 2.15 -2.29 -4.08
CA VAL A 39 2.01 -3.69 -4.36
C VAL A 39 2.14 -3.93 -5.87
N LYS A 40 2.90 -4.93 -6.23
CA LYS A 40 3.14 -5.28 -7.60
C LYS A 40 2.13 -6.33 -8.01
N THR A 41 1.96 -7.32 -7.16
CA THR A 41 1.03 -8.36 -7.41
C THR A 41 0.62 -8.94 -6.10
N VAL A 42 -0.38 -9.74 -6.15
CA VAL A 42 -0.93 -10.40 -5.02
C VAL A 42 -1.29 -11.81 -5.43
N THR A 43 -0.42 -12.70 -5.08
CA THR A 43 -0.49 -14.09 -5.43
C THR A 43 -1.75 -14.76 -4.88
N GLU A 44 -2.52 -15.35 -5.77
CA GLU A 44 -3.79 -16.00 -5.41
C GLU A 44 -3.58 -17.27 -4.60
N GLY A 45 -2.39 -17.82 -4.69
CA GLY A 45 -2.02 -18.95 -3.89
C GLY A 45 -1.45 -18.54 -2.55
N GLY A 46 -1.46 -17.25 -2.27
CA GLY A 46 -0.95 -16.75 -1.04
C GLY A 46 -2.02 -16.17 -0.18
N ALA A 47 -1.65 -15.85 1.03
CA ALA A 47 -2.60 -15.39 2.05
C ALA A 47 -3.25 -14.07 1.71
N ALA A 48 -2.49 -13.12 1.20
CA ALA A 48 -2.98 -11.77 0.96
C ALA A 48 -4.18 -11.71 0.02
N HIS A 49 -4.18 -12.55 -1.01
CA HIS A 49 -5.24 -12.56 -2.00
C HIS A 49 -6.47 -13.24 -1.42
N ARG A 50 -6.23 -14.31 -0.69
CA ARG A 50 -7.28 -15.11 -0.09
C ARG A 50 -7.96 -14.31 1.01
N ASP A 51 -7.14 -13.66 1.83
CA ASP A 51 -7.59 -12.78 2.90
C ASP A 51 -8.37 -11.61 2.32
N GLY A 52 -7.71 -10.85 1.46
CA GLY A 52 -8.39 -9.76 0.81
C GLY A 52 -7.94 -8.38 1.25
N ARG A 53 -7.24 -8.29 2.38
CA ARG A 53 -6.78 -7.00 2.88
C ARG A 53 -5.79 -6.28 1.95
N ILE A 54 -4.73 -6.96 1.55
CA ILE A 54 -3.79 -6.31 0.65
C ILE A 54 -4.12 -6.71 -0.79
N GLN A 55 -4.42 -5.73 -1.61
CA GLN A 55 -4.69 -5.97 -2.99
C GLN A 55 -3.54 -5.44 -3.83
N VAL A 56 -3.66 -5.60 -5.12
CA VAL A 56 -2.61 -5.27 -6.07
C VAL A 56 -2.39 -3.74 -6.23
N ASN A 57 -3.22 -2.93 -5.60
CA ASN A 57 -3.11 -1.47 -5.81
C ASN A 57 -2.75 -0.77 -4.51
N ASP A 58 -2.52 -1.53 -3.48
CA ASP A 58 -2.24 -0.97 -2.17
C ASP A 58 -0.81 -0.48 -2.05
N LEU A 59 -0.56 0.32 -1.05
CA LEU A 59 0.74 0.92 -0.83
C LEU A 59 1.11 0.84 0.62
N LEU A 60 2.30 0.35 0.90
CA LEU A 60 2.79 0.27 2.25
C LEU A 60 3.32 1.63 2.68
N VAL A 61 2.45 2.42 3.28
CA VAL A 61 2.80 3.74 3.79
C VAL A 61 3.59 3.60 5.07
N GLU A 62 3.15 2.72 5.89
CA GLU A 62 3.83 2.38 7.09
C GLU A 62 3.47 0.98 7.48
N VAL A 63 4.40 0.30 8.09
CA VAL A 63 4.16 -1.01 8.60
C VAL A 63 3.86 -0.78 10.11
N ASP A 64 3.70 -1.81 10.88
CA ASP A 64 3.40 -1.68 12.30
C ASP A 64 4.45 -0.85 13.04
N GLY A 65 5.71 -1.11 12.76
CA GLY A 65 6.77 -0.36 13.39
C GLY A 65 7.41 0.68 12.47
N THR A 66 8.07 0.22 11.42
CA THR A 66 8.77 1.10 10.49
C THR A 66 7.78 1.98 9.68
N SER A 67 8.05 3.26 9.64
CA SER A 67 7.25 4.18 8.87
C SER A 67 7.94 4.38 7.51
N LEU A 68 7.17 4.44 6.44
CA LEU A 68 7.75 4.61 5.13
C LEU A 68 7.65 6.04 4.66
N VAL A 69 8.77 6.58 4.30
CA VAL A 69 8.84 7.92 3.79
C VAL A 69 9.52 7.93 2.40
N GLY A 70 9.74 6.72 1.86
CA GLY A 70 10.43 6.60 0.59
C GLY A 70 11.68 5.78 0.73
N VAL A 71 11.52 4.50 0.60
CA VAL A 71 12.61 3.56 0.75
C VAL A 71 12.77 2.76 -0.53
N THR A 72 13.71 1.84 -0.53
CA THR A 72 13.89 0.96 -1.65
C THR A 72 12.92 -0.22 -1.51
N GLN A 73 12.71 -0.95 -2.58
CA GLN A 73 11.79 -2.08 -2.58
C GLN A 73 12.25 -3.13 -1.57
N SER A 74 13.54 -3.35 -1.54
CA SER A 74 14.15 -4.35 -0.68
C SER A 74 13.99 -3.94 0.78
N PHE A 75 14.07 -2.65 1.05
CA PHE A 75 13.95 -2.13 2.39
C PHE A 75 12.58 -2.44 2.93
N ALA A 76 11.54 -2.09 2.18
CA ALA A 76 10.16 -2.33 2.59
C ALA A 76 9.89 -3.84 2.65
N ALA A 77 10.54 -4.60 1.79
CA ALA A 77 10.42 -6.05 1.82
C ALA A 77 10.95 -6.58 3.14
N SER A 78 11.97 -5.93 3.64
CA SER A 78 12.62 -6.33 4.84
C SER A 78 11.90 -5.78 6.10
N VAL A 79 11.04 -4.77 5.94
CA VAL A 79 10.35 -4.18 7.11
C VAL A 79 9.37 -5.19 7.67
N LEU A 80 8.73 -5.88 6.76
CA LEU A 80 7.79 -6.96 7.03
C LEU A 80 8.49 -8.16 7.69
N ARG A 81 9.79 -8.23 7.50
CA ARG A 81 10.58 -9.33 8.04
C ARG A 81 11.14 -8.97 9.40
N ASN A 82 11.09 -7.69 9.74
CA ASN A 82 11.57 -7.21 11.01
C ASN A 82 10.45 -7.12 12.03
N THR A 83 9.24 -7.03 11.52
CA THR A 83 8.06 -7.00 12.35
C THR A 83 7.64 -8.40 12.82
N LYS A 84 6.52 -8.49 13.54
CA LYS A 84 5.96 -9.75 14.03
C LYS A 84 5.45 -10.61 12.88
N GLY A 85 4.77 -11.69 13.22
CA GLY A 85 4.21 -12.59 12.22
C GLY A 85 3.02 -11.97 11.56
N ARG A 86 2.20 -11.34 12.36
CA ARG A 86 1.06 -10.62 11.91
C ARG A 86 1.20 -9.20 12.39
N VAL A 87 1.14 -8.28 11.48
CA VAL A 87 1.22 -6.88 11.81
C VAL A 87 0.23 -6.08 11.02
N ARG A 88 0.02 -4.89 11.45
CA ARG A 88 -0.88 -3.98 10.83
C ARG A 88 -0.09 -2.94 10.10
N PHE A 89 -0.62 -2.47 9.04
CA PHE A 89 0.04 -1.49 8.24
C PHE A 89 -0.95 -0.38 8.00
N MET A 90 -0.50 0.71 7.46
CA MET A 90 -1.40 1.71 6.98
C MET A 90 -1.17 1.93 5.54
N ILE A 91 -2.21 1.75 4.81
CA ILE A 91 -2.20 1.87 3.38
C ILE A 91 -2.90 3.17 3.04
N GLY A 92 -2.30 3.94 2.16
CA GLY A 92 -2.89 5.17 1.73
C GLY A 92 -3.17 5.12 0.28
N ARG A 93 -4.39 4.89 -0.02
CA ARG A 93 -4.85 4.73 -1.37
C ARG A 93 -6.25 5.23 -1.50
N GLU A 94 -6.48 6.08 -2.46
CA GLU A 94 -7.81 6.51 -2.78
C GLU A 94 -8.24 5.74 -4.02
N ARG A 95 -8.74 4.56 -3.77
CA ARG A 95 -9.22 3.71 -4.82
C ARG A 95 -10.65 4.12 -5.25
N PRO A 96 -11.63 4.16 -4.33
CA PRO A 96 -12.97 4.61 -4.65
C PRO A 96 -13.09 6.12 -4.50
N GLY A 97 -14.25 6.63 -4.73
CA GLY A 97 -14.49 8.04 -4.55
C GLY A 97 -15.29 8.30 -3.30
N GLU A 98 -16.18 7.38 -3.00
CA GLU A 98 -17.02 7.51 -1.86
C GLU A 98 -17.32 6.18 -1.16
N GLN A 99 -17.32 5.08 -1.91
CA GLN A 99 -17.62 3.81 -1.34
C GLN A 99 -16.40 3.16 -0.72
N SER A 100 -16.10 3.60 0.45
CA SER A 100 -15.02 3.10 1.24
C SER A 100 -15.59 2.25 2.35
N GLU A 101 -14.77 1.53 3.07
CA GLU A 101 -15.28 0.79 4.20
C GLU A 101 -15.04 1.56 5.46
N VAL A 102 -13.93 2.16 5.51
CA VAL A 102 -13.53 2.93 6.64
C VAL A 102 -13.90 4.37 6.37
N ALA A 103 -15.13 4.64 6.55
CA ALA A 103 -15.66 5.96 6.38
C ALA A 103 -15.87 6.60 7.72
N GLN A 104 -16.84 6.10 8.44
CA GLN A 104 -17.16 6.63 9.77
C GLN A 104 -16.70 5.69 10.87
N LEU A 105 -15.78 4.82 10.52
CA LEU A 105 -15.25 3.83 11.47
C LEU A 105 -14.02 4.36 12.19
N ILE A 106 -13.90 5.68 12.21
CA ILE A 106 -12.81 6.34 12.88
C ILE A 106 -13.11 6.36 14.38
N GLN A 107 -14.24 7.01 14.71
CA GLN A 107 -14.87 7.09 16.03
C GLN A 107 -13.87 7.15 17.19
N GLN A 108 -13.50 8.34 17.60
CA GLN A 108 -12.56 8.47 18.68
C GLN A 108 -12.90 9.63 19.59
N THR A 109 -13.57 9.34 20.68
CA THR A 109 -13.89 10.30 21.68
C THR A 109 -14.02 9.57 23.02
N LEU A 110 -13.94 10.30 24.12
CA LEU A 110 -14.16 9.77 25.47
C LEU A 110 -13.11 8.72 25.82
N GLU A 111 -11.93 8.89 25.25
CA GLU A 111 -10.85 7.95 25.42
C GLU A 111 -9.54 8.65 25.11
N GLN A 112 -9.52 9.30 23.97
CA GLN A 112 -8.39 10.10 23.56
C GLN A 112 -8.68 11.52 23.97
N GLU A 113 -9.77 12.00 23.45
CA GLU A 113 -10.29 13.28 23.77
C GLU A 113 -11.43 13.02 24.70
N GLY A 1 -12.13 9.37 4.40
CA GLY A 1 -12.26 9.60 2.96
C GLY A 1 -11.11 10.39 2.44
N HIS A 2 -11.21 10.83 1.18
CA HIS A 2 -10.14 11.52 0.45
C HIS A 2 -8.89 10.64 0.40
N MET A 3 -8.04 10.75 1.39
CA MET A 3 -6.95 9.84 1.56
C MET A 3 -7.43 8.80 2.53
N GLU A 4 -7.87 7.69 2.02
CA GLU A 4 -8.44 6.67 2.86
C GLU A 4 -7.34 5.83 3.46
N LEU A 5 -6.87 6.21 4.64
CA LEU A 5 -5.88 5.45 5.35
C LEU A 5 -6.58 4.43 6.19
N PHE A 6 -6.73 3.27 5.66
CA PHE A 6 -7.38 2.20 6.36
C PHE A 6 -6.40 1.09 6.72
N PRO A 7 -6.56 0.47 7.89
CA PRO A 7 -5.69 -0.60 8.34
C PRO A 7 -6.01 -1.95 7.68
N VAL A 8 -4.98 -2.58 7.22
CA VAL A 8 -5.07 -3.87 6.60
C VAL A 8 -4.28 -4.84 7.44
N GLU A 9 -4.93 -5.87 7.88
CA GLU A 9 -4.33 -6.82 8.77
C GLU A 9 -4.03 -8.10 8.05
N LEU A 10 -2.84 -8.60 8.24
CA LEU A 10 -2.45 -9.85 7.68
C LEU A 10 -1.72 -10.68 8.68
N GLU A 11 -1.72 -11.93 8.43
CA GLU A 11 -1.00 -12.91 9.19
C GLU A 11 -0.53 -13.97 8.23
N LYS A 12 0.43 -14.74 8.62
CA LYS A 12 1.04 -15.68 7.72
C LYS A 12 0.32 -17.00 7.66
N ASP A 13 0.54 -17.66 6.55
CA ASP A 13 -0.02 -18.97 6.26
C ASP A 13 0.66 -20.04 7.10
N SER A 14 1.90 -20.28 6.78
CA SER A 14 2.71 -21.30 7.37
C SER A 14 4.07 -21.13 6.74
N GLU A 15 4.05 -20.84 5.45
CA GLU A 15 5.26 -20.50 4.72
C GLU A 15 5.60 -19.05 5.05
N GLY A 16 4.67 -18.17 4.77
CA GLY A 16 4.84 -16.77 5.03
C GLY A 16 3.85 -15.98 4.23
N LEU A 17 4.27 -14.83 3.74
CA LEU A 17 3.43 -14.02 2.89
C LEU A 17 3.66 -14.38 1.43
N GLY A 18 3.03 -13.63 0.58
CA GLY A 18 3.21 -13.79 -0.82
C GLY A 18 3.41 -12.46 -1.42
N ILE A 19 2.44 -12.04 -2.24
CA ILE A 19 2.39 -10.72 -2.95
C ILE A 19 3.72 -10.29 -3.59
N SER A 20 3.66 -9.14 -4.14
CA SER A 20 4.77 -8.45 -4.70
C SER A 20 4.37 -7.02 -4.70
N ILE A 21 5.29 -6.14 -4.51
CA ILE A 21 4.99 -4.74 -4.49
C ILE A 21 5.75 -4.03 -5.59
N ILE A 22 5.32 -2.85 -5.95
CA ILE A 22 5.92 -2.12 -7.03
C ILE A 22 6.09 -0.65 -6.66
N GLY A 23 7.24 -0.12 -6.96
CA GLY A 23 7.50 1.26 -6.66
C GLY A 23 7.16 2.17 -7.79
N MET A 24 6.05 2.85 -7.68
CA MET A 24 5.62 3.79 -8.69
C MET A 24 5.29 5.09 -8.03
N GLY A 25 6.12 6.05 -8.22
CA GLY A 25 5.93 7.31 -7.61
C GLY A 25 6.74 8.37 -8.25
N ALA A 26 6.28 9.57 -8.15
CA ALA A 26 6.99 10.70 -8.66
C ALA A 26 6.93 11.79 -7.63
N GLY A 27 7.95 11.84 -6.80
CA GLY A 27 7.98 12.81 -5.75
C GLY A 27 9.24 12.79 -4.96
N ALA A 28 10.33 12.49 -5.63
CA ALA A 28 11.62 12.55 -4.99
C ALA A 28 12.00 14.00 -4.91
N ASP A 29 12.16 14.47 -3.72
CA ASP A 29 12.38 15.89 -3.49
C ASP A 29 13.36 16.06 -2.35
N MET A 30 14.26 15.07 -2.21
CA MET A 30 15.30 15.01 -1.16
C MET A 30 14.76 15.34 0.22
N GLY A 31 13.61 14.78 0.53
CA GLY A 31 12.97 15.01 1.80
C GLY A 31 11.53 14.55 1.81
N LEU A 32 10.76 14.98 0.82
CA LEU A 32 9.36 14.56 0.69
C LEU A 32 9.29 13.09 0.39
N GLU A 33 10.08 12.69 -0.60
CA GLU A 33 10.25 11.32 -1.06
C GLU A 33 8.94 10.59 -1.25
N LYS A 34 7.96 11.27 -1.80
CA LYS A 34 6.65 10.69 -1.94
C LYS A 34 6.55 9.69 -3.10
N LEU A 35 7.00 8.50 -2.81
CA LEU A 35 6.95 7.37 -3.72
C LEU A 35 5.89 6.42 -3.22
N GLY A 36 5.17 5.82 -4.11
CA GLY A 36 4.15 4.90 -3.72
C GLY A 36 4.54 3.49 -4.03
N ILE A 37 4.73 2.70 -3.02
CA ILE A 37 5.01 1.32 -3.24
C ILE A 37 3.69 0.57 -3.14
N PHE A 38 3.03 0.47 -4.27
CA PHE A 38 1.73 -0.17 -4.37
C PHE A 38 1.94 -1.68 -4.50
N VAL A 39 0.89 -2.43 -4.43
CA VAL A 39 0.99 -3.86 -4.64
C VAL A 39 1.09 -4.16 -6.15
N LYS A 40 1.88 -5.14 -6.51
CA LYS A 40 2.08 -5.48 -7.92
C LYS A 40 1.28 -6.74 -8.25
N THR A 41 1.31 -7.71 -7.36
CA THR A 41 0.57 -8.93 -7.57
C THR A 41 0.32 -9.54 -6.20
N VAL A 42 -0.58 -10.46 -6.15
CA VAL A 42 -0.89 -11.13 -4.93
C VAL A 42 -0.71 -12.61 -5.19
N THR A 43 0.45 -13.12 -4.86
CA THR A 43 0.79 -14.51 -5.03
C THR A 43 -0.22 -15.43 -4.34
N GLU A 44 -0.79 -16.34 -5.13
CA GLU A 44 -1.82 -17.28 -4.69
C GLU A 44 -1.33 -18.21 -3.58
N GLY A 45 -0.04 -18.50 -3.60
CA GLY A 45 0.54 -19.37 -2.60
C GLY A 45 0.67 -18.69 -1.25
N GLY A 46 0.72 -17.38 -1.28
CA GLY A 46 0.94 -16.66 -0.07
C GLY A 46 -0.30 -16.35 0.67
N ALA A 47 -0.11 -16.09 1.92
CA ALA A 47 -1.17 -15.82 2.87
C ALA A 47 -2.07 -14.69 2.44
N ALA A 48 -1.48 -13.66 1.86
CA ALA A 48 -2.21 -12.44 1.47
C ALA A 48 -3.36 -12.72 0.50
N HIS A 49 -3.18 -13.67 -0.41
CA HIS A 49 -4.20 -13.98 -1.40
C HIS A 49 -5.29 -14.83 -0.75
N ARG A 50 -4.84 -15.74 0.09
CA ARG A 50 -5.69 -16.72 0.72
C ARG A 50 -6.52 -16.07 1.82
N ASP A 51 -5.90 -15.16 2.54
CA ASP A 51 -6.56 -14.34 3.53
C ASP A 51 -7.49 -13.38 2.81
N GLY A 52 -6.92 -12.56 1.96
CA GLY A 52 -7.70 -11.69 1.14
C GLY A 52 -7.83 -10.28 1.66
N ARG A 53 -7.05 -9.89 2.67
CA ARG A 53 -7.08 -8.50 3.10
C ARG A 53 -6.33 -7.58 2.15
N ILE A 54 -5.08 -7.93 1.81
CA ILE A 54 -4.32 -7.14 0.82
C ILE A 54 -4.83 -7.48 -0.59
N GLN A 55 -4.92 -6.48 -1.44
CA GLN A 55 -5.41 -6.64 -2.77
C GLN A 55 -4.26 -6.35 -3.74
N VAL A 56 -4.53 -6.38 -5.01
CA VAL A 56 -3.50 -6.11 -6.01
C VAL A 56 -3.44 -4.61 -6.37
N ASN A 57 -4.24 -3.81 -5.72
CA ASN A 57 -4.32 -2.41 -6.09
C ASN A 57 -3.92 -1.45 -4.98
N ASP A 58 -3.87 -1.92 -3.75
CA ASP A 58 -3.63 -1.04 -2.62
C ASP A 58 -2.18 -0.60 -2.46
N LEU A 59 -1.95 0.22 -1.46
CA LEU A 59 -0.69 0.88 -1.21
C LEU A 59 -0.30 0.76 0.23
N LEU A 60 0.84 0.19 0.46
CA LEU A 60 1.35 0.03 1.80
C LEU A 60 2.01 1.33 2.25
N VAL A 61 1.22 2.17 2.89
CA VAL A 61 1.68 3.46 3.41
C VAL A 61 2.57 3.27 4.61
N GLU A 62 2.23 2.33 5.41
CA GLU A 62 3.07 1.92 6.49
C GLU A 62 2.73 0.55 6.98
N VAL A 63 3.68 -0.06 7.62
CA VAL A 63 3.52 -1.37 8.19
C VAL A 63 3.31 -1.15 9.70
N ASP A 64 3.17 -2.20 10.47
CA ASP A 64 2.93 -2.10 11.90
C ASP A 64 4.01 -1.29 12.65
N GLY A 65 5.25 -1.66 12.46
CA GLY A 65 6.33 -1.00 13.18
C GLY A 65 7.26 -0.17 12.32
N THR A 66 6.81 0.25 11.16
CA THR A 66 7.63 1.08 10.28
C THR A 66 6.73 1.94 9.38
N SER A 67 6.80 3.23 9.56
CA SER A 67 6.04 4.15 8.76
C SER A 67 6.81 4.50 7.49
N LEU A 68 6.13 4.56 6.38
CA LEU A 68 6.75 4.84 5.12
C LEU A 68 6.42 6.23 4.63
N VAL A 69 7.34 7.15 4.80
CA VAL A 69 7.18 8.47 4.22
C VAL A 69 7.36 8.37 2.69
N GLY A 70 8.11 7.37 2.28
CA GLY A 70 8.40 7.15 0.91
C GLY A 70 9.73 6.47 0.75
N VAL A 71 9.69 5.18 0.84
CA VAL A 71 10.89 4.36 0.78
C VAL A 71 10.96 3.66 -0.57
N THR A 72 11.97 2.84 -0.76
CA THR A 72 12.11 2.10 -1.96
C THR A 72 11.22 0.85 -1.91
N GLN A 73 11.05 0.23 -3.05
CA GLN A 73 10.27 -0.98 -3.20
C GLN A 73 10.89 -2.11 -2.37
N SER A 74 12.20 -2.16 -2.39
CA SER A 74 12.93 -3.17 -1.66
C SER A 74 12.83 -2.92 -0.15
N PHE A 75 12.86 -1.66 0.25
CA PHE A 75 12.78 -1.28 1.65
C PHE A 75 11.45 -1.76 2.22
N ALA A 76 10.37 -1.43 1.54
CA ALA A 76 9.04 -1.84 1.97
C ALA A 76 8.89 -3.38 1.92
N ALA A 77 9.55 -4.03 0.96
CA ALA A 77 9.52 -5.49 0.89
C ALA A 77 10.17 -6.09 2.14
N SER A 78 11.22 -5.44 2.59
CA SER A 78 11.90 -5.88 3.77
C SER A 78 11.18 -5.46 5.07
N VAL A 79 10.26 -4.48 5.03
CA VAL A 79 9.59 -4.05 6.27
C VAL A 79 8.58 -5.10 6.68
N LEU A 80 7.97 -5.68 5.69
CA LEU A 80 7.00 -6.76 5.84
C LEU A 80 7.67 -8.02 6.38
N ARG A 81 8.96 -8.16 6.12
CA ARG A 81 9.67 -9.34 6.52
C ARG A 81 10.41 -9.18 7.85
N ASN A 82 10.42 -7.96 8.36
CA ASN A 82 11.06 -7.68 9.66
C ASN A 82 10.04 -7.54 10.75
N THR A 83 8.80 -7.40 10.37
CA THR A 83 7.72 -7.26 11.29
C THR A 83 7.25 -8.62 11.84
N LYS A 84 6.33 -8.57 12.82
CA LYS A 84 5.81 -9.76 13.51
C LYS A 84 5.02 -10.71 12.60
N GLY A 85 4.40 -11.70 13.22
CA GLY A 85 3.61 -12.68 12.51
C GLY A 85 2.40 -12.05 11.88
N ARG A 86 1.70 -11.30 12.67
CA ARG A 86 0.49 -10.63 12.25
C ARG A 86 0.61 -9.18 12.53
N VAL A 87 0.49 -8.40 11.50
CA VAL A 87 0.67 -6.98 11.58
C VAL A 87 -0.35 -6.24 10.78
N ARG A 88 -0.61 -5.02 11.17
CA ARG A 88 -1.54 -4.17 10.50
C ARG A 88 -0.83 -3.06 9.79
N PHE A 89 -1.08 -2.96 8.55
CA PHE A 89 -0.51 -1.96 7.69
C PHE A 89 -1.53 -0.86 7.55
N MET A 90 -1.11 0.30 7.16
CA MET A 90 -2.02 1.35 6.83
C MET A 90 -1.96 1.57 5.35
N ILE A 91 -3.06 1.35 4.72
CA ILE A 91 -3.18 1.51 3.29
C ILE A 91 -3.85 2.82 3.01
N GLY A 92 -3.27 3.60 2.14
CA GLY A 92 -3.83 4.87 1.81
C GLY A 92 -4.25 4.91 0.40
N ARG A 93 -5.50 5.12 0.22
CA ARG A 93 -6.08 5.23 -1.06
C ARG A 93 -6.45 6.66 -1.35
N GLU A 94 -5.79 7.24 -2.31
CA GLU A 94 -6.23 8.50 -2.83
C GLU A 94 -7.32 8.18 -3.83
N ARG A 95 -8.50 8.06 -3.31
CA ARG A 95 -9.67 7.73 -4.08
C ARG A 95 -10.08 8.91 -5.00
N PRO A 96 -10.38 10.10 -4.47
CA PRO A 96 -10.67 11.25 -5.28
C PRO A 96 -9.40 11.92 -5.82
N GLY A 97 -9.59 13.07 -6.38
CA GLY A 97 -8.53 13.80 -7.01
C GLY A 97 -9.14 14.68 -8.06
N GLU A 98 -9.83 14.04 -9.00
CA GLU A 98 -10.62 14.78 -9.98
C GLU A 98 -11.85 15.30 -9.25
N GLN A 99 -12.22 14.58 -8.23
CA GLN A 99 -13.22 14.99 -7.30
C GLN A 99 -12.47 15.63 -6.15
N SER A 100 -12.61 16.91 -5.99
CA SER A 100 -11.90 17.66 -5.00
C SER A 100 -12.71 17.76 -3.70
N GLU A 101 -12.34 18.68 -2.84
CA GLU A 101 -12.99 18.85 -1.54
C GLU A 101 -14.19 19.77 -1.63
N VAL A 102 -14.52 20.18 -2.82
CA VAL A 102 -15.62 21.07 -3.02
C VAL A 102 -16.93 20.33 -3.05
N ALA A 103 -17.67 20.57 -2.03
CA ALA A 103 -18.96 19.95 -1.78
C ALA A 103 -19.74 20.89 -0.90
N GLN A 104 -19.57 22.18 -1.19
CA GLN A 104 -20.08 23.29 -0.38
C GLN A 104 -19.33 23.35 0.94
N LEU A 105 -18.30 24.15 0.96
CA LEU A 105 -17.48 24.29 2.12
C LEU A 105 -18.17 25.18 3.12
N ILE A 106 -17.96 24.91 4.37
CA ILE A 106 -18.48 25.71 5.43
C ILE A 106 -17.53 26.86 5.66
N GLN A 107 -16.30 26.50 6.04
CA GLN A 107 -15.18 27.40 6.25
C GLN A 107 -15.56 28.55 7.20
N GLN A 108 -15.27 28.38 8.48
CA GLN A 108 -15.71 29.35 9.49
C GLN A 108 -15.05 30.72 9.37
N THR A 109 -14.01 30.81 8.59
CA THR A 109 -13.34 32.07 8.42
C THR A 109 -14.05 32.93 7.35
N LEU A 110 -14.96 32.28 6.58
CA LEU A 110 -15.84 32.95 5.61
C LEU A 110 -15.08 33.68 4.49
N GLU A 111 -13.92 33.18 4.14
CA GLU A 111 -13.09 33.83 3.13
C GLU A 111 -13.41 33.34 1.71
N GLN A 112 -14.21 32.30 1.63
CA GLN A 112 -14.62 31.74 0.34
C GLN A 112 -15.67 32.62 -0.33
N GLU A 113 -15.61 32.70 -1.63
CA GLU A 113 -16.58 33.40 -2.42
C GLU A 113 -17.00 32.50 -3.57
N GLY A 1 -14.79 9.89 -2.16
CA GLY A 1 -13.81 9.48 -3.17
C GLY A 1 -12.52 10.26 -3.08
N HIS A 2 -11.74 9.99 -2.08
CA HIS A 2 -10.48 10.70 -1.86
C HIS A 2 -9.45 9.73 -1.32
N MET A 3 -8.29 10.23 -0.92
CA MET A 3 -7.27 9.39 -0.30
C MET A 3 -7.79 8.85 1.04
N GLU A 4 -7.90 7.56 1.13
CA GLU A 4 -8.37 6.94 2.34
C GLU A 4 -7.19 6.30 3.02
N LEU A 5 -6.71 6.91 4.05
CA LEU A 5 -5.61 6.38 4.81
C LEU A 5 -6.16 5.45 5.88
N PHE A 6 -6.31 4.21 5.54
CA PHE A 6 -6.86 3.23 6.47
C PHE A 6 -5.88 2.09 6.80
N PRO A 7 -5.91 1.61 8.05
CA PRO A 7 -5.07 0.51 8.47
C PRO A 7 -5.63 -0.85 8.06
N VAL A 8 -4.81 -1.61 7.41
CA VAL A 8 -5.16 -2.92 6.94
C VAL A 8 -4.35 -3.93 7.72
N GLU A 9 -4.97 -4.97 8.17
CA GLU A 9 -4.30 -5.96 8.95
C GLU A 9 -4.41 -7.32 8.26
N LEU A 10 -3.28 -8.00 8.12
CA LEU A 10 -3.24 -9.29 7.48
C LEU A 10 -2.24 -10.20 8.16
N GLU A 11 -2.38 -11.46 7.88
CA GLU A 11 -1.55 -12.52 8.38
C GLU A 11 -0.37 -12.66 7.45
N LYS A 12 0.71 -13.20 7.93
CA LYS A 12 1.82 -13.51 7.08
C LYS A 12 1.55 -14.81 6.32
N ASP A 13 2.56 -15.31 5.71
CA ASP A 13 2.50 -16.51 4.94
C ASP A 13 3.55 -17.43 5.47
N SER A 14 3.45 -18.69 5.17
CA SER A 14 4.37 -19.69 5.68
C SER A 14 5.81 -19.39 5.23
N GLU A 15 5.95 -18.85 4.04
CA GLU A 15 7.25 -18.46 3.54
C GLU A 15 7.50 -17.03 4.00
N GLY A 16 6.53 -16.18 3.71
CA GLY A 16 6.65 -14.80 4.09
C GLY A 16 6.02 -13.90 3.08
N LEU A 17 4.75 -13.56 3.34
CA LEU A 17 3.94 -12.65 2.50
C LEU A 17 3.76 -13.14 1.06
N GLY A 18 2.62 -13.76 0.81
CA GLY A 18 2.29 -14.27 -0.51
C GLY A 18 1.72 -13.18 -1.39
N ILE A 19 2.51 -12.19 -1.57
CA ILE A 19 2.23 -11.02 -2.38
C ILE A 19 3.53 -10.55 -2.93
N SER A 20 3.48 -9.48 -3.59
CA SER A 20 4.64 -8.84 -4.12
C SER A 20 4.36 -7.38 -4.19
N ILE A 21 5.37 -6.60 -4.01
CA ILE A 21 5.23 -5.16 -4.05
C ILE A 21 5.97 -4.59 -5.23
N ILE A 22 5.59 -3.43 -5.65
CA ILE A 22 6.23 -2.78 -6.75
C ILE A 22 6.55 -1.35 -6.36
N GLY A 23 7.75 -0.95 -6.58
CA GLY A 23 8.17 0.34 -6.21
C GLY A 23 7.93 1.32 -7.29
N MET A 24 6.76 1.92 -7.27
CA MET A 24 6.46 2.95 -8.23
C MET A 24 7.24 4.17 -7.85
N GLY A 25 8.23 4.47 -8.64
CA GLY A 25 9.12 5.53 -8.33
C GLY A 25 8.65 6.83 -8.82
N ALA A 26 7.63 7.22 -8.23
CA ALA A 26 7.03 8.50 -8.44
C ALA A 26 7.24 9.27 -7.16
N GLY A 27 8.46 9.72 -7.00
CA GLY A 27 8.85 10.38 -5.80
C GLY A 27 8.22 11.73 -5.69
N ALA A 28 7.24 11.83 -4.84
CA ALA A 28 6.58 13.08 -4.60
C ALA A 28 7.51 13.99 -3.83
N ASP A 29 8.05 14.96 -4.53
CA ASP A 29 9.00 15.87 -3.98
C ASP A 29 8.31 16.98 -3.21
N MET A 30 7.71 16.57 -2.16
CA MET A 30 6.99 17.42 -1.24
C MET A 30 7.71 17.46 0.10
N GLY A 31 9.02 17.24 0.02
CA GLY A 31 9.85 17.27 1.20
C GLY A 31 10.00 15.90 1.78
N LEU A 32 9.57 14.91 1.05
CA LEU A 32 9.60 13.55 1.53
C LEU A 32 10.18 12.60 0.49
N GLU A 33 10.19 13.04 -0.80
CA GLU A 33 10.55 12.21 -1.99
C GLU A 33 9.94 10.82 -1.89
N LYS A 34 8.73 10.78 -1.36
CA LYS A 34 8.03 9.56 -1.07
C LYS A 34 7.74 8.74 -2.31
N LEU A 35 8.22 7.54 -2.29
CA LEU A 35 7.98 6.57 -3.33
C LEU A 35 6.68 5.86 -3.03
N GLY A 36 6.10 5.24 -4.02
CA GLY A 36 4.88 4.53 -3.80
C GLY A 36 5.07 3.06 -3.94
N ILE A 37 5.29 2.38 -2.84
CA ILE A 37 5.47 0.95 -2.93
C ILE A 37 4.12 0.26 -2.84
N PHE A 38 3.49 0.15 -3.98
CA PHE A 38 2.17 -0.45 -4.11
C PHE A 38 2.33 -1.95 -4.23
N VAL A 39 1.23 -2.64 -4.25
CA VAL A 39 1.26 -4.07 -4.46
C VAL A 39 1.42 -4.35 -5.95
N LYS A 40 2.17 -5.35 -6.24
CA LYS A 40 2.45 -5.76 -7.57
C LYS A 40 1.58 -6.94 -7.93
N THR A 41 1.62 -7.93 -7.10
CA THR A 41 0.93 -9.15 -7.33
C THR A 41 0.54 -9.73 -5.98
N VAL A 42 -0.36 -10.65 -5.97
CA VAL A 42 -0.79 -11.29 -4.78
C VAL A 42 -1.04 -12.78 -5.05
N THR A 43 -0.11 -13.56 -4.58
CA THR A 43 -0.06 -14.98 -4.78
C THR A 43 -1.28 -15.69 -4.16
N GLU A 44 -1.98 -16.47 -4.98
CA GLU A 44 -3.19 -17.18 -4.57
C GLU A 44 -2.91 -18.24 -3.52
N GLY A 45 -1.67 -18.70 -3.47
CA GLY A 45 -1.28 -19.67 -2.47
C GLY A 45 -0.91 -19.01 -1.15
N GLY A 46 -1.08 -17.70 -1.07
CA GLY A 46 -0.77 -17.00 0.13
C GLY A 46 -2.00 -16.53 0.84
N ALA A 47 -1.80 -16.19 2.07
CA ALA A 47 -2.87 -15.77 2.96
C ALA A 47 -3.52 -14.47 2.52
N ALA A 48 -2.73 -13.57 1.99
CA ALA A 48 -3.20 -12.23 1.62
C ALA A 48 -4.27 -12.27 0.52
N HIS A 49 -4.10 -13.18 -0.44
CA HIS A 49 -5.01 -13.32 -1.57
C HIS A 49 -6.34 -13.88 -1.09
N ARG A 50 -6.23 -14.85 -0.21
CA ARG A 50 -7.38 -15.57 0.28
C ARG A 50 -8.17 -14.73 1.27
N ASP A 51 -7.45 -13.95 2.07
CA ASP A 51 -8.08 -13.03 3.00
C ASP A 51 -8.86 -11.97 2.25
N GLY A 52 -8.16 -11.16 1.48
CA GLY A 52 -8.83 -10.17 0.71
C GLY A 52 -8.43 -8.76 1.06
N ARG A 53 -7.87 -8.55 2.25
CA ARG A 53 -7.46 -7.21 2.66
C ARG A 53 -6.37 -6.61 1.77
N ILE A 54 -5.20 -7.22 1.72
CA ILE A 54 -4.18 -6.73 0.78
C ILE A 54 -4.53 -7.22 -0.63
N GLN A 55 -4.94 -6.33 -1.49
CA GLN A 55 -5.18 -6.68 -2.85
C GLN A 55 -4.05 -6.23 -3.72
N VAL A 56 -4.12 -6.61 -4.97
CA VAL A 56 -3.07 -6.40 -5.95
C VAL A 56 -2.76 -4.91 -6.26
N ASN A 57 -3.62 -3.99 -5.86
CA ASN A 57 -3.39 -2.60 -6.20
C ASN A 57 -3.38 -1.72 -4.94
N ASP A 58 -3.22 -2.32 -3.78
CA ASP A 58 -3.17 -1.55 -2.56
C ASP A 58 -1.79 -1.00 -2.30
N LEU A 59 -1.66 -0.16 -1.31
CA LEU A 59 -0.40 0.50 -1.03
C LEU A 59 -0.02 0.32 0.41
N LEU A 60 1.06 -0.35 0.65
CA LEU A 60 1.53 -0.56 1.98
C LEU A 60 2.50 0.55 2.31
N VAL A 61 2.01 1.58 2.94
CA VAL A 61 2.88 2.68 3.32
C VAL A 61 3.74 2.27 4.46
N GLU A 62 3.15 2.01 5.55
CA GLU A 62 3.90 1.67 6.73
C GLU A 62 3.36 0.43 7.33
N VAL A 63 4.17 -0.26 8.09
CA VAL A 63 3.78 -1.50 8.69
C VAL A 63 3.47 -1.23 10.19
N ASP A 64 3.16 -2.28 10.94
CA ASP A 64 2.79 -2.21 12.35
C ASP A 64 3.76 -1.41 13.22
N GLY A 65 5.02 -1.78 13.20
CA GLY A 65 5.99 -1.14 14.08
C GLY A 65 7.14 -0.48 13.35
N THR A 66 6.93 -0.05 12.14
CA THR A 66 7.94 0.66 11.38
C THR A 66 7.25 1.59 10.38
N SER A 67 7.52 2.86 10.50
CA SER A 67 6.88 3.86 9.70
C SER A 67 7.72 4.19 8.46
N LEU A 68 7.21 3.80 7.31
CA LEU A 68 7.84 4.10 6.07
C LEU A 68 7.34 5.42 5.56
N VAL A 69 8.23 6.35 5.36
CA VAL A 69 7.85 7.63 4.82
C VAL A 69 7.78 7.55 3.28
N GLY A 70 8.47 6.56 2.74
CA GLY A 70 8.55 6.37 1.32
C GLY A 70 9.89 5.84 0.96
N VAL A 71 10.11 4.62 1.35
CA VAL A 71 11.38 3.93 1.16
C VAL A 71 11.36 3.20 -0.17
N THR A 72 12.42 2.50 -0.47
CA THR A 72 12.50 1.76 -1.70
C THR A 72 11.72 0.43 -1.59
N GLN A 73 11.47 -0.18 -2.73
CA GLN A 73 10.75 -1.45 -2.81
C GLN A 73 11.48 -2.53 -2.01
N SER A 74 12.79 -2.52 -2.11
CA SER A 74 13.63 -3.48 -1.42
C SER A 74 13.55 -3.26 0.10
N PHE A 75 13.46 -2.02 0.50
CA PHE A 75 13.38 -1.66 1.90
C PHE A 75 12.04 -2.14 2.45
N ALA A 76 10.98 -1.84 1.73
CA ALA A 76 9.64 -2.26 2.13
C ALA A 76 9.53 -3.80 2.16
N ALA A 77 10.16 -4.46 1.19
CA ALA A 77 10.15 -5.92 1.13
C ALA A 77 10.81 -6.53 2.36
N SER A 78 11.88 -5.92 2.79
CA SER A 78 12.62 -6.43 3.92
C SER A 78 12.01 -6.02 5.26
N VAL A 79 11.04 -5.11 5.26
CA VAL A 79 10.41 -4.75 6.51
C VAL A 79 9.28 -5.73 6.76
N LEU A 80 8.65 -6.14 5.67
CA LEU A 80 7.59 -7.13 5.68
C LEU A 80 8.13 -8.52 6.02
N ARG A 81 9.41 -8.72 5.84
CA ARG A 81 10.06 -9.99 6.18
C ARG A 81 10.64 -9.92 7.58
N ASN A 82 10.40 -8.83 8.23
CA ASN A 82 10.94 -8.57 9.55
C ASN A 82 9.80 -8.51 10.59
N THR A 83 8.59 -8.72 10.12
CA THR A 83 7.43 -8.57 10.95
C THR A 83 6.98 -9.89 11.64
N LYS A 84 6.02 -9.73 12.56
CA LYS A 84 5.40 -10.83 13.29
C LYS A 84 4.43 -11.63 12.40
N GLY A 85 3.63 -12.47 13.05
CA GLY A 85 2.68 -13.31 12.34
C GLY A 85 1.56 -12.52 11.69
N ARG A 86 1.17 -11.45 12.30
CA ARG A 86 0.15 -10.59 11.78
C ARG A 86 0.53 -9.15 12.06
N VAL A 87 0.42 -8.31 11.06
CA VAL A 87 0.73 -6.89 11.23
C VAL A 87 -0.27 -6.02 10.52
N ARG A 88 -0.23 -4.77 10.87
CA ARG A 88 -1.05 -3.76 10.26
C ARG A 88 -0.22 -3.02 9.25
N PHE A 89 -0.85 -2.38 8.34
CA PHE A 89 -0.20 -1.57 7.39
C PHE A 89 -1.10 -0.38 7.18
N MET A 90 -0.54 0.74 6.80
CA MET A 90 -1.36 1.88 6.47
C MET A 90 -1.52 1.95 4.99
N ILE A 91 -2.72 1.74 4.53
CA ILE A 91 -3.04 1.77 3.13
C ILE A 91 -3.70 3.08 2.81
N GLY A 92 -3.07 3.83 1.97
CA GLY A 92 -3.65 5.03 1.52
C GLY A 92 -4.16 4.84 0.17
N ARG A 93 -5.43 4.66 0.10
CA ARG A 93 -6.08 4.48 -1.15
C ARG A 93 -6.20 5.79 -1.86
N GLU A 94 -5.25 6.04 -2.69
CA GLU A 94 -5.30 7.17 -3.52
C GLU A 94 -6.13 6.81 -4.73
N ARG A 95 -7.42 6.87 -4.53
CA ARG A 95 -8.37 6.64 -5.58
C ARG A 95 -8.24 7.71 -6.69
N PRO A 96 -8.39 9.03 -6.38
CA PRO A 96 -8.13 10.08 -7.35
C PRO A 96 -6.64 10.40 -7.44
N GLY A 97 -6.35 11.56 -7.92
CA GLY A 97 -4.96 12.00 -8.00
C GLY A 97 -4.56 12.33 -9.41
N GLU A 98 -5.51 12.88 -10.16
CA GLU A 98 -5.37 13.28 -11.55
C GLU A 98 -4.89 12.17 -12.51
N GLN A 99 -4.94 10.93 -12.06
CA GLN A 99 -4.66 9.80 -12.93
C GLN A 99 -5.88 9.55 -13.81
N SER A 100 -6.99 9.89 -13.26
CA SER A 100 -8.24 9.86 -13.94
C SER A 100 -8.84 11.23 -13.73
N GLU A 101 -9.75 11.62 -14.55
CA GLU A 101 -10.26 12.97 -14.47
C GLU A 101 -11.65 12.97 -13.95
N VAL A 102 -11.75 12.76 -12.69
CA VAL A 102 -13.00 12.93 -12.02
C VAL A 102 -12.99 14.37 -11.56
N ALA A 103 -13.92 15.12 -12.02
CA ALA A 103 -13.92 16.54 -11.77
C ALA A 103 -15.30 17.05 -11.45
N GLN A 104 -15.52 17.29 -10.17
CA GLN A 104 -16.77 17.83 -9.62
C GLN A 104 -17.96 16.96 -9.91
N LEU A 105 -18.31 16.15 -8.98
CA LEU A 105 -19.45 15.33 -9.08
C LEU A 105 -20.65 16.12 -8.65
N ILE A 106 -21.59 16.29 -9.56
CA ILE A 106 -22.81 17.03 -9.29
C ILE A 106 -23.56 16.30 -8.18
N GLN A 107 -23.91 15.05 -8.50
CA GLN A 107 -24.53 14.13 -7.59
C GLN A 107 -25.87 14.64 -7.07
N GLN A 108 -26.93 14.22 -7.71
CA GLN A 108 -28.25 14.53 -7.23
C GLN A 108 -28.43 13.81 -5.91
N THR A 109 -28.34 14.56 -4.83
CA THR A 109 -28.35 14.00 -3.50
C THR A 109 -29.73 13.44 -3.13
N LEU A 110 -30.76 14.00 -3.70
CA LEU A 110 -32.11 13.50 -3.48
C LEU A 110 -32.47 12.61 -4.65
N GLU A 111 -31.83 12.92 -5.77
CA GLU A 111 -31.97 12.23 -7.03
C GLU A 111 -33.38 12.36 -7.57
N GLN A 112 -33.62 13.54 -8.15
CA GLN A 112 -34.91 13.91 -8.74
C GLN A 112 -35.99 14.03 -7.66
N GLU A 113 -37.20 14.30 -8.05
CA GLU A 113 -38.27 14.42 -7.10
C GLU A 113 -38.87 13.05 -6.85
N GLY A 1 -14.67 9.12 -0.68
CA GLY A 1 -13.32 9.04 -0.17
C GLY A 1 -12.32 8.95 -1.28
N HIS A 2 -11.29 9.76 -1.20
CA HIS A 2 -10.23 9.76 -2.20
C HIS A 2 -9.31 8.60 -1.86
N MET A 3 -8.93 8.56 -0.61
CA MET A 3 -8.08 7.53 -0.09
C MET A 3 -8.72 6.89 1.10
N GLU A 4 -8.84 5.60 1.05
CA GLU A 4 -9.42 4.84 2.11
C GLU A 4 -8.31 4.36 3.02
N LEU A 5 -8.14 5.01 4.12
CA LEU A 5 -7.16 4.63 5.12
C LEU A 5 -7.78 3.62 6.06
N PHE A 6 -7.65 2.38 5.72
CA PHE A 6 -8.20 1.31 6.52
C PHE A 6 -7.12 0.36 7.04
N PRO A 7 -7.28 -0.17 8.26
CA PRO A 7 -6.36 -1.12 8.83
C PRO A 7 -6.52 -2.50 8.21
N VAL A 8 -5.42 -3.14 7.96
CA VAL A 8 -5.39 -4.45 7.36
C VAL A 8 -4.50 -5.34 8.20
N GLU A 9 -5.00 -6.48 8.56
CA GLU A 9 -4.25 -7.40 9.35
C GLU A 9 -4.00 -8.66 8.54
N LEU A 10 -2.77 -9.01 8.38
CA LEU A 10 -2.41 -10.19 7.67
C LEU A 10 -1.41 -10.97 8.45
N GLU A 11 -1.24 -12.19 8.07
CA GLU A 11 -0.24 -13.04 8.64
C GLU A 11 0.62 -13.55 7.53
N LYS A 12 1.91 -13.58 7.74
CA LYS A 12 2.81 -14.07 6.73
C LYS A 12 2.74 -15.59 6.65
N ASP A 13 3.21 -16.14 5.58
CA ASP A 13 3.20 -17.56 5.41
C ASP A 13 4.55 -18.03 4.88
N SER A 14 4.60 -19.26 4.40
CA SER A 14 5.80 -19.86 3.89
C SER A 14 6.29 -19.17 2.61
N GLU A 15 5.39 -18.50 1.92
CA GLU A 15 5.70 -17.75 0.72
C GLU A 15 6.18 -16.33 1.13
N GLY A 16 6.25 -16.10 2.44
CA GLY A 16 6.57 -14.82 2.95
C GLY A 16 5.31 -14.05 3.01
N LEU A 17 5.04 -13.35 1.97
CA LEU A 17 3.82 -12.63 1.82
C LEU A 17 3.19 -13.10 0.54
N GLY A 18 1.91 -13.38 0.57
CA GLY A 18 1.20 -13.83 -0.62
C GLY A 18 0.77 -12.68 -1.49
N ILE A 19 1.72 -11.84 -1.82
CA ILE A 19 1.57 -10.63 -2.60
C ILE A 19 2.91 -10.25 -3.10
N SER A 20 2.92 -9.24 -3.87
CA SER A 20 4.11 -8.63 -4.34
C SER A 20 3.84 -7.17 -4.38
N ILE A 21 4.81 -6.38 -4.13
CA ILE A 21 4.66 -4.96 -4.11
C ILE A 21 5.46 -4.35 -5.24
N ILE A 22 5.17 -3.13 -5.59
CA ILE A 22 5.87 -2.52 -6.69
C ILE A 22 6.21 -1.07 -6.34
N GLY A 23 7.40 -0.67 -6.71
CA GLY A 23 7.82 0.67 -6.48
C GLY A 23 7.44 1.58 -7.61
N MET A 24 6.48 2.43 -7.37
CA MET A 24 6.04 3.40 -8.36
C MET A 24 6.15 4.77 -7.76
N GLY A 25 6.40 5.75 -8.57
CA GLY A 25 6.47 7.09 -8.07
C GLY A 25 7.65 7.82 -8.63
N ALA A 26 7.67 9.11 -8.42
CA ALA A 26 8.72 9.98 -8.89
C ALA A 26 8.47 11.34 -8.27
N GLY A 27 9.47 12.17 -8.23
CA GLY A 27 9.30 13.48 -7.71
C GLY A 27 10.53 13.95 -6.98
N ALA A 28 10.31 14.76 -5.98
CA ALA A 28 11.38 15.30 -5.17
C ALA A 28 11.99 14.23 -4.28
N ASP A 29 13.12 13.72 -4.70
CA ASP A 29 13.84 12.67 -3.97
C ASP A 29 14.99 13.30 -3.19
N MET A 30 15.18 14.56 -3.45
CA MET A 30 16.24 15.38 -2.84
C MET A 30 16.13 15.46 -1.31
N GLY A 31 14.92 15.45 -0.79
CA GLY A 31 14.72 15.47 0.64
C GLY A 31 13.28 15.25 1.00
N LEU A 32 12.74 14.14 0.52
CA LEU A 32 11.35 13.80 0.72
C LEU A 32 11.13 12.40 0.25
N GLU A 33 11.58 12.17 -0.99
CA GLU A 33 11.47 10.92 -1.70
C GLU A 33 10.07 10.36 -1.72
N LYS A 34 9.24 11.06 -2.45
CA LYS A 34 7.88 10.68 -2.59
C LYS A 34 7.76 9.57 -3.62
N LEU A 35 7.60 8.40 -3.11
CA LEU A 35 7.46 7.22 -3.88
C LEU A 35 6.32 6.47 -3.23
N GLY A 36 5.80 5.52 -3.89
CA GLY A 36 4.71 4.77 -3.36
C GLY A 36 4.87 3.32 -3.66
N ILE A 37 4.93 2.52 -2.62
CA ILE A 37 5.06 1.12 -2.83
C ILE A 37 3.69 0.48 -2.75
N PHE A 38 3.06 0.42 -3.89
CA PHE A 38 1.73 -0.14 -4.02
C PHE A 38 1.86 -1.63 -4.17
N VAL A 39 0.76 -2.33 -4.11
CA VAL A 39 0.75 -3.74 -4.37
C VAL A 39 0.88 -3.98 -5.88
N LYS A 40 1.56 -5.03 -6.25
CA LYS A 40 1.77 -5.36 -7.63
C LYS A 40 0.86 -6.53 -7.98
N THR A 41 0.78 -7.48 -7.09
CA THR A 41 -0.03 -8.64 -7.31
C THR A 41 -0.34 -9.25 -5.95
N VAL A 42 -1.31 -10.09 -5.93
CA VAL A 42 -1.65 -10.81 -4.74
C VAL A 42 -1.46 -12.28 -5.07
N THR A 43 -0.31 -12.79 -4.73
CA THR A 43 0.09 -14.14 -5.04
C THR A 43 -0.80 -15.19 -4.33
N GLU A 44 -1.42 -16.03 -5.13
CA GLU A 44 -2.36 -17.05 -4.63
C GLU A 44 -1.66 -18.16 -3.85
N GLY A 45 -0.37 -18.28 -4.04
CA GLY A 45 0.40 -19.26 -3.32
C GLY A 45 0.64 -18.88 -1.89
N GLY A 46 0.34 -17.63 -1.55
CA GLY A 46 0.55 -17.15 -0.21
C GLY A 46 -0.73 -16.79 0.47
N ALA A 47 -0.61 -16.50 1.73
CA ALA A 47 -1.76 -16.27 2.63
C ALA A 47 -2.55 -15.02 2.33
N ALA A 48 -1.94 -14.01 1.73
CA ALA A 48 -2.62 -12.74 1.50
C ALA A 48 -3.80 -12.88 0.54
N HIS A 49 -3.60 -13.66 -0.52
CA HIS A 49 -4.66 -13.90 -1.53
C HIS A 49 -5.73 -14.76 -0.92
N ARG A 50 -5.29 -15.70 -0.13
CA ARG A 50 -6.14 -16.69 0.45
C ARG A 50 -7.00 -16.09 1.56
N ASP A 51 -6.46 -15.11 2.27
CA ASP A 51 -7.20 -14.38 3.28
C ASP A 51 -8.15 -13.41 2.60
N GLY A 52 -7.58 -12.58 1.72
CA GLY A 52 -8.36 -11.57 1.04
C GLY A 52 -8.23 -10.22 1.73
N ARG A 53 -7.09 -10.00 2.36
CA ARG A 53 -6.83 -8.75 3.07
C ARG A 53 -6.21 -7.70 2.18
N ILE A 54 -4.90 -7.77 2.00
CA ILE A 54 -4.21 -6.84 1.09
C ILE A 54 -4.65 -7.10 -0.37
N GLN A 55 -5.12 -6.06 -1.02
CA GLN A 55 -5.63 -6.14 -2.36
C GLN A 55 -4.64 -5.57 -3.39
N VAL A 56 -4.84 -5.92 -4.64
CA VAL A 56 -3.86 -5.70 -5.74
C VAL A 56 -3.54 -4.22 -6.05
N ASN A 57 -4.39 -3.30 -5.69
CA ASN A 57 -4.12 -1.91 -6.05
C ASN A 57 -4.06 -1.07 -4.78
N ASP A 58 -3.80 -1.74 -3.69
CA ASP A 58 -3.73 -1.06 -2.41
C ASP A 58 -2.32 -0.56 -2.17
N LEU A 59 -2.16 0.22 -1.15
CA LEU A 59 -0.90 0.82 -0.82
C LEU A 59 -0.59 0.64 0.64
N LEU A 60 0.60 0.17 0.93
CA LEU A 60 1.04 0.02 2.28
C LEU A 60 1.57 1.37 2.78
N VAL A 61 0.69 2.08 3.43
CA VAL A 61 0.99 3.40 3.96
C VAL A 61 1.88 3.31 5.18
N GLU A 62 1.59 2.36 6.00
CA GLU A 62 2.37 2.09 7.16
C GLU A 62 2.11 0.70 7.64
N VAL A 63 3.11 0.12 8.24
CA VAL A 63 3.00 -1.19 8.83
C VAL A 63 2.77 -0.94 10.33
N ASP A 64 2.65 -1.98 11.12
CA ASP A 64 2.37 -1.85 12.56
C ASP A 64 3.36 -0.94 13.29
N GLY A 65 4.64 -1.22 13.15
CA GLY A 65 5.62 -0.46 13.90
C GLY A 65 6.41 0.57 13.10
N THR A 66 6.17 0.67 11.82
CA THR A 66 6.96 1.56 10.98
C THR A 66 6.06 2.21 9.92
N SER A 67 6.18 3.50 9.74
CA SER A 67 5.37 4.21 8.79
C SER A 67 6.13 4.33 7.46
N LEU A 68 5.41 4.52 6.37
CA LEU A 68 5.99 4.63 5.05
C LEU A 68 5.71 5.99 4.45
N VAL A 69 6.74 6.76 4.22
CA VAL A 69 6.59 8.05 3.54
C VAL A 69 6.94 7.89 2.06
N GLY A 70 7.67 6.84 1.76
CA GLY A 70 8.09 6.57 0.42
C GLY A 70 9.45 6.00 0.42
N VAL A 71 9.50 4.73 0.56
CA VAL A 71 10.74 4.00 0.68
C VAL A 71 10.97 3.19 -0.57
N THR A 72 12.05 2.46 -0.62
CA THR A 72 12.32 1.60 -1.73
C THR A 72 11.42 0.36 -1.65
N GLN A 73 11.22 -0.31 -2.75
CA GLN A 73 10.38 -1.48 -2.84
C GLN A 73 10.94 -2.60 -1.94
N SER A 74 12.25 -2.64 -1.84
CA SER A 74 12.93 -3.60 -1.00
C SER A 74 12.77 -3.24 0.48
N PHE A 75 12.80 -1.96 0.78
CA PHE A 75 12.62 -1.48 2.16
C PHE A 75 11.24 -1.89 2.63
N ALA A 76 10.26 -1.66 1.78
CA ALA A 76 8.89 -2.02 2.08
C ALA A 76 8.75 -3.53 2.25
N ALA A 77 9.39 -4.30 1.38
CA ALA A 77 9.34 -5.77 1.48
C ALA A 77 9.93 -6.26 2.81
N SER A 78 10.90 -5.52 3.30
CA SER A 78 11.56 -5.84 4.51
C SER A 78 10.86 -5.20 5.72
N VAL A 79 9.84 -4.38 5.49
CA VAL A 79 9.18 -3.71 6.60
C VAL A 79 8.29 -4.70 7.32
N LEU A 80 7.74 -5.65 6.55
CA LEU A 80 6.94 -6.74 7.09
C LEU A 80 7.84 -7.68 7.90
N ARG A 81 9.10 -7.75 7.48
CA ARG A 81 10.08 -8.62 8.13
C ARG A 81 10.66 -7.95 9.36
N ASN A 82 10.31 -6.71 9.55
CA ASN A 82 10.72 -5.93 10.69
C ASN A 82 9.68 -6.04 11.81
N THR A 83 8.48 -6.37 11.42
CA THR A 83 7.40 -6.55 12.35
C THR A 83 7.20 -8.04 12.66
N LYS A 84 6.21 -8.35 13.49
CA LYS A 84 5.84 -9.70 13.85
C LYS A 84 5.20 -10.44 12.67
N GLY A 85 4.68 -11.63 12.94
CA GLY A 85 4.06 -12.44 11.92
C GLY A 85 2.67 -11.97 11.60
N ARG A 86 1.97 -11.50 12.63
CA ARG A 86 0.64 -10.95 12.46
C ARG A 86 0.63 -9.55 13.00
N VAL A 87 0.37 -8.62 12.13
CA VAL A 87 0.37 -7.20 12.47
C VAL A 87 -0.64 -6.47 11.61
N ARG A 88 -1.04 -5.31 12.06
CA ARG A 88 -1.95 -4.48 11.34
C ARG A 88 -1.23 -3.36 10.67
N PHE A 89 -1.56 -3.15 9.46
CA PHE A 89 -0.99 -2.10 8.67
C PHE A 89 -2.10 -1.11 8.39
N MET A 90 -1.75 0.04 7.92
CA MET A 90 -2.73 0.97 7.46
C MET A 90 -2.58 1.12 5.97
N ILE A 91 -3.59 0.69 5.29
CA ILE A 91 -3.63 0.72 3.86
C ILE A 91 -4.39 1.93 3.45
N GLY A 92 -3.82 2.69 2.58
CA GLY A 92 -4.49 3.82 2.06
C GLY A 92 -4.67 3.67 0.63
N ARG A 93 -5.80 3.19 0.29
CA ARG A 93 -6.11 2.95 -1.07
C ARG A 93 -6.63 4.17 -1.75
N GLU A 94 -6.01 4.51 -2.83
CA GLU A 94 -6.49 5.51 -3.69
C GLU A 94 -7.45 4.78 -4.64
N ARG A 95 -8.72 4.74 -4.22
CA ARG A 95 -9.84 4.08 -4.90
C ARG A 95 -9.80 4.26 -6.44
N PRO A 96 -9.81 5.51 -6.95
CA PRO A 96 -9.65 5.76 -8.37
C PRO A 96 -8.24 5.46 -8.82
N GLY A 97 -8.13 4.86 -9.95
CA GLY A 97 -6.82 4.49 -10.45
C GLY A 97 -6.68 3.00 -10.62
N GLU A 98 -7.77 2.27 -10.47
CA GLU A 98 -7.73 0.85 -10.69
C GLU A 98 -7.85 0.55 -12.17
N GLN A 99 -8.75 1.24 -12.83
CA GLN A 99 -8.97 1.07 -14.23
C GLN A 99 -8.09 2.02 -15.02
N SER A 100 -8.31 3.32 -14.78
CA SER A 100 -7.61 4.40 -15.43
C SER A 100 -7.62 4.33 -16.97
N GLU A 101 -6.93 5.24 -17.59
CA GLU A 101 -6.79 5.24 -19.00
C GLU A 101 -5.31 5.15 -19.30
N VAL A 102 -4.78 3.99 -19.05
CA VAL A 102 -3.37 3.75 -19.25
C VAL A 102 -3.16 2.52 -20.14
N ALA A 103 -2.94 2.78 -21.39
CA ALA A 103 -2.73 1.73 -22.36
C ALA A 103 -1.31 1.77 -22.87
N GLN A 104 -0.93 2.91 -23.35
CA GLN A 104 0.39 3.13 -23.84
C GLN A 104 0.99 4.28 -23.09
N LEU A 105 1.74 3.97 -22.06
CA LEU A 105 2.33 4.98 -21.23
C LEU A 105 3.57 5.56 -21.87
N ILE A 106 3.35 6.41 -22.84
CA ILE A 106 4.40 7.11 -23.50
C ILE A 106 4.46 8.52 -22.93
N GLN A 107 3.47 9.31 -23.29
CA GLN A 107 3.33 10.65 -22.80
C GLN A 107 1.90 11.08 -22.99
N GLN A 108 1.21 11.30 -21.91
CA GLN A 108 -0.15 11.76 -22.02
C GLN A 108 -0.14 13.27 -22.12
N THR A 109 -0.33 13.74 -23.33
CA THR A 109 -0.31 15.14 -23.63
C THR A 109 -1.68 15.71 -23.30
N LEU A 110 -2.66 14.84 -23.30
CA LEU A 110 -3.98 15.19 -22.90
C LEU A 110 -4.15 14.81 -21.46
N GLU A 111 -3.84 15.75 -20.60
CA GLU A 111 -4.01 15.54 -19.18
C GLU A 111 -5.50 15.47 -18.90
N GLN A 112 -5.94 14.33 -18.46
CA GLN A 112 -7.34 14.06 -18.25
C GLN A 112 -7.63 13.92 -16.77
N GLU A 113 -6.94 12.99 -16.14
CA GLU A 113 -7.08 12.76 -14.74
C GLU A 113 -6.11 13.65 -14.02
N GLY A 1 -12.96 10.60 4.15
CA GLY A 1 -11.63 11.00 3.69
C GLY A 1 -11.51 10.79 2.20
N HIS A 2 -10.76 11.65 1.54
CA HIS A 2 -10.48 11.54 0.12
C HIS A 2 -9.53 10.38 -0.05
N MET A 3 -8.53 10.37 0.78
CA MET A 3 -7.62 9.28 0.87
C MET A 3 -7.96 8.49 2.11
N GLU A 4 -8.37 7.27 1.93
CA GLU A 4 -8.74 6.44 3.02
C GLU A 4 -7.51 5.74 3.52
N LEU A 5 -6.96 6.21 4.61
CA LEU A 5 -5.86 5.55 5.23
C LEU A 5 -6.42 4.57 6.25
N PHE A 6 -6.69 3.38 5.80
CA PHE A 6 -7.29 2.37 6.65
C PHE A 6 -6.31 1.24 6.94
N PRO A 7 -6.38 0.67 8.15
CA PRO A 7 -5.54 -0.43 8.52
C PRO A 7 -6.05 -1.78 8.03
N VAL A 8 -5.14 -2.55 7.50
CA VAL A 8 -5.38 -3.89 7.04
C VAL A 8 -4.44 -4.78 7.79
N GLU A 9 -4.92 -5.84 8.35
CA GLU A 9 -4.10 -6.74 9.12
C GLU A 9 -4.03 -8.10 8.43
N LEU A 10 -2.85 -8.64 8.32
CA LEU A 10 -2.68 -9.93 7.68
C LEU A 10 -2.04 -10.90 8.62
N GLU A 11 -2.19 -12.13 8.29
CA GLU A 11 -1.57 -13.22 8.99
C GLU A 11 -0.96 -14.14 7.96
N LYS A 12 0.27 -14.52 8.19
CA LYS A 12 1.04 -15.24 7.20
C LYS A 12 1.01 -16.74 7.44
N ASP A 13 1.33 -17.47 6.40
CA ASP A 13 1.35 -18.90 6.42
C ASP A 13 2.75 -19.40 6.26
N SER A 14 2.91 -20.68 6.03
CA SER A 14 4.20 -21.34 5.97
C SER A 14 5.11 -20.79 4.85
N GLU A 15 4.54 -20.40 3.72
CA GLU A 15 5.33 -19.87 2.61
C GLU A 15 5.64 -18.39 2.89
N GLY A 16 4.84 -17.79 3.75
CA GLY A 16 5.04 -16.43 4.11
C GLY A 16 3.98 -15.53 3.56
N LEU A 17 4.40 -14.45 2.98
CA LEU A 17 3.53 -13.47 2.42
C LEU A 17 3.11 -13.92 1.00
N GLY A 18 2.15 -13.26 0.40
CA GLY A 18 1.68 -13.68 -0.89
C GLY A 18 1.20 -12.54 -1.71
N ILE A 19 2.09 -11.66 -2.07
CA ILE A 19 1.81 -10.49 -2.87
C ILE A 19 3.08 -10.01 -3.47
N SER A 20 2.96 -9.09 -4.31
CA SER A 20 4.05 -8.43 -4.92
C SER A 20 3.75 -6.98 -4.85
N ILE A 21 4.74 -6.17 -4.80
CA ILE A 21 4.55 -4.76 -4.71
C ILE A 21 5.22 -4.09 -5.87
N ILE A 22 4.67 -3.00 -6.31
CA ILE A 22 5.22 -2.27 -7.42
C ILE A 22 5.61 -0.87 -6.96
N GLY A 23 6.79 -0.45 -7.32
CA GLY A 23 7.29 0.79 -6.83
C GLY A 23 7.08 1.93 -7.77
N MET A 24 6.05 2.69 -7.54
CA MET A 24 5.82 3.86 -8.34
C MET A 24 6.40 5.04 -7.60
N GLY A 25 7.41 5.61 -8.15
CA GLY A 25 8.05 6.71 -7.53
C GLY A 25 9.51 6.77 -7.85
N ALA A 26 10.13 7.82 -7.42
CA ALA A 26 11.53 8.06 -7.67
C ALA A 26 12.07 8.93 -6.54
N GLY A 27 13.27 9.43 -6.72
CA GLY A 27 13.90 10.24 -5.71
C GLY A 27 13.24 11.57 -5.52
N ALA A 28 12.67 11.74 -4.37
CA ALA A 28 12.03 12.97 -3.94
C ALA A 28 12.55 13.24 -2.56
N ASP A 29 13.83 13.08 -2.47
CA ASP A 29 14.59 13.10 -1.22
C ASP A 29 14.86 14.52 -0.74
N MET A 30 14.33 15.47 -1.49
CA MET A 30 14.44 16.91 -1.17
C MET A 30 13.49 17.30 -0.02
N GLY A 31 12.93 16.30 0.65
CA GLY A 31 12.08 16.54 1.78
C GLY A 31 10.64 16.18 1.50
N LEU A 32 10.43 15.25 0.60
CA LEU A 32 9.07 14.86 0.25
C LEU A 32 8.89 13.38 0.42
N GLU A 33 9.54 12.62 -0.46
CA GLU A 33 9.46 11.17 -0.55
C GLU A 33 8.05 10.61 -0.40
N LYS A 34 7.20 10.98 -1.33
CA LYS A 34 5.86 10.47 -1.39
C LYS A 34 5.78 9.51 -2.55
N LEU A 35 6.06 8.28 -2.26
CA LEU A 35 6.11 7.25 -3.26
C LEU A 35 5.03 6.27 -3.03
N GLY A 36 4.63 5.60 -4.07
CA GLY A 36 3.56 4.69 -3.96
C GLY A 36 3.99 3.29 -4.24
N ILE A 37 4.24 2.55 -3.20
CA ILE A 37 4.56 1.16 -3.37
C ILE A 37 3.24 0.38 -3.24
N PHE A 38 2.58 0.25 -4.36
CA PHE A 38 1.26 -0.37 -4.42
C PHE A 38 1.41 -1.86 -4.54
N VAL A 39 0.34 -2.57 -4.29
CA VAL A 39 0.35 -4.00 -4.48
C VAL A 39 0.22 -4.28 -5.97
N LYS A 40 1.10 -5.09 -6.48
CA LYS A 40 1.14 -5.38 -7.89
C LYS A 40 0.35 -6.62 -8.21
N THR A 41 0.42 -7.58 -7.32
CA THR A 41 -0.26 -8.83 -7.49
C THR A 41 -0.42 -9.46 -6.12
N VAL A 42 -1.28 -10.42 -6.04
CA VAL A 42 -1.48 -11.15 -4.83
C VAL A 42 -1.19 -12.62 -5.16
N THR A 43 0.03 -13.04 -4.87
CA THR A 43 0.54 -14.36 -5.18
C THR A 43 -0.28 -15.47 -4.50
N GLU A 44 -0.77 -16.40 -5.33
CA GLU A 44 -1.65 -17.52 -4.92
C GLU A 44 -1.04 -18.37 -3.81
N GLY A 45 0.26 -18.49 -3.85
CA GLY A 45 0.96 -19.32 -2.90
C GLY A 45 1.04 -18.74 -1.50
N GLY A 46 0.82 -17.45 -1.36
CA GLY A 46 1.02 -16.87 -0.08
C GLY A 46 -0.23 -16.52 0.66
N ALA A 47 -0.03 -16.19 1.90
CA ALA A 47 -1.09 -15.92 2.87
C ALA A 47 -2.03 -14.79 2.48
N ALA A 48 -1.53 -13.77 1.81
CA ALA A 48 -2.35 -12.63 1.46
C ALA A 48 -3.47 -13.03 0.49
N HIS A 49 -3.16 -13.98 -0.38
CA HIS A 49 -4.11 -14.49 -1.33
C HIS A 49 -5.08 -15.44 -0.64
N ARG A 50 -4.54 -16.25 0.26
CA ARG A 50 -5.35 -17.24 0.98
C ARG A 50 -6.33 -16.54 1.92
N ASP A 51 -5.87 -15.48 2.55
CA ASP A 51 -6.71 -14.72 3.46
C ASP A 51 -7.65 -13.81 2.67
N GLY A 52 -7.07 -12.94 1.84
CA GLY A 52 -7.86 -12.05 1.04
C GLY A 52 -7.84 -10.61 1.52
N ARG A 53 -7.19 -10.36 2.66
CA ARG A 53 -7.07 -9.02 3.25
C ARG A 53 -6.50 -8.00 2.29
N ILE A 54 -5.28 -8.21 1.85
CA ILE A 54 -4.65 -7.29 0.93
C ILE A 54 -5.11 -7.57 -0.49
N GLN A 55 -5.61 -6.55 -1.15
CA GLN A 55 -6.04 -6.66 -2.51
C GLN A 55 -5.00 -6.04 -3.44
N VAL A 56 -5.17 -6.28 -4.72
CA VAL A 56 -4.24 -5.82 -5.76
C VAL A 56 -4.35 -4.27 -6.00
N ASN A 57 -5.17 -3.64 -5.21
CA ASN A 57 -5.43 -2.21 -5.35
C ASN A 57 -4.98 -1.49 -4.07
N ASP A 58 -4.37 -2.23 -3.18
CA ASP A 58 -3.94 -1.68 -1.92
C ASP A 58 -2.56 -1.06 -2.01
N LEU A 59 -2.25 -0.21 -1.07
CA LEU A 59 -1.02 0.55 -1.04
C LEU A 59 -0.46 0.58 0.37
N LEU A 60 0.78 0.19 0.51
CA LEU A 60 1.43 0.18 1.80
C LEU A 60 2.04 1.54 2.07
N VAL A 61 1.32 2.37 2.82
CA VAL A 61 1.79 3.73 3.09
C VAL A 61 2.55 3.74 4.39
N GLU A 62 2.28 2.76 5.15
CA GLU A 62 2.94 2.45 6.41
C GLU A 62 2.61 1.03 6.81
N VAL A 63 3.51 0.39 7.53
CA VAL A 63 3.28 -0.93 8.04
C VAL A 63 2.70 -0.76 9.46
N ASP A 64 2.72 -1.78 10.27
CA ASP A 64 2.18 -1.75 11.63
C ASP A 64 2.81 -0.64 12.46
N GLY A 65 4.13 -0.65 12.53
CA GLY A 65 4.83 0.34 13.31
C GLY A 65 5.66 1.28 12.47
N THR A 66 6.53 0.73 11.64
CA THR A 66 7.45 1.51 10.83
C THR A 66 6.74 2.43 9.82
N SER A 67 6.91 3.71 10.04
CA SER A 67 6.30 4.76 9.28
C SER A 67 6.97 5.01 7.93
N LEU A 68 6.27 4.65 6.89
CA LEU A 68 6.69 4.92 5.56
C LEU A 68 6.11 6.27 5.15
N VAL A 69 6.16 6.53 3.88
CA VAL A 69 5.63 7.74 3.25
C VAL A 69 5.99 7.64 1.78
N GLY A 70 7.12 6.98 1.54
CA GLY A 70 7.57 6.83 0.24
C GLY A 70 8.95 6.31 0.22
N VAL A 71 9.06 5.05 0.45
CA VAL A 71 10.31 4.37 0.44
C VAL A 71 10.44 3.68 -0.89
N THR A 72 11.54 3.04 -1.11
CA THR A 72 11.70 2.28 -2.31
C THR A 72 10.93 0.97 -2.20
N GLN A 73 10.68 0.36 -3.33
CA GLN A 73 9.98 -0.92 -3.43
C GLN A 73 10.73 -1.98 -2.62
N SER A 74 12.05 -1.93 -2.72
CA SER A 74 12.91 -2.85 -2.01
C SER A 74 12.88 -2.60 -0.51
N PHE A 75 12.81 -1.32 -0.12
CA PHE A 75 12.74 -0.94 1.29
C PHE A 75 11.45 -1.49 1.88
N ALA A 76 10.36 -1.27 1.17
CA ALA A 76 9.06 -1.73 1.59
C ALA A 76 9.05 -3.25 1.75
N ALA A 77 9.62 -3.96 0.79
CA ALA A 77 9.67 -5.43 0.84
C ALA A 77 10.43 -5.91 2.08
N SER A 78 11.48 -5.20 2.44
CA SER A 78 12.27 -5.57 3.59
C SER A 78 11.62 -5.20 4.92
N VAL A 79 10.60 -4.34 4.90
CA VAL A 79 9.97 -3.97 6.15
C VAL A 79 9.13 -5.15 6.65
N LEU A 80 8.50 -5.86 5.72
CA LEU A 80 7.71 -7.07 6.00
C LEU A 80 8.54 -8.17 6.65
N ARG A 81 9.83 -8.08 6.52
CA ARG A 81 10.73 -9.06 7.09
C ARG A 81 11.34 -8.59 8.39
N ASN A 82 11.08 -7.34 8.73
CA ASN A 82 11.58 -6.76 9.96
C ASN A 82 10.45 -6.40 10.90
N THR A 83 9.28 -6.86 10.57
CA THR A 83 8.11 -6.66 11.36
C THR A 83 7.87 -7.80 12.35
N LYS A 84 6.73 -7.74 13.03
CA LYS A 84 6.30 -8.76 13.94
C LYS A 84 5.75 -9.96 13.18
N GLY A 85 5.12 -10.84 13.92
CA GLY A 85 4.50 -12.00 13.37
C GLY A 85 3.22 -11.61 12.65
N ARG A 86 2.41 -10.85 13.32
CA ARG A 86 1.19 -10.34 12.74
C ARG A 86 1.26 -8.82 12.71
N VAL A 87 1.14 -8.25 11.55
CA VAL A 87 1.20 -6.82 11.40
C VAL A 87 0.07 -6.26 10.59
N ARG A 88 -0.24 -5.03 10.91
CA ARG A 88 -1.20 -4.24 10.18
C ARG A 88 -0.44 -3.40 9.18
N PHE A 89 -1.15 -2.79 8.30
CA PHE A 89 -0.58 -1.89 7.33
C PHE A 89 -1.58 -0.79 7.15
N MET A 90 -1.13 0.39 6.81
CA MET A 90 -2.06 1.42 6.50
C MET A 90 -2.12 1.53 5.01
N ILE A 91 -3.27 1.23 4.51
CA ILE A 91 -3.54 1.24 3.11
C ILE A 91 -4.19 2.55 2.78
N GLY A 92 -3.65 3.24 1.80
CA GLY A 92 -4.23 4.47 1.39
C GLY A 92 -4.87 4.32 0.06
N ARG A 93 -6.13 4.60 0.02
CA ARG A 93 -6.87 4.54 -1.18
C ARG A 93 -7.48 5.87 -1.47
N GLU A 94 -7.20 6.40 -2.60
CA GLU A 94 -7.86 7.59 -3.03
C GLU A 94 -9.11 7.12 -3.76
N ARG A 95 -10.13 6.82 -2.98
CA ARG A 95 -11.39 6.35 -3.50
C ARG A 95 -12.13 7.38 -4.41
N PRO A 96 -12.55 8.56 -3.87
CA PRO A 96 -13.31 9.52 -4.65
C PRO A 96 -12.51 10.18 -5.76
N GLY A 97 -13.23 10.72 -6.71
CA GLY A 97 -12.64 11.35 -7.85
C GLY A 97 -13.59 11.35 -9.00
N GLU A 98 -14.16 10.19 -9.24
CA GLU A 98 -15.15 10.01 -10.31
C GLU A 98 -16.45 10.76 -9.99
N GLN A 99 -16.76 10.84 -8.69
CA GLN A 99 -17.96 11.45 -8.17
C GLN A 99 -19.20 10.88 -8.85
N SER A 100 -19.55 9.69 -8.48
CA SER A 100 -20.70 9.04 -9.05
C SER A 100 -21.92 9.28 -8.17
N GLU A 101 -23.09 9.13 -8.75
CA GLU A 101 -24.35 9.40 -8.07
C GLU A 101 -24.82 8.16 -7.36
N VAL A 102 -24.31 7.09 -7.82
CA VAL A 102 -24.61 5.82 -7.23
C VAL A 102 -23.41 5.17 -6.60
N ALA A 103 -23.03 5.74 -5.52
CA ALA A 103 -21.95 5.26 -4.67
C ALA A 103 -22.37 5.45 -3.22
N GLN A 104 -23.64 5.72 -3.08
CA GLN A 104 -24.29 5.95 -1.82
C GLN A 104 -25.78 5.75 -2.07
N LEU A 105 -26.25 4.56 -1.83
CA LEU A 105 -27.62 4.23 -2.11
C LEU A 105 -28.31 3.77 -0.84
N ILE A 106 -28.95 4.67 -0.16
CA ILE A 106 -29.71 4.30 1.00
C ILE A 106 -31.17 4.16 0.58
N GLN A 107 -31.74 5.27 0.10
CA GLN A 107 -33.08 5.36 -0.47
C GLN A 107 -34.23 5.16 0.55
N GLN A 108 -34.00 4.31 1.55
CA GLN A 108 -34.97 4.01 2.59
C GLN A 108 -36.19 3.31 2.00
N THR A 109 -36.04 2.05 1.73
CA THR A 109 -37.10 1.28 1.12
C THR A 109 -38.13 0.83 2.15
N LEU A 110 -37.65 0.26 3.24
CA LEU A 110 -38.53 -0.23 4.29
C LEU A 110 -38.77 0.84 5.32
N GLU A 111 -37.97 1.87 5.28
CA GLU A 111 -38.11 2.94 6.18
C GLU A 111 -38.92 4.07 5.56
N GLN A 112 -40.16 4.17 5.94
CA GLN A 112 -41.01 5.24 5.52
C GLN A 112 -41.54 5.95 6.75
N GLU A 113 -40.98 7.08 7.04
CA GLU A 113 -41.34 7.82 8.20
C GLU A 113 -41.44 9.29 7.83
N GLY A 1 -9.38 15.60 -3.46
CA GLY A 1 -9.56 14.25 -2.94
C GLY A 1 -8.37 13.85 -2.10
N HIS A 2 -8.61 13.05 -1.09
CA HIS A 2 -7.55 12.64 -0.20
C HIS A 2 -7.12 11.21 -0.48
N MET A 3 -5.94 10.85 -0.03
CA MET A 3 -5.50 9.49 -0.11
C MET A 3 -6.10 8.73 1.03
N GLU A 4 -6.59 7.56 0.78
CA GLU A 4 -7.30 6.85 1.79
C GLU A 4 -6.35 5.99 2.59
N LEU A 5 -5.93 6.47 3.74
CA LEU A 5 -5.07 5.75 4.63
C LEU A 5 -5.92 4.89 5.54
N PHE A 6 -6.11 3.68 5.15
CA PHE A 6 -6.89 2.74 5.91
C PHE A 6 -6.04 1.57 6.42
N PRO A 7 -6.33 1.09 7.63
CA PRO A 7 -5.58 -0.01 8.22
C PRO A 7 -5.91 -1.37 7.60
N VAL A 8 -4.87 -2.09 7.29
CA VAL A 8 -4.95 -3.41 6.72
C VAL A 8 -4.18 -4.36 7.60
N GLU A 9 -4.82 -5.39 8.05
CA GLU A 9 -4.20 -6.32 8.98
C GLU A 9 -4.00 -7.67 8.28
N LEU A 10 -2.76 -8.13 8.26
CA LEU A 10 -2.48 -9.42 7.68
C LEU A 10 -1.94 -10.36 8.71
N GLU A 11 -1.71 -11.55 8.27
CA GLU A 11 -1.19 -12.62 9.06
C GLU A 11 -0.52 -13.58 8.08
N LYS A 12 0.27 -14.51 8.56
CA LYS A 12 0.99 -15.39 7.65
C LYS A 12 0.57 -16.83 7.80
N ASP A 13 0.87 -17.61 6.78
CA ASP A 13 0.73 -19.07 6.84
C ASP A 13 2.11 -19.58 7.16
N SER A 14 2.38 -20.84 6.88
CA SER A 14 3.70 -21.40 7.12
C SER A 14 4.71 -20.80 6.11
N GLU A 15 4.22 -20.40 4.95
CA GLU A 15 5.05 -19.83 3.94
C GLU A 15 5.43 -18.39 4.31
N GLY A 16 4.44 -17.52 4.38
CA GLY A 16 4.69 -16.15 4.74
C GLY A 16 4.41 -15.20 3.61
N LEU A 17 3.13 -14.95 3.37
CA LEU A 17 2.65 -14.05 2.33
C LEU A 17 2.83 -14.60 0.93
N GLY A 18 2.27 -13.89 -0.01
CA GLY A 18 2.33 -14.25 -1.40
C GLY A 18 1.75 -13.13 -2.19
N ILE A 19 2.61 -12.22 -2.53
CA ILE A 19 2.31 -10.99 -3.23
C ILE A 19 3.58 -10.56 -3.89
N SER A 20 3.55 -9.44 -4.44
CA SER A 20 4.69 -8.81 -4.99
C SER A 20 4.44 -7.35 -4.93
N ILE A 21 5.45 -6.61 -4.69
CA ILE A 21 5.34 -5.18 -4.63
C ILE A 21 6.17 -4.59 -5.74
N ILE A 22 5.95 -3.35 -6.07
CA ILE A 22 6.68 -2.74 -7.14
C ILE A 22 7.03 -1.29 -6.79
N GLY A 23 8.26 -0.91 -7.09
CA GLY A 23 8.71 0.43 -6.84
C GLY A 23 8.01 1.44 -7.71
N MET A 24 7.05 2.12 -7.13
CA MET A 24 6.26 3.10 -7.81
C MET A 24 5.94 4.18 -6.82
N GLY A 25 5.62 5.32 -7.30
CA GLY A 25 5.34 6.44 -6.47
C GLY A 25 5.27 7.66 -7.31
N ALA A 26 5.66 8.76 -6.76
CA ALA A 26 5.65 9.99 -7.50
C ALA A 26 6.83 10.80 -7.09
N GLY A 27 7.11 11.85 -7.81
CA GLY A 27 8.18 12.76 -7.44
C GLY A 27 7.67 13.65 -6.34
N ALA A 28 7.47 13.06 -5.20
CA ALA A 28 6.86 13.70 -4.08
C ALA A 28 7.82 14.59 -3.33
N ASP A 29 8.02 15.78 -3.84
CA ASP A 29 8.80 16.80 -3.14
C ASP A 29 7.99 17.28 -1.99
N MET A 30 6.72 17.12 -2.18
CA MET A 30 5.70 17.42 -1.22
C MET A 30 5.58 16.27 -0.20
N GLY A 31 6.46 15.28 -0.30
CA GLY A 31 6.37 14.15 0.57
C GLY A 31 7.70 13.44 0.80
N LEU A 32 8.77 14.22 0.95
CA LEU A 32 10.10 13.66 1.37
C LEU A 32 10.68 12.67 0.34
N GLU A 33 10.25 12.82 -0.93
CA GLU A 33 10.66 11.97 -2.04
C GLU A 33 10.24 10.53 -1.83
N LYS A 34 9.18 10.35 -1.07
CA LYS A 34 8.79 9.04 -0.67
C LYS A 34 8.21 8.18 -1.78
N LEU A 35 8.79 7.03 -1.91
CA LEU A 35 8.24 5.99 -2.68
C LEU A 35 7.59 5.07 -1.68
N GLY A 36 6.36 4.74 -1.91
CA GLY A 36 5.66 3.95 -0.91
C GLY A 36 5.63 2.52 -1.29
N ILE A 37 5.99 2.27 -2.55
CA ILE A 37 6.02 0.97 -3.15
C ILE A 37 4.59 0.35 -3.21
N PHE A 38 3.96 0.46 -4.36
CA PHE A 38 2.62 -0.06 -4.59
C PHE A 38 2.67 -1.57 -4.75
N VAL A 39 1.54 -2.21 -4.65
CA VAL A 39 1.49 -3.64 -4.84
C VAL A 39 1.57 -3.96 -6.33
N LYS A 40 2.26 -5.02 -6.65
CA LYS A 40 2.43 -5.45 -7.99
C LYS A 40 1.44 -6.54 -8.31
N THR A 41 1.34 -7.50 -7.41
CA THR A 41 0.46 -8.61 -7.59
C THR A 41 0.22 -9.24 -6.24
N VAL A 42 -0.73 -10.08 -6.17
CA VAL A 42 -1.06 -10.81 -4.99
C VAL A 42 -1.36 -12.25 -5.35
N THR A 43 -0.34 -13.06 -5.18
CA THR A 43 -0.32 -14.46 -5.49
C THR A 43 -1.47 -15.19 -4.80
N GLU A 44 -2.21 -15.96 -5.59
CA GLU A 44 -3.39 -16.70 -5.12
C GLU A 44 -3.03 -17.69 -4.01
N GLY A 45 -1.80 -18.13 -4.04
CA GLY A 45 -1.32 -19.05 -3.05
C GLY A 45 -0.92 -18.36 -1.75
N GLY A 46 -0.91 -17.04 -1.74
CA GLY A 46 -0.45 -16.32 -0.59
C GLY A 46 -1.53 -15.94 0.36
N ALA A 47 -1.10 -15.65 1.56
CA ALA A 47 -1.97 -15.29 2.67
C ALA A 47 -2.73 -14.02 2.39
N ALA A 48 -2.11 -13.09 1.69
CA ALA A 48 -2.74 -11.81 1.39
C ALA A 48 -3.94 -11.97 0.49
N HIS A 49 -3.88 -12.97 -0.38
CA HIS A 49 -4.96 -13.25 -1.31
C HIS A 49 -6.04 -14.04 -0.57
N ARG A 50 -5.60 -15.01 0.24
CA ARG A 50 -6.51 -15.86 1.00
C ARG A 50 -7.27 -15.05 2.03
N ASP A 51 -6.58 -14.14 2.69
CA ASP A 51 -7.18 -13.30 3.72
C ASP A 51 -7.99 -12.21 3.05
N GLY A 52 -7.41 -11.65 2.01
CA GLY A 52 -8.06 -10.60 1.24
C GLY A 52 -7.78 -9.25 1.83
N ARG A 53 -6.52 -8.95 2.03
CA ARG A 53 -6.15 -7.72 2.68
C ARG A 53 -5.32 -6.82 1.79
N ILE A 54 -4.06 -7.18 1.60
CA ILE A 54 -3.20 -6.43 0.70
C ILE A 54 -3.63 -6.71 -0.72
N GLN A 55 -4.25 -5.73 -1.32
CA GLN A 55 -4.79 -5.89 -2.63
C GLN A 55 -3.83 -5.36 -3.68
N VAL A 56 -3.94 -5.91 -4.87
CA VAL A 56 -3.01 -5.69 -5.98
C VAL A 56 -2.77 -4.20 -6.40
N ASN A 57 -3.70 -3.32 -6.11
CA ASN A 57 -3.58 -1.96 -6.63
C ASN A 57 -3.39 -0.95 -5.51
N ASP A 58 -3.16 -1.43 -4.32
CA ASP A 58 -3.04 -0.54 -3.19
C ASP A 58 -1.59 -0.28 -2.83
N LEU A 59 -1.37 0.49 -1.77
CA LEU A 59 -0.04 0.98 -1.43
C LEU A 59 0.27 0.81 0.04
N LEU A 60 1.48 0.41 0.33
CA LEU A 60 1.95 0.27 1.69
C LEU A 60 2.54 1.60 2.13
N VAL A 61 1.80 2.35 2.90
CA VAL A 61 2.26 3.64 3.38
C VAL A 61 3.12 3.49 4.61
N GLU A 62 2.70 2.66 5.48
CA GLU A 62 3.44 2.36 6.67
C GLU A 62 3.07 1.00 7.18
N VAL A 63 4.00 0.34 7.84
CA VAL A 63 3.78 -0.96 8.41
C VAL A 63 3.43 -0.71 9.89
N ASP A 64 3.22 -1.77 10.64
CA ASP A 64 2.79 -1.70 12.06
C ASP A 64 3.65 -0.75 12.89
N GLY A 65 4.95 -0.97 12.90
CA GLY A 65 5.81 -0.13 13.72
C GLY A 65 6.88 0.63 12.94
N THR A 66 6.65 0.87 11.67
CA THR A 66 7.63 1.60 10.85
C THR A 66 6.91 2.32 9.71
N SER A 67 7.13 3.61 9.60
CA SER A 67 6.50 4.39 8.56
C SER A 67 7.39 4.47 7.33
N LEU A 68 6.80 4.23 6.17
CA LEU A 68 7.51 4.31 4.94
C LEU A 68 7.60 5.75 4.47
N VAL A 69 8.71 6.37 4.80
CA VAL A 69 8.98 7.75 4.43
C VAL A 69 9.77 7.76 3.08
N GLY A 70 9.73 6.63 2.40
CA GLY A 70 10.39 6.53 1.15
C GLY A 70 11.46 5.52 1.17
N VAL A 71 11.09 4.32 0.89
CA VAL A 71 12.03 3.23 0.91
C VAL A 71 12.08 2.59 -0.46
N THR A 72 12.98 1.66 -0.61
CA THR A 72 13.09 0.93 -1.82
C THR A 72 12.12 -0.24 -1.79
N GLN A 73 11.88 -0.82 -2.95
CA GLN A 73 11.03 -1.99 -3.05
C GLN A 73 11.63 -3.14 -2.23
N SER A 74 12.94 -3.21 -2.27
CA SER A 74 13.68 -4.20 -1.55
C SER A 74 13.52 -4.00 -0.03
N PHE A 75 13.56 -2.74 0.42
CA PHE A 75 13.41 -2.42 1.83
C PHE A 75 12.00 -2.79 2.30
N ALA A 76 11.00 -2.41 1.53
CA ALA A 76 9.61 -2.71 1.84
C ALA A 76 9.40 -4.22 2.00
N ALA A 77 9.98 -5.00 1.10
CA ALA A 77 9.90 -6.46 1.16
C ALA A 77 10.63 -7.00 2.40
N SER A 78 11.58 -6.25 2.87
CA SER A 78 12.36 -6.65 4.01
C SER A 78 11.68 -6.28 5.33
N VAL A 79 10.85 -5.24 5.33
CA VAL A 79 10.22 -4.81 6.57
C VAL A 79 9.15 -5.81 6.95
N LEU A 80 8.54 -6.37 5.93
CA LEU A 80 7.52 -7.41 6.07
C LEU A 80 8.13 -8.69 6.67
N ARG A 81 9.44 -8.84 6.50
CA ARG A 81 10.16 -9.98 7.02
C ARG A 81 10.85 -9.64 8.33
N ASN A 82 10.68 -8.41 8.75
CA ASN A 82 11.22 -7.94 9.99
C ASN A 82 10.12 -7.91 11.04
N THR A 83 8.91 -7.71 10.57
CA THR A 83 7.76 -7.64 11.40
C THR A 83 7.31 -9.02 11.93
N LYS A 84 6.46 -8.99 12.94
CA LYS A 84 5.92 -10.15 13.61
C LYS A 84 4.95 -10.96 12.72
N GLY A 85 4.21 -11.86 13.35
CA GLY A 85 3.27 -12.71 12.66
C GLY A 85 2.09 -11.94 12.08
N ARG A 86 1.61 -10.98 12.83
CA ARG A 86 0.49 -10.18 12.41
C ARG A 86 0.84 -8.71 12.53
N VAL A 87 0.71 -7.99 11.44
CA VAL A 87 0.98 -6.57 11.43
C VAL A 87 -0.10 -5.82 10.70
N ARG A 88 -0.33 -4.62 11.16
CA ARG A 88 -1.33 -3.76 10.60
C ARG A 88 -0.66 -2.64 9.86
N PHE A 89 -0.93 -2.55 8.61
CA PHE A 89 -0.32 -1.57 7.76
C PHE A 89 -1.33 -0.47 7.51
N MET A 90 -0.86 0.66 7.13
CA MET A 90 -1.71 1.70 6.64
C MET A 90 -1.57 1.75 5.17
N ILE A 91 -2.59 1.33 4.51
CA ILE A 91 -2.60 1.33 3.09
C ILE A 91 -3.17 2.64 2.64
N GLY A 92 -2.49 3.27 1.75
CA GLY A 92 -2.95 4.51 1.24
C GLY A 92 -3.31 4.37 -0.17
N ARG A 93 -4.56 4.34 -0.39
CA ARG A 93 -5.08 4.23 -1.71
C ARG A 93 -4.91 5.55 -2.42
N GLU A 94 -4.15 5.52 -3.50
CA GLU A 94 -4.01 6.66 -4.35
C GLU A 94 -5.28 6.76 -5.19
N ARG A 95 -6.29 7.23 -4.55
CA ARG A 95 -7.59 7.46 -5.12
C ARG A 95 -7.57 8.69 -6.07
N PRO A 96 -7.15 9.89 -5.61
CA PRO A 96 -7.06 11.06 -6.47
C PRO A 96 -5.86 10.98 -7.43
N GLY A 97 -5.84 11.85 -8.41
CA GLY A 97 -4.78 11.85 -9.38
C GLY A 97 -4.45 13.22 -9.88
N GLU A 98 -3.90 14.06 -8.98
CA GLU A 98 -3.47 15.43 -9.25
C GLU A 98 -4.48 16.31 -9.99
N GLN A 99 -5.74 16.00 -9.87
CA GLN A 99 -6.77 16.78 -10.50
C GLN A 99 -7.34 17.78 -9.49
N SER A 100 -7.07 17.53 -8.22
CA SER A 100 -7.55 18.35 -7.14
C SER A 100 -6.73 19.63 -6.99
N GLU A 101 -7.35 20.60 -6.37
CA GLU A 101 -6.79 21.90 -6.05
C GLU A 101 -6.20 22.59 -7.28
N VAL A 102 -7.05 23.21 -8.04
CA VAL A 102 -6.66 23.96 -9.17
C VAL A 102 -6.98 25.42 -8.94
N ALA A 103 -6.04 26.26 -9.21
CA ALA A 103 -6.23 27.67 -9.01
C ALA A 103 -6.53 28.38 -10.30
N GLN A 104 -5.53 28.55 -11.10
CA GLN A 104 -5.66 29.26 -12.34
C GLN A 104 -4.60 28.81 -13.34
N LEU A 105 -5.01 27.94 -14.25
CA LEU A 105 -4.09 27.37 -15.22
C LEU A 105 -4.25 28.05 -16.55
N ILE A 106 -5.31 28.78 -16.67
CA ILE A 106 -5.62 29.48 -17.89
C ILE A 106 -4.96 30.85 -17.85
N GLN A 107 -5.34 31.62 -16.88
CA GLN A 107 -4.78 32.92 -16.68
C GLN A 107 -3.76 32.87 -15.55
N GLN A 108 -2.53 32.91 -15.91
CA GLN A 108 -1.46 32.91 -14.95
C GLN A 108 -0.91 34.31 -14.87
N THR A 109 -1.11 34.97 -13.77
CA THR A 109 -0.69 36.34 -13.64
C THR A 109 0.82 36.44 -13.35
N LEU A 110 1.31 35.57 -12.48
CA LEU A 110 2.72 35.58 -12.12
C LEU A 110 3.30 34.17 -12.15
N GLU A 111 2.42 33.18 -11.99
CA GLU A 111 2.76 31.76 -11.94
C GLU A 111 3.52 31.40 -10.67
N GLN A 112 2.99 30.48 -9.95
CA GLN A 112 3.63 29.95 -8.77
C GLN A 112 3.91 28.49 -9.07
N GLU A 113 2.89 27.68 -9.00
CA GLU A 113 2.90 26.32 -9.47
C GLU A 113 1.54 26.04 -10.04
N GLY A 1 -11.11 13.24 1.82
CA GLY A 1 -11.19 11.83 1.46
C GLY A 1 -10.59 11.57 0.10
N HIS A 2 -9.27 11.50 0.05
CA HIS A 2 -8.57 11.24 -1.20
C HIS A 2 -8.40 9.74 -1.35
N MET A 3 -7.77 9.15 -0.36
CA MET A 3 -7.55 7.74 -0.31
C MET A 3 -8.05 7.22 1.00
N GLU A 4 -8.45 5.98 1.02
CA GLU A 4 -8.93 5.35 2.20
C GLU A 4 -7.75 4.82 2.97
N LEU A 5 -7.44 5.44 4.07
CA LEU A 5 -6.40 4.96 4.95
C LEU A 5 -7.02 3.94 5.88
N PHE A 6 -7.00 2.73 5.46
CA PHE A 6 -7.56 1.66 6.24
C PHE A 6 -6.49 0.71 6.77
N PRO A 7 -6.67 0.21 7.99
CA PRO A 7 -5.76 -0.75 8.58
C PRO A 7 -5.95 -2.14 8.00
N VAL A 8 -4.87 -2.73 7.64
CA VAL A 8 -4.86 -4.04 7.09
C VAL A 8 -4.03 -4.95 7.96
N GLU A 9 -4.64 -5.99 8.45
CA GLU A 9 -3.93 -6.92 9.29
C GLU A 9 -3.88 -8.25 8.60
N LEU A 10 -2.70 -8.72 8.34
CA LEU A 10 -2.52 -10.00 7.72
C LEU A 10 -1.99 -10.99 8.70
N GLU A 11 -1.67 -12.13 8.21
CA GLU A 11 -1.09 -13.22 8.95
C GLU A 11 -0.42 -14.09 7.92
N LYS A 12 0.56 -14.85 8.30
CA LYS A 12 1.33 -15.59 7.35
C LYS A 12 0.71 -16.94 7.00
N ASP A 13 1.19 -17.49 5.91
CA ASP A 13 0.90 -18.84 5.44
C ASP A 13 2.23 -19.59 5.61
N SER A 14 2.32 -20.84 5.21
CA SER A 14 3.54 -21.61 5.34
C SER A 14 4.68 -21.01 4.49
N GLU A 15 4.33 -20.38 3.39
CA GLU A 15 5.32 -19.73 2.53
C GLU A 15 5.53 -18.29 2.99
N GLY A 16 4.66 -17.82 3.84
CA GLY A 16 4.75 -16.48 4.35
C GLY A 16 3.68 -15.60 3.81
N LEU A 17 4.06 -14.70 2.94
CA LEU A 17 3.13 -13.77 2.38
C LEU A 17 2.62 -14.29 1.03
N GLY A 18 1.66 -13.60 0.48
CA GLY A 18 1.09 -14.01 -0.79
C GLY A 18 0.90 -12.82 -1.65
N ILE A 19 1.96 -12.09 -1.83
CA ILE A 19 1.98 -10.82 -2.54
C ILE A 19 3.38 -10.55 -3.00
N SER A 20 3.53 -9.46 -3.60
CA SER A 20 4.78 -8.93 -4.03
C SER A 20 4.60 -7.44 -4.05
N ILE A 21 5.64 -6.69 -3.94
CA ILE A 21 5.55 -5.25 -3.88
C ILE A 21 6.26 -4.63 -5.08
N ILE A 22 5.91 -3.41 -5.40
CA ILE A 22 6.53 -2.71 -6.50
C ILE A 22 6.57 -1.21 -6.21
N GLY A 23 7.68 -0.60 -6.48
CA GLY A 23 7.81 0.80 -6.27
C GLY A 23 7.08 1.59 -7.33
N MET A 24 6.17 2.42 -6.90
CA MET A 24 5.48 3.32 -7.79
C MET A 24 5.64 4.68 -7.22
N GLY A 25 5.76 5.65 -8.07
CA GLY A 25 5.96 6.99 -7.64
C GLY A 25 6.86 7.67 -8.61
N ALA A 26 7.31 8.84 -8.29
CA ALA A 26 8.17 9.58 -9.15
C ALA A 26 9.26 10.25 -8.32
N GLY A 27 10.26 10.78 -8.98
CA GLY A 27 11.39 11.38 -8.32
C GLY A 27 11.10 12.73 -7.70
N ALA A 28 10.31 12.73 -6.67
CA ALA A 28 9.97 13.93 -5.94
C ALA A 28 10.83 14.01 -4.70
N ASP A 29 12.11 13.93 -4.94
CA ASP A 29 13.14 13.89 -3.93
C ASP A 29 13.53 15.30 -3.47
N MET A 30 12.66 16.23 -3.71
CA MET A 30 12.87 17.62 -3.38
C MET A 30 12.39 17.93 -1.95
N GLY A 31 12.35 16.89 -1.13
CA GLY A 31 11.89 17.05 0.23
C GLY A 31 10.47 16.55 0.39
N LEU A 32 10.13 15.49 -0.32
CA LEU A 32 8.78 14.97 -0.26
C LEU A 32 8.77 13.46 -0.26
N GLU A 33 8.99 12.89 -1.45
CA GLU A 33 9.01 11.45 -1.68
C GLU A 33 7.84 10.69 -1.07
N LYS A 34 6.62 11.22 -1.18
CA LYS A 34 5.48 10.50 -0.63
C LYS A 34 5.09 9.30 -1.46
N LEU A 35 5.73 8.22 -1.13
CA LEU A 35 5.56 6.93 -1.73
C LEU A 35 5.28 5.97 -0.59
N GLY A 36 5.26 4.71 -0.87
CA GLY A 36 5.11 3.73 0.18
C GLY A 36 5.32 2.35 -0.34
N ILE A 37 5.63 2.27 -1.64
CA ILE A 37 5.74 1.03 -2.37
C ILE A 37 4.36 0.33 -2.44
N PHE A 38 3.86 0.22 -3.64
CA PHE A 38 2.54 -0.32 -3.88
C PHE A 38 2.65 -1.83 -4.05
N VAL A 39 1.55 -2.49 -4.19
CA VAL A 39 1.55 -3.91 -4.39
C VAL A 39 1.77 -4.26 -5.86
N LYS A 40 2.51 -5.32 -6.07
CA LYS A 40 2.83 -5.79 -7.39
C LYS A 40 1.83 -6.86 -7.80
N THR A 41 1.58 -7.78 -6.91
CA THR A 41 0.69 -8.86 -7.17
C THR A 41 0.29 -9.47 -5.86
N VAL A 42 -0.65 -10.37 -5.91
CA VAL A 42 -1.15 -11.06 -4.78
C VAL A 42 -1.59 -12.46 -5.20
N THR A 43 -0.64 -13.37 -5.08
CA THR A 43 -0.75 -14.75 -5.47
C THR A 43 -1.89 -15.47 -4.73
N GLU A 44 -2.77 -16.14 -5.49
CA GLU A 44 -3.93 -16.83 -4.90
C GLU A 44 -3.54 -18.02 -4.05
N GLY A 45 -2.33 -18.48 -4.22
CA GLY A 45 -1.83 -19.56 -3.42
C GLY A 45 -1.22 -19.07 -2.12
N GLY A 46 -1.23 -17.76 -1.93
CA GLY A 46 -0.63 -17.19 -0.78
C GLY A 46 -1.64 -16.61 0.18
N ALA A 47 -1.14 -16.28 1.33
CA ALA A 47 -1.93 -15.81 2.46
C ALA A 47 -2.80 -14.61 2.14
N ALA A 48 -2.18 -13.55 1.62
CA ALA A 48 -2.86 -12.26 1.42
C ALA A 48 -4.12 -12.35 0.56
N HIS A 49 -4.08 -13.22 -0.42
CA HIS A 49 -5.18 -13.36 -1.35
C HIS A 49 -6.33 -14.11 -0.69
N ARG A 50 -6.00 -15.20 -0.02
CA ARG A 50 -6.98 -16.07 0.59
C ARG A 50 -7.56 -15.42 1.83
N ASP A 51 -6.72 -14.69 2.52
CA ASP A 51 -7.12 -13.98 3.71
C ASP A 51 -8.10 -12.89 3.31
N GLY A 52 -7.71 -12.10 2.33
CA GLY A 52 -8.54 -11.04 1.85
C GLY A 52 -8.19 -9.75 2.51
N ARG A 53 -6.92 -9.41 2.46
CA ARG A 53 -6.45 -8.21 3.07
C ARG A 53 -5.62 -7.34 2.14
N ILE A 54 -4.40 -7.74 1.84
CA ILE A 54 -3.60 -6.95 0.93
C ILE A 54 -4.03 -7.25 -0.50
N GLN A 55 -4.30 -6.23 -1.27
CA GLN A 55 -4.79 -6.37 -2.63
C GLN A 55 -3.77 -5.78 -3.59
N VAL A 56 -3.90 -6.12 -4.87
CA VAL A 56 -2.90 -5.79 -5.91
C VAL A 56 -2.60 -4.28 -6.12
N ASN A 57 -3.57 -3.42 -5.95
CA ASN A 57 -3.36 -2.01 -6.30
C ASN A 57 -3.19 -1.15 -5.08
N ASP A 58 -3.16 -1.76 -3.95
CA ASP A 58 -3.09 -1.03 -2.71
C ASP A 58 -1.68 -0.59 -2.39
N LEU A 59 -1.56 0.23 -1.39
CA LEU A 59 -0.30 0.83 -1.03
C LEU A 59 -0.04 0.70 0.43
N LEU A 60 1.16 0.28 0.76
CA LEU A 60 1.58 0.15 2.11
C LEU A 60 2.13 1.49 2.60
N VAL A 61 1.30 2.26 3.25
CA VAL A 61 1.70 3.54 3.78
C VAL A 61 2.59 3.38 4.99
N GLU A 62 2.26 2.43 5.79
CA GLU A 62 3.07 2.08 6.92
C GLU A 62 2.79 0.69 7.40
N VAL A 63 3.75 0.12 8.08
CA VAL A 63 3.62 -1.19 8.66
C VAL A 63 3.32 -0.95 10.15
N ASP A 64 3.10 -2.01 10.90
CA ASP A 64 2.68 -1.96 12.32
C ASP A 64 3.47 -0.97 13.17
N GLY A 65 4.77 -1.13 13.21
CA GLY A 65 5.57 -0.27 14.04
C GLY A 65 6.58 0.57 13.28
N THR A 66 6.29 0.88 12.03
CA THR A 66 7.20 1.70 11.23
C THR A 66 6.41 2.42 10.12
N SER A 67 6.51 3.72 10.09
CA SER A 67 5.78 4.51 9.15
C SER A 67 6.64 4.84 7.93
N LEU A 68 6.09 4.57 6.75
CA LEU A 68 6.75 4.82 5.50
C LEU A 68 6.38 6.20 5.00
N VAL A 69 7.37 7.01 4.75
CA VAL A 69 7.13 8.30 4.14
C VAL A 69 7.27 8.16 2.62
N GLY A 70 8.04 7.17 2.23
CA GLY A 70 8.35 6.95 0.86
C GLY A 70 9.70 6.35 0.73
N VAL A 71 9.78 5.10 1.05
CA VAL A 71 11.03 4.40 1.08
C VAL A 71 11.28 3.71 -0.25
N THR A 72 12.40 3.05 -0.36
CA THR A 72 12.71 2.28 -1.53
C THR A 72 12.01 0.93 -1.43
N GLN A 73 11.85 0.25 -2.54
CA GLN A 73 11.18 -1.04 -2.58
C GLN A 73 11.95 -2.06 -1.74
N SER A 74 13.27 -1.95 -1.75
CA SER A 74 14.12 -2.83 -0.97
C SER A 74 13.90 -2.58 0.53
N PHE A 75 13.75 -1.30 0.91
CA PHE A 75 13.53 -0.91 2.29
C PHE A 75 12.20 -1.46 2.76
N ALA A 76 11.18 -1.29 1.93
CA ALA A 76 9.85 -1.81 2.21
C ALA A 76 9.90 -3.32 2.42
N ALA A 77 10.58 -4.02 1.52
CA ALA A 77 10.73 -5.48 1.62
C ALA A 77 11.41 -5.85 2.94
N SER A 78 12.41 -5.09 3.31
CA SER A 78 13.15 -5.35 4.50
C SER A 78 12.31 -5.08 5.77
N VAL A 79 11.40 -4.11 5.72
CA VAL A 79 10.66 -3.76 6.92
C VAL A 79 9.57 -4.78 7.19
N LEU A 80 8.94 -5.21 6.11
CA LEU A 80 7.90 -6.23 6.15
C LEU A 80 8.46 -7.55 6.64
N ARG A 81 9.70 -7.82 6.29
CA ARG A 81 10.34 -9.05 6.71
C ARG A 81 11.00 -8.90 8.07
N ASN A 82 10.99 -7.69 8.59
CA ASN A 82 11.49 -7.42 9.90
C ASN A 82 10.37 -7.61 10.90
N THR A 83 9.18 -7.23 10.49
CA THR A 83 8.00 -7.39 11.28
C THR A 83 7.50 -8.83 11.24
N LYS A 84 6.50 -9.14 12.07
CA LYS A 84 5.90 -10.45 12.10
C LYS A 84 5.10 -10.74 10.83
N GLY A 85 4.42 -11.85 10.85
CA GLY A 85 3.56 -12.22 9.76
C GLY A 85 2.25 -11.50 9.92
N ARG A 86 1.91 -11.22 11.17
CA ARG A 86 0.75 -10.47 11.48
C ARG A 86 1.12 -9.10 11.92
N VAL A 87 0.80 -8.15 11.10
CA VAL A 87 1.03 -6.75 11.33
C VAL A 87 -0.06 -5.96 10.69
N ARG A 88 -0.32 -4.82 11.27
CA ARG A 88 -1.34 -3.92 10.79
C ARG A 88 -0.71 -2.82 10.00
N PHE A 89 -0.94 -2.84 8.75
CA PHE A 89 -0.41 -1.85 7.87
C PHE A 89 -1.50 -0.81 7.70
N MET A 90 -1.13 0.37 7.30
CA MET A 90 -2.12 1.33 6.92
C MET A 90 -2.04 1.48 5.43
N ILE A 91 -3.09 1.08 4.77
CA ILE A 91 -3.16 1.14 3.34
C ILE A 91 -3.86 2.41 2.94
N GLY A 92 -3.34 3.07 1.94
CA GLY A 92 -3.97 4.23 1.41
C GLY A 92 -4.25 4.04 -0.02
N ARG A 93 -5.46 3.73 -0.27
CA ARG A 93 -5.98 3.47 -1.59
C ARG A 93 -7.47 3.54 -1.55
N GLU A 94 -8.06 4.23 -2.48
CA GLU A 94 -9.46 4.16 -2.62
C GLU A 94 -9.73 3.19 -3.75
N ARG A 95 -9.88 1.95 -3.36
CA ARG A 95 -10.11 0.84 -4.28
C ARG A 95 -11.37 1.04 -5.15
N PRO A 96 -12.57 1.20 -4.55
CA PRO A 96 -13.77 1.52 -5.30
C PRO A 96 -13.91 3.01 -5.46
N GLY A 97 -15.01 3.43 -5.97
CA GLY A 97 -15.32 4.81 -6.00
C GLY A 97 -16.38 5.05 -4.98
N GLU A 98 -17.60 4.86 -5.36
CA GLU A 98 -18.70 4.93 -4.46
C GLU A 98 -19.34 3.54 -4.36
N GLN A 99 -18.71 2.71 -3.54
CA GLN A 99 -19.13 1.32 -3.34
C GLN A 99 -20.43 1.26 -2.52
N SER A 100 -21.23 0.22 -2.80
CA SER A 100 -22.49 -0.08 -2.18
C SER A 100 -23.59 0.99 -2.38
N GLU A 101 -24.82 0.52 -2.34
CA GLU A 101 -26.00 1.35 -2.63
C GLU A 101 -26.97 1.28 -1.45
N VAL A 102 -26.47 0.90 -0.30
CA VAL A 102 -27.33 0.64 0.84
C VAL A 102 -27.03 1.52 2.03
N ALA A 103 -28.03 2.18 2.47
CA ALA A 103 -27.96 2.96 3.67
C ALA A 103 -28.45 2.10 4.83
N GLN A 104 -29.74 1.94 4.91
CA GLN A 104 -30.35 1.09 5.92
C GLN A 104 -31.29 0.08 5.30
N LEU A 105 -31.07 -0.25 4.05
CA LEU A 105 -31.87 -1.27 3.37
C LEU A 105 -31.33 -2.65 3.74
N ILE A 106 -31.39 -2.93 4.99
CA ILE A 106 -30.95 -4.16 5.55
C ILE A 106 -32.09 -4.70 6.36
N GLN A 107 -32.49 -3.92 7.35
CA GLN A 107 -33.68 -4.22 8.12
C GLN A 107 -34.88 -3.91 7.25
N GLN A 108 -35.97 -4.48 7.59
CA GLN A 108 -37.20 -4.22 6.93
C GLN A 108 -38.25 -4.20 7.99
N THR A 109 -39.15 -3.27 7.91
CA THR A 109 -40.18 -3.20 8.88
C THR A 109 -41.18 -4.30 8.63
N LEU A 110 -41.38 -5.08 9.63
CA LEU A 110 -42.30 -6.15 9.55
C LEU A 110 -43.54 -5.76 10.34
N GLU A 111 -43.51 -4.53 10.77
CA GLU A 111 -44.59 -3.90 11.42
C GLU A 111 -45.22 -2.99 10.38
N GLN A 112 -45.79 -3.63 9.39
CA GLN A 112 -46.41 -2.97 8.29
C GLN A 112 -47.61 -3.78 7.87
N GLU A 113 -48.71 -3.42 8.42
CA GLU A 113 -49.94 -4.11 8.22
C GLU A 113 -50.95 -3.14 7.66
#